data_1O6A
# 
_entry.id   1O6A 
# 
_audit_conform.dict_name       mmcif_pdbx.dic 
_audit_conform.dict_version    5.399 
_audit_conform.dict_location   http://mmcif.pdb.org/dictionaries/ascii/mmcif_pdbx.dic 
# 
loop_
_database_2.database_id 
_database_2.database_code 
_database_2.pdbx_database_accession 
_database_2.pdbx_DOI 
PDB   1O6A         pdb_00001o6a 10.2210/pdb1o6a/pdb 
RCSB  RCSB001848   ?            ?                   
WWPDB D_1000001848 ?            ?                   
# 
loop_
_pdbx_audit_revision_history.ordinal 
_pdbx_audit_revision_history.data_content_type 
_pdbx_audit_revision_history.major_revision 
_pdbx_audit_revision_history.minor_revision 
_pdbx_audit_revision_history.revision_date 
1 'Structure model' 1 0 2003-11-11 
2 'Structure model' 1 1 2008-04-26 
3 'Structure model' 1 2 2011-07-13 
4 'Structure model' 1 3 2018-07-18 
5 'Structure model' 1 4 2023-12-27 
6 'Structure model' 1 5 2024-11-20 
# 
_pdbx_audit_revision_details.ordinal             1 
_pdbx_audit_revision_details.revision_ordinal    1 
_pdbx_audit_revision_details.data_content_type   'Structure model' 
_pdbx_audit_revision_details.provider            repository 
_pdbx_audit_revision_details.type                'Initial release' 
_pdbx_audit_revision_details.description         ? 
_pdbx_audit_revision_details.details             ? 
# 
loop_
_pdbx_audit_revision_group.ordinal 
_pdbx_audit_revision_group.revision_ordinal 
_pdbx_audit_revision_group.data_content_type 
_pdbx_audit_revision_group.group 
1  2 'Structure model' 'Version format compliance' 
2  3 'Structure model' Advisory                    
3  3 'Structure model' 'Version format compliance' 
4  4 'Structure model' 'Data collection'           
5  4 'Structure model' 'Database references'       
6  5 'Structure model' 'Data collection'           
7  5 'Structure model' 'Database references'       
8  5 'Structure model' 'Derived calculations'      
9  5 'Structure model' 'Refinement description'    
10 6 'Structure model' 'Structure summary'         
# 
loop_
_pdbx_audit_revision_category.ordinal 
_pdbx_audit_revision_category.revision_ordinal 
_pdbx_audit_revision_category.data_content_type 
_pdbx_audit_revision_category.category 
1 4 'Structure model' pdbx_database_related     
2 5 'Structure model' chem_comp_atom            
3 5 'Structure model' chem_comp_bond            
4 5 'Structure model' database_2                
5 5 'Structure model' struct_conn               
6 5 'Structure model' struct_ncs_dom_lim        
7 5 'Structure model' struct_ref_seq_dif        
8 6 'Structure model' pdbx_entry_details        
9 6 'Structure model' pdbx_modification_feature 
# 
loop_
_pdbx_audit_revision_item.ordinal 
_pdbx_audit_revision_item.revision_ordinal 
_pdbx_audit_revision_item.data_content_type 
_pdbx_audit_revision_item.item 
1 5 'Structure model' '_database_2.pdbx_DOI'                 
2 5 'Structure model' '_database_2.pdbx_database_accession'  
3 5 'Structure model' '_struct_conn.pdbx_leaving_atom_flag'  
4 5 'Structure model' '_struct_ncs_dom_lim.beg_auth_comp_id' 
5 5 'Structure model' '_struct_ncs_dom_lim.end_auth_comp_id' 
6 5 'Structure model' '_struct_ref_seq_dif.details'          
# 
_pdbx_database_status.entry_id                        1O6A 
_pdbx_database_status.status_code                     REL 
_pdbx_database_status.deposit_site                    RCSB 
_pdbx_database_status.process_site                    RCSB 
_pdbx_database_status.recvd_initial_deposition_date   2003-10-24 
_pdbx_database_status.SG_entry                        Y 
_pdbx_database_status.status_code_sf                  REL 
_pdbx_database_status.pdb_format_compatible           Y 
_pdbx_database_status.status_code_mr                  ? 
_pdbx_database_status.status_code_cs                  ? 
_pdbx_database_status.methods_development_category    ? 
_pdbx_database_status.status_code_nmr_data            ? 
# 
loop_
_pdbx_database_related.db_name 
_pdbx_database_related.db_id 
_pdbx_database_related.details 
_pdbx_database_related.content_type 
TargetDB 354150 . unspecified 
TargetDB 356088 . unspecified 
# 
_audit_author.name           'Joint Center for Structural Genomics (JCSG)' 
_audit_author.pdbx_ordinal   1 
# 
_citation.id                        primary 
_citation.title                     
;Crystal structure of the C-terminal fragment of the putative flagellar motor switch protein FliN (TM0680a) from Thermotoga maritima at 1.85 A resolution
;
_citation.journal_abbrev            'To be published' 
_citation.journal_volume            ? 
_citation.page_first                ? 
_citation.page_last                 ? 
_citation.year                      ? 
_citation.journal_id_ASTM           ? 
_citation.country                   ? 
_citation.journal_id_ISSN           ? 
_citation.journal_id_CSD            0353 
_citation.book_publisher            ? 
_citation.pdbx_database_id_PubMed   ? 
_citation.pdbx_database_id_DOI      ? 
# 
_citation_author.citation_id        primary 
_citation_author.name               'Joint Center for Structural Genomics (JCSG)' 
_citation_author.ordinal            1 
_citation_author.identifier_ORCID   ? 
# 
loop_
_entity.id 
_entity.type 
_entity.src_method 
_entity.pdbx_description 
_entity.formula_weight 
_entity.pdbx_number_of_molecules 
_entity.pdbx_ec 
_entity.pdbx_mutation 
_entity.pdbx_fragment 
_entity.details 
1 polymer man 'putative flagellar motor switch protein FliN' 10924.471 2   ? ? 'C-terminal fragment (residues 59-154)' 
'fusion protein, see remark 999' 
2 water   nat water                                          18.015    150 ? ? ?                                       ? 
# 
_entity_poly.entity_id                      1 
_entity_poly.type                           'polypeptide(L)' 
_entity_poly.nstd_linkage                   no 
_entity_poly.nstd_monomer                   yes 
_entity_poly.pdbx_seq_one_letter_code       
;SETRKTEVPSDKLELLLDIPLKVTVELGRTR(MSE)TLKRVLE(MSE)IHGSIIELDKLTGEPVDILVNGKLIARGEVVV
IDENFGVRITEIVSPKERLELLNE
;
_entity_poly.pdbx_seq_one_letter_code_can   
;SETRKTEVPSDKLELLLDIPLKVTVELGRTRMTLKRVLEMIHGSIIELDKLTGEPVDILVNGKLIARGEVVVIDENFGVR
ITEIVSPKERLELLNE
;
_entity_poly.pdbx_strand_id                 A,B 
_entity_poly.pdbx_target_identifier         354150,356088 
# 
_pdbx_entity_nonpoly.entity_id   2 
_pdbx_entity_nonpoly.name        water 
_pdbx_entity_nonpoly.comp_id     HOH 
# 
loop_
_entity_poly_seq.entity_id 
_entity_poly_seq.num 
_entity_poly_seq.mon_id 
_entity_poly_seq.hetero 
1 1  SER n 
1 2  GLU n 
1 3  THR n 
1 4  ARG n 
1 5  LYS n 
1 6  THR n 
1 7  GLU n 
1 8  VAL n 
1 9  PRO n 
1 10 SER n 
1 11 ASP n 
1 12 LYS n 
1 13 LEU n 
1 14 GLU n 
1 15 LEU n 
1 16 LEU n 
1 17 LEU n 
1 18 ASP n 
1 19 ILE n 
1 20 PRO n 
1 21 LEU n 
1 22 LYS n 
1 23 VAL n 
1 24 THR n 
1 25 VAL n 
1 26 GLU n 
1 27 LEU n 
1 28 GLY n 
1 29 ARG n 
1 30 THR n 
1 31 ARG n 
1 32 MSE n 
1 33 THR n 
1 34 LEU n 
1 35 LYS n 
1 36 ARG n 
1 37 VAL n 
1 38 LEU n 
1 39 GLU n 
1 40 MSE n 
1 41 ILE n 
1 42 HIS n 
1 43 GLY n 
1 44 SER n 
1 45 ILE n 
1 46 ILE n 
1 47 GLU n 
1 48 LEU n 
1 49 ASP n 
1 50 LYS n 
1 51 LEU n 
1 52 THR n 
1 53 GLY n 
1 54 GLU n 
1 55 PRO n 
1 56 VAL n 
1 57 ASP n 
1 58 ILE n 
1 59 LEU n 
1 60 VAL n 
1 61 ASN n 
1 62 GLY n 
1 63 LYS n 
1 64 LEU n 
1 65 ILE n 
1 66 ALA n 
1 67 ARG n 
1 68 GLY n 
1 69 GLU n 
1 70 VAL n 
1 71 VAL n 
1 72 VAL n 
1 73 ILE n 
1 74 ASP n 
1 75 GLU n 
1 76 ASN n 
1 77 PHE n 
1 78 GLY n 
1 79 VAL n 
1 80 ARG n 
1 81 ILE n 
1 82 THR n 
1 83 GLU n 
1 84 ILE n 
1 85 VAL n 
1 86 SER n 
1 87 PRO n 
1 88 LYS n 
1 89 GLU n 
1 90 ARG n 
1 91 LEU n 
1 92 GLU n 
1 93 LEU n 
1 94 LEU n 
1 95 ASN n 
1 96 GLU n 
# 
_entity_src_gen.entity_id                          1 
_entity_src_gen.pdbx_src_id                        1 
_entity_src_gen.pdbx_alt_source_flag               sample 
_entity_src_gen.pdbx_seq_type                      ? 
_entity_src_gen.pdbx_beg_seq_num                   ? 
_entity_src_gen.pdbx_end_seq_num                   ? 
_entity_src_gen.gene_src_common_name               ? 
_entity_src_gen.gene_src_genus                     Thermotoga 
_entity_src_gen.pdbx_gene_src_gene                 TM0680a 
_entity_src_gen.gene_src_species                   ? 
_entity_src_gen.gene_src_strain                    ? 
_entity_src_gen.gene_src_tissue                    ? 
_entity_src_gen.gene_src_tissue_fraction           ? 
_entity_src_gen.gene_src_details                   ? 
_entity_src_gen.pdbx_gene_src_fragment             ? 
_entity_src_gen.pdbx_gene_src_scientific_name      'Thermotoga maritima' 
_entity_src_gen.pdbx_gene_src_ncbi_taxonomy_id     2336 
_entity_src_gen.pdbx_gene_src_variant              ? 
_entity_src_gen.pdbx_gene_src_cell_line            ? 
_entity_src_gen.pdbx_gene_src_atcc                 ? 
_entity_src_gen.pdbx_gene_src_organ                ? 
_entity_src_gen.pdbx_gene_src_organelle            ? 
_entity_src_gen.pdbx_gene_src_cell                 ? 
_entity_src_gen.pdbx_gene_src_cellular_location    ? 
_entity_src_gen.host_org_common_name               ? 
_entity_src_gen.pdbx_host_org_scientific_name      'Escherichia coli' 
_entity_src_gen.pdbx_host_org_ncbi_taxonomy_id     562 
_entity_src_gen.host_org_genus                     Escherichia 
_entity_src_gen.pdbx_host_org_gene                 ? 
_entity_src_gen.pdbx_host_org_organ                ? 
_entity_src_gen.host_org_species                   ? 
_entity_src_gen.pdbx_host_org_tissue               ? 
_entity_src_gen.pdbx_host_org_tissue_fraction      ? 
_entity_src_gen.pdbx_host_org_strain               ? 
_entity_src_gen.pdbx_host_org_variant              ? 
_entity_src_gen.pdbx_host_org_cell_line            ? 
_entity_src_gen.pdbx_host_org_atcc                 ? 
_entity_src_gen.pdbx_host_org_culture_collection   ? 
_entity_src_gen.pdbx_host_org_cell                 ? 
_entity_src_gen.pdbx_host_org_organelle            ? 
_entity_src_gen.pdbx_host_org_cellular_location    ? 
_entity_src_gen.pdbx_host_org_vector_type          Plasmid 
_entity_src_gen.pdbx_host_org_vector               ? 
_entity_src_gen.host_org_details                   ? 
_entity_src_gen.expression_system_id               ? 
_entity_src_gen.plasmid_name                       ? 
_entity_src_gen.plasmid_details                    ? 
_entity_src_gen.pdbx_description                   ? 
# 
loop_
_chem_comp.id 
_chem_comp.type 
_chem_comp.mon_nstd_flag 
_chem_comp.name 
_chem_comp.pdbx_synonyms 
_chem_comp.formula 
_chem_comp.formula_weight 
ALA 'L-peptide linking' y ALANINE          ? 'C3 H7 N O2'     89.093  
ARG 'L-peptide linking' y ARGININE         ? 'C6 H15 N4 O2 1' 175.209 
ASN 'L-peptide linking' y ASPARAGINE       ? 'C4 H8 N2 O3'    132.118 
ASP 'L-peptide linking' y 'ASPARTIC ACID'  ? 'C4 H7 N O4'     133.103 
GLU 'L-peptide linking' y 'GLUTAMIC ACID'  ? 'C5 H9 N O4'     147.129 
GLY 'peptide linking'   y GLYCINE          ? 'C2 H5 N O2'     75.067  
HIS 'L-peptide linking' y HISTIDINE        ? 'C6 H10 N3 O2 1' 156.162 
HOH non-polymer         . WATER            ? 'H2 O'           18.015  
ILE 'L-peptide linking' y ISOLEUCINE       ? 'C6 H13 N O2'    131.173 
LEU 'L-peptide linking' y LEUCINE          ? 'C6 H13 N O2'    131.173 
LYS 'L-peptide linking' y LYSINE           ? 'C6 H15 N2 O2 1' 147.195 
MET 'L-peptide linking' y METHIONINE       ? 'C5 H11 N O2 S'  149.211 
MSE 'L-peptide linking' n SELENOMETHIONINE ? 'C5 H11 N O2 Se' 196.106 
PHE 'L-peptide linking' y PHENYLALANINE    ? 'C9 H11 N O2'    165.189 
PRO 'L-peptide linking' y PROLINE          ? 'C5 H9 N O2'     115.130 
SER 'L-peptide linking' y SERINE           ? 'C3 H7 N O3'     105.093 
THR 'L-peptide linking' y THREONINE        ? 'C4 H9 N O3'     119.119 
VAL 'L-peptide linking' y VALINE           ? 'C5 H11 N O2'    117.146 
# 
loop_
_pdbx_poly_seq_scheme.asym_id 
_pdbx_poly_seq_scheme.entity_id 
_pdbx_poly_seq_scheme.seq_id 
_pdbx_poly_seq_scheme.mon_id 
_pdbx_poly_seq_scheme.ndb_seq_num 
_pdbx_poly_seq_scheme.pdb_seq_num 
_pdbx_poly_seq_scheme.auth_seq_num 
_pdbx_poly_seq_scheme.pdb_mon_id 
_pdbx_poly_seq_scheme.auth_mon_id 
_pdbx_poly_seq_scheme.pdb_strand_id 
_pdbx_poly_seq_scheme.pdb_ins_code 
_pdbx_poly_seq_scheme.hetero 
A 1 1  SER 1  59  ?   ?   ?   A . n 
A 1 2  GLU 2  60  ?   ?   ?   A . n 
A 1 3  THR 3  61  ?   ?   ?   A . n 
A 1 4  ARG 4  62  ?   ?   ?   A . n 
A 1 5  LYS 5  63  ?   ?   ?   A . n 
A 1 6  THR 6  64  ?   ?   ?   A . n 
A 1 7  GLU 7  65  ?   ?   ?   A . n 
A 1 8  VAL 8  66  ?   ?   ?   A . n 
A 1 9  PRO 9  67  ?   ?   ?   A . n 
A 1 10 SER 10 68  68  SER SER A . n 
A 1 11 ASP 11 69  69  ASP ASP A . n 
A 1 12 LYS 12 70  70  LYS LYS A . n 
A 1 13 LEU 13 71  71  LEU LEU A . n 
A 1 14 GLU 14 72  72  GLU GLU A . n 
A 1 15 LEU 15 73  73  LEU LEU A . n 
A 1 16 LEU 16 74  74  LEU LEU A . n 
A 1 17 LEU 17 75  75  LEU LEU A . n 
A 1 18 ASP 18 76  76  ASP ASP A . n 
A 1 19 ILE 19 77  77  ILE ILE A . n 
A 1 20 PRO 20 78  78  PRO PRO A . n 
A 1 21 LEU 21 79  79  LEU LEU A . n 
A 1 22 LYS 22 80  80  LYS LYS A . n 
A 1 23 VAL 23 81  81  VAL VAL A . n 
A 1 24 THR 24 82  82  THR THR A . n 
A 1 25 VAL 25 83  83  VAL VAL A . n 
A 1 26 GLU 26 84  84  GLU GLU A . n 
A 1 27 LEU 27 85  85  LEU LEU A . n 
A 1 28 GLY 28 86  86  GLY GLY A . n 
A 1 29 ARG 29 87  87  ARG ARG A . n 
A 1 30 THR 30 88  88  THR THR A . n 
A 1 31 ARG 31 89  89  ARG ARG A . n 
A 1 32 MSE 32 90  90  MSE MSE A . n 
A 1 33 THR 33 91  91  THR THR A . n 
A 1 34 LEU 34 92  92  LEU LEU A . n 
A 1 35 LYS 35 93  93  LYS LYS A . n 
A 1 36 ARG 36 94  94  ARG ARG A . n 
A 1 37 VAL 37 95  95  VAL VAL A . n 
A 1 38 LEU 38 96  96  LEU LEU A . n 
A 1 39 GLU 39 97  97  GLU GLU A . n 
A 1 40 MSE 40 98  98  MSE MSE A . n 
A 1 41 ILE 41 99  99  ILE ILE A . n 
A 1 42 HIS 42 100 100 HIS HIS A . n 
A 1 43 GLY 43 101 101 GLY GLY A . n 
A 1 44 SER 44 102 102 SER SER A . n 
A 1 45 ILE 45 103 103 ILE ILE A . n 
A 1 46 ILE 46 104 104 ILE ILE A . n 
A 1 47 GLU 47 105 105 GLU GLU A . n 
A 1 48 LEU 48 106 106 LEU LEU A . n 
A 1 49 ASP 49 107 107 ASP ASP A . n 
A 1 50 LYS 50 108 108 LYS LYS A . n 
A 1 51 LEU 51 109 109 LEU LEU A . n 
A 1 52 THR 52 110 110 THR THR A . n 
A 1 53 GLY 53 111 111 GLY GLY A . n 
A 1 54 GLU 54 112 112 GLU GLU A . n 
A 1 55 PRO 55 113 113 PRO PRO A . n 
A 1 56 VAL 56 114 114 VAL VAL A . n 
A 1 57 ASP 57 115 115 ASP ASP A . n 
A 1 58 ILE 58 116 116 ILE ILE A . n 
A 1 59 LEU 59 117 117 LEU LEU A . n 
A 1 60 VAL 60 118 118 VAL VAL A . n 
A 1 61 ASN 61 119 119 ASN ASN A . n 
A 1 62 GLY 62 120 120 GLY GLY A . n 
A 1 63 LYS 63 121 121 LYS LYS A . n 
A 1 64 LEU 64 122 122 LEU LEU A . n 
A 1 65 ILE 65 123 123 ILE ILE A . n 
A 1 66 ALA 66 124 124 ALA ALA A . n 
A 1 67 ARG 67 125 125 ARG ARG A . n 
A 1 68 GLY 68 126 126 GLY GLY A . n 
A 1 69 GLU 69 127 127 GLU GLU A . n 
A 1 70 VAL 70 128 128 VAL VAL A . n 
A 1 71 VAL 71 129 129 VAL VAL A . n 
A 1 72 VAL 72 130 130 VAL VAL A . n 
A 1 73 ILE 73 131 131 ILE ILE A . n 
A 1 74 ASP 74 132 132 ASP ASP A . n 
A 1 75 GLU 75 133 133 GLU GLU A . n 
A 1 76 ASN 76 134 134 ASN ASN A . n 
A 1 77 PHE 77 135 135 PHE PHE A . n 
A 1 78 GLY 78 136 136 GLY GLY A . n 
A 1 79 VAL 79 137 137 VAL VAL A . n 
A 1 80 ARG 80 138 138 ARG ARG A . n 
A 1 81 ILE 81 139 139 ILE ILE A . n 
A 1 82 THR 82 140 140 THR THR A . n 
A 1 83 GLU 83 141 141 GLU GLU A . n 
A 1 84 ILE 84 142 142 ILE ILE A . n 
A 1 85 VAL 85 143 143 VAL VAL A . n 
A 1 86 SER 86 144 144 SER SER A . n 
A 1 87 PRO 87 145 145 PRO PRO A . n 
A 1 88 LYS 88 146 146 LYS LYS A . n 
A 1 89 GLU 89 147 147 GLU GLU A . n 
A 1 90 ARG 90 148 148 ARG ARG A . n 
A 1 91 LEU 91 149 149 LEU LEU A . n 
A 1 92 GLU 92 150 150 GLU GLU A . n 
A 1 93 LEU 93 151 151 LEU LEU A . n 
A 1 94 LEU 94 152 152 LEU LEU A . n 
A 1 95 ASN 95 153 153 ASN ASN A . n 
A 1 96 GLU 96 154 154 GLU GLU A . n 
B 1 1  SER 1  59  ?   ?   ?   B . n 
B 1 2  GLU 2  60  ?   ?   ?   B . n 
B 1 3  THR 3  61  ?   ?   ?   B . n 
B 1 4  ARG 4  62  ?   ?   ?   B . n 
B 1 5  LYS 5  63  ?   ?   ?   B . n 
B 1 6  THR 6  64  ?   ?   ?   B . n 
B 1 7  GLU 7  65  ?   ?   ?   B . n 
B 1 8  VAL 8  66  ?   ?   ?   B . n 
B 1 9  PRO 9  67  ?   ?   ?   B . n 
B 1 10 SER 10 68  ?   ?   ?   B . n 
B 1 11 ASP 11 69  ?   ?   ?   B . n 
B 1 12 LYS 12 70  ?   ?   ?   B . n 
B 1 13 LEU 13 71  ?   ?   ?   B . n 
B 1 14 GLU 14 72  ?   ?   ?   B . n 
B 1 15 LEU 15 73  ?   ?   ?   B . n 
B 1 16 LEU 16 74  74  LEU LEU B . n 
B 1 17 LEU 17 75  75  LEU LEU B . n 
B 1 18 ASP 18 76  76  ASP ASP B . n 
B 1 19 ILE 19 77  77  ILE ILE B . n 
B 1 20 PRO 20 78  78  PRO PRO B . n 
B 1 21 LEU 21 79  79  LEU LEU B . n 
B 1 22 LYS 22 80  80  LYS LYS B . n 
B 1 23 VAL 23 81  81  VAL VAL B . n 
B 1 24 THR 24 82  82  THR THR B . n 
B 1 25 VAL 25 83  83  VAL VAL B . n 
B 1 26 GLU 26 84  84  GLU GLU B . n 
B 1 27 LEU 27 85  85  LEU LEU B . n 
B 1 28 GLY 28 86  86  GLY GLY B . n 
B 1 29 ARG 29 87  87  ARG ARG B . n 
B 1 30 THR 30 88  88  THR THR B . n 
B 1 31 ARG 31 89  89  ARG ARG B . n 
B 1 32 MSE 32 90  90  MSE MSE B . n 
B 1 33 THR 33 91  91  THR THR B . n 
B 1 34 LEU 34 92  92  LEU LEU B . n 
B 1 35 LYS 35 93  93  LYS LYS B . n 
B 1 36 ARG 36 94  94  ARG ARG B . n 
B 1 37 VAL 37 95  95  VAL VAL B . n 
B 1 38 LEU 38 96  96  LEU LEU B . n 
B 1 39 GLU 39 97  97  GLU GLU B . n 
B 1 40 MSE 40 98  98  MSE MSE B . n 
B 1 41 ILE 41 99  99  ILE ILE B . n 
B 1 42 HIS 42 100 100 HIS HIS B . n 
B 1 43 GLY 43 101 101 GLY GLY B . n 
B 1 44 SER 44 102 102 SER SER B . n 
B 1 45 ILE 45 103 103 ILE ILE B . n 
B 1 46 ILE 46 104 104 ILE ILE B . n 
B 1 47 GLU 47 105 105 GLU GLU B . n 
B 1 48 LEU 48 106 106 LEU LEU B . n 
B 1 49 ASP 49 107 107 ASP ASP B . n 
B 1 50 LYS 50 108 108 LYS LYS B . n 
B 1 51 LEU 51 109 109 LEU LEU B . n 
B 1 52 THR 52 110 110 THR THR B . n 
B 1 53 GLY 53 111 111 GLY GLY B . n 
B 1 54 GLU 54 112 112 GLU GLU B . n 
B 1 55 PRO 55 113 113 PRO PRO B . n 
B 1 56 VAL 56 114 114 VAL VAL B . n 
B 1 57 ASP 57 115 115 ASP ASP B . n 
B 1 58 ILE 58 116 116 ILE ILE B . n 
B 1 59 LEU 59 117 117 LEU LEU B . n 
B 1 60 VAL 60 118 118 VAL VAL B . n 
B 1 61 ASN 61 119 119 ASN ASN B . n 
B 1 62 GLY 62 120 120 GLY GLY B . n 
B 1 63 LYS 63 121 121 LYS LYS B . n 
B 1 64 LEU 64 122 122 LEU LEU B . n 
B 1 65 ILE 65 123 123 ILE ILE B . n 
B 1 66 ALA 66 124 124 ALA ALA B . n 
B 1 67 ARG 67 125 125 ARG ARG B . n 
B 1 68 GLY 68 126 126 GLY GLY B . n 
B 1 69 GLU 69 127 127 GLU GLU B . n 
B 1 70 VAL 70 128 128 VAL VAL B . n 
B 1 71 VAL 71 129 129 VAL VAL B . n 
B 1 72 VAL 72 130 130 VAL VAL B . n 
B 1 73 ILE 73 131 131 ILE ILE B . n 
B 1 74 ASP 74 132 132 ASP ASP B . n 
B 1 75 GLU 75 133 133 GLU GLU B . n 
B 1 76 ASN 76 134 134 ASN ASN B . n 
B 1 77 PHE 77 135 135 PHE PHE B . n 
B 1 78 GLY 78 136 136 GLY GLY B . n 
B 1 79 VAL 79 137 137 VAL VAL B . n 
B 1 80 ARG 80 138 138 ARG ARG B . n 
B 1 81 ILE 81 139 139 ILE ILE B . n 
B 1 82 THR 82 140 140 THR THR B . n 
B 1 83 GLU 83 141 141 GLU GLU B . n 
B 1 84 ILE 84 142 142 ILE ILE B . n 
B 1 85 VAL 85 143 143 VAL VAL B . n 
B 1 86 SER 86 144 144 SER SER B . n 
B 1 87 PRO 87 145 145 PRO PRO B . n 
B 1 88 LYS 88 146 146 LYS LYS B . n 
B 1 89 GLU 89 147 147 GLU GLU B . n 
B 1 90 ARG 90 148 148 ARG ARG B . n 
B 1 91 LEU 91 149 149 LEU LEU B . n 
B 1 92 GLU 92 150 150 GLU GLU B . n 
B 1 93 LEU 93 151 151 LEU LEU B . n 
B 1 94 LEU 94 152 152 LEU LEU B . n 
B 1 95 ASN 95 153 153 ASN ASN B . n 
B 1 96 GLU 96 154 154 GLU GLU B . n 
# 
loop_
_pdbx_nonpoly_scheme.asym_id 
_pdbx_nonpoly_scheme.entity_id 
_pdbx_nonpoly_scheme.mon_id 
_pdbx_nonpoly_scheme.ndb_seq_num 
_pdbx_nonpoly_scheme.pdb_seq_num 
_pdbx_nonpoly_scheme.auth_seq_num 
_pdbx_nonpoly_scheme.pdb_mon_id 
_pdbx_nonpoly_scheme.auth_mon_id 
_pdbx_nonpoly_scheme.pdb_strand_id 
_pdbx_nonpoly_scheme.pdb_ins_code 
C 2 HOH 1  155 1   HOH HOH A . 
C 2 HOH 2  156 2   HOH HOH A . 
C 2 HOH 3  157 3   HOH HOH A . 
C 2 HOH 4  158 4   HOH HOH A . 
C 2 HOH 5  159 5   HOH HOH A . 
C 2 HOH 6  160 6   HOH HOH A . 
C 2 HOH 7  161 7   HOH HOH A . 
C 2 HOH 8  162 9   HOH HOH A . 
C 2 HOH 9  163 12  HOH HOH A . 
C 2 HOH 10 164 15  HOH HOH A . 
C 2 HOH 11 165 16  HOH HOH A . 
C 2 HOH 12 166 21  HOH HOH A . 
C 2 HOH 13 167 23  HOH HOH A . 
C 2 HOH 14 168 24  HOH HOH A . 
C 2 HOH 15 169 25  HOH HOH A . 
C 2 HOH 16 170 26  HOH HOH A . 
C 2 HOH 17 171 29  HOH HOH A . 
C 2 HOH 18 172 31  HOH HOH A . 
C 2 HOH 19 173 34  HOH HOH A . 
C 2 HOH 20 174 36  HOH HOH A . 
C 2 HOH 21 175 37  HOH HOH A . 
C 2 HOH 22 176 38  HOH HOH A . 
C 2 HOH 23 177 39  HOH HOH A . 
C 2 HOH 24 178 40  HOH HOH A . 
C 2 HOH 25 179 41  HOH HOH A . 
C 2 HOH 26 180 42  HOH HOH A . 
C 2 HOH 27 181 48  HOH HOH A . 
C 2 HOH 28 182 49  HOH HOH A . 
C 2 HOH 29 183 53  HOH HOH A . 
C 2 HOH 30 184 55  HOH HOH A . 
C 2 HOH 31 185 59  HOH HOH A . 
C 2 HOH 32 186 60  HOH HOH A . 
C 2 HOH 33 187 61  HOH HOH A . 
C 2 HOH 34 188 65  HOH HOH A . 
C 2 HOH 35 189 67  HOH HOH A . 
C 2 HOH 36 190 69  HOH HOH A . 
C 2 HOH 37 191 74  HOH HOH A . 
C 2 HOH 38 192 75  HOH HOH A . 
C 2 HOH 39 193 76  HOH HOH A . 
C 2 HOH 40 194 77  HOH HOH A . 
C 2 HOH 41 195 78  HOH HOH A . 
C 2 HOH 42 196 79  HOH HOH A . 
C 2 HOH 43 197 81  HOH HOH A . 
C 2 HOH 44 198 82  HOH HOH A . 
C 2 HOH 45 199 83  HOH HOH A . 
C 2 HOH 46 200 84  HOH HOH A . 
C 2 HOH 47 201 85  HOH HOH A . 
C 2 HOH 48 202 86  HOH HOH A . 
C 2 HOH 49 203 87  HOH HOH A . 
C 2 HOH 50 204 88  HOH HOH A . 
C 2 HOH 51 205 90  HOH HOH A . 
C 2 HOH 52 206 94  HOH HOH A . 
C 2 HOH 53 207 96  HOH HOH A . 
C 2 HOH 54 208 97  HOH HOH A . 
C 2 HOH 55 209 98  HOH HOH A . 
C 2 HOH 56 210 100 HOH HOH A . 
C 2 HOH 57 211 102 HOH HOH A . 
C 2 HOH 58 212 104 HOH HOH A . 
C 2 HOH 59 213 106 HOH HOH A . 
C 2 HOH 60 214 107 HOH HOH A . 
C 2 HOH 61 215 108 HOH HOH A . 
C 2 HOH 62 216 109 HOH HOH A . 
C 2 HOH 63 217 112 HOH HOH A . 
C 2 HOH 64 218 113 HOH HOH A . 
C 2 HOH 65 219 115 HOH HOH A . 
C 2 HOH 66 220 117 HOH HOH A . 
C 2 HOH 67 221 118 HOH HOH A . 
C 2 HOH 68 222 120 HOH HOH A . 
C 2 HOH 69 223 123 HOH HOH A . 
C 2 HOH 70 224 126 HOH HOH A . 
C 2 HOH 71 225 127 HOH HOH A . 
C 2 HOH 72 226 131 HOH HOH A . 
C 2 HOH 73 227 132 HOH HOH A . 
C 2 HOH 74 228 134 HOH HOH A . 
C 2 HOH 75 229 136 HOH HOH A . 
C 2 HOH 76 230 139 HOH HOH A . 
C 2 HOH 77 231 145 HOH HOH A . 
D 2 HOH 1  155 8   HOH HOH B . 
D 2 HOH 2  156 10  HOH HOH B . 
D 2 HOH 3  157 11  HOH HOH B . 
D 2 HOH 4  158 13  HOH HOH B . 
D 2 HOH 5  159 14  HOH HOH B . 
D 2 HOH 6  160 17  HOH HOH B . 
D 2 HOH 7  161 18  HOH HOH B . 
D 2 HOH 8  162 19  HOH HOH B . 
D 2 HOH 9  163 20  HOH HOH B . 
D 2 HOH 10 164 22  HOH HOH B . 
D 2 HOH 11 165 27  HOH HOH B . 
D 2 HOH 12 166 28  HOH HOH B . 
D 2 HOH 13 167 30  HOH HOH B . 
D 2 HOH 14 168 32  HOH HOH B . 
D 2 HOH 15 169 33  HOH HOH B . 
D 2 HOH 16 170 35  HOH HOH B . 
D 2 HOH 17 171 43  HOH HOH B . 
D 2 HOH 18 172 44  HOH HOH B . 
D 2 HOH 19 173 45  HOH HOH B . 
D 2 HOH 20 174 46  HOH HOH B . 
D 2 HOH 21 175 47  HOH HOH B . 
D 2 HOH 22 176 50  HOH HOH B . 
D 2 HOH 23 177 51  HOH HOH B . 
D 2 HOH 24 178 52  HOH HOH B . 
D 2 HOH 25 179 54  HOH HOH B . 
D 2 HOH 26 180 56  HOH HOH B . 
D 2 HOH 27 181 57  HOH HOH B . 
D 2 HOH 28 182 58  HOH HOH B . 
D 2 HOH 29 183 62  HOH HOH B . 
D 2 HOH 30 184 63  HOH HOH B . 
D 2 HOH 31 185 64  HOH HOH B . 
D 2 HOH 32 186 66  HOH HOH B . 
D 2 HOH 33 187 68  HOH HOH B . 
D 2 HOH 34 188 70  HOH HOH B . 
D 2 HOH 35 189 71  HOH HOH B . 
D 2 HOH 36 190 72  HOH HOH B . 
D 2 HOH 37 191 73  HOH HOH B . 
D 2 HOH 38 192 80  HOH HOH B . 
D 2 HOH 39 193 89  HOH HOH B . 
D 2 HOH 40 194 91  HOH HOH B . 
D 2 HOH 41 195 92  HOH HOH B . 
D 2 HOH 42 196 93  HOH HOH B . 
D 2 HOH 43 197 95  HOH HOH B . 
D 2 HOH 44 198 99  HOH HOH B . 
D 2 HOH 45 199 101 HOH HOH B . 
D 2 HOH 46 200 103 HOH HOH B . 
D 2 HOH 47 201 105 HOH HOH B . 
D 2 HOH 48 202 110 HOH HOH B . 
D 2 HOH 49 203 111 HOH HOH B . 
D 2 HOH 50 204 114 HOH HOH B . 
D 2 HOH 51 205 116 HOH HOH B . 
D 2 HOH 52 206 119 HOH HOH B . 
D 2 HOH 53 207 121 HOH HOH B . 
D 2 HOH 54 208 122 HOH HOH B . 
D 2 HOH 55 209 124 HOH HOH B . 
D 2 HOH 56 210 125 HOH HOH B . 
D 2 HOH 57 211 128 HOH HOH B . 
D 2 HOH 58 212 129 HOH HOH B . 
D 2 HOH 59 213 130 HOH HOH B . 
D 2 HOH 60 214 133 HOH HOH B . 
D 2 HOH 61 215 135 HOH HOH B . 
D 2 HOH 62 216 137 HOH HOH B . 
D 2 HOH 63 217 138 HOH HOH B . 
D 2 HOH 64 218 140 HOH HOH B . 
D 2 HOH 65 219 141 HOH HOH B . 
D 2 HOH 66 220 142 HOH HOH B . 
D 2 HOH 67 221 143 HOH HOH B . 
D 2 HOH 68 222 144 HOH HOH B . 
D 2 HOH 69 223 146 HOH HOH B . 
D 2 HOH 70 224 147 HOH HOH B . 
D 2 HOH 71 225 148 HOH HOH B . 
D 2 HOH 72 226 149 HOH HOH B . 
D 2 HOH 73 227 150 HOH HOH B . 
# 
loop_
_pdbx_unobs_or_zero_occ_atoms.id 
_pdbx_unobs_or_zero_occ_atoms.PDB_model_num 
_pdbx_unobs_or_zero_occ_atoms.polymer_flag 
_pdbx_unobs_or_zero_occ_atoms.occupancy_flag 
_pdbx_unobs_or_zero_occ_atoms.auth_asym_id 
_pdbx_unobs_or_zero_occ_atoms.auth_comp_id 
_pdbx_unobs_or_zero_occ_atoms.auth_seq_id 
_pdbx_unobs_or_zero_occ_atoms.PDB_ins_code 
_pdbx_unobs_or_zero_occ_atoms.auth_atom_id 
_pdbx_unobs_or_zero_occ_atoms.label_alt_id 
_pdbx_unobs_or_zero_occ_atoms.label_asym_id 
_pdbx_unobs_or_zero_occ_atoms.label_comp_id 
_pdbx_unobs_or_zero_occ_atoms.label_seq_id 
_pdbx_unobs_or_zero_occ_atoms.label_atom_id 
1 1 Y 1 B ASN 153 ? OD1 ? B ASN 95 OD1 
2 1 Y 1 B ASN 153 ? ND2 ? B ASN 95 ND2 
# 
loop_
_software.name 
_software.classification 
_software.version 
_software.citation_id 
_software.pdbx_ordinal 
MOSFLM  'data reduction' .         ? 1 
SCALA   'data scaling'   '4.2)'    ? 2 
SOLVE   phasing          .         ? 3 
RESOLVE 'model building' .         ? 4 
REFMAC  refinement       5.1.24    ? 5 
CCP4    'data scaling'   '(SCALA)' ? 6 
RESOLVE phasing          .         ? 7 
# 
_cell.length_a           61.481 
_cell.length_b           61.481 
_cell.length_c           113.148 
_cell.angle_alpha        90.00 
_cell.angle_beta         90.00 
_cell.angle_gamma        90.00 
_cell.entry_id           1O6A 
_cell.pdbx_unique_axis   ? 
_cell.Z_PDB              16 
# 
_symmetry.space_group_name_H-M             'P 41 21 2' 
_symmetry.entry_id                         1O6A 
_symmetry.pdbx_full_space_group_name_H-M   ? 
_symmetry.Int_Tables_number                92 
_symmetry.cell_setting                     ? 
# 
_exptl.crystals_number   1 
_exptl.method            'X-RAY DIFFRACTION' 
_exptl.entry_id          1O6A 
# 
_exptl_crystal.id                    1 
_exptl_crystal.density_percent_sol   50.33 
_exptl_crystal.density_Matthews      2.50 
_exptl_crystal.density_meas          ? 
_exptl_crystal.description           ? 
# 
_exptl_crystal_grow.crystal_id      1 
_exptl_crystal_grow.method          'VAPOR DIFFUSION,SITTING DROP,NANODROP' 
_exptl_crystal_grow.pH              9.0 
_exptl_crystal_grow.temp            273 
_exptl_crystal_grow.pdbx_details    
'65% (+/-)-2-Methyl-2,4-Pentanediol, 0.1 M Bicine pH 9.0 , VAPOR DIFFUSION,SITTING DROP,NANODROP, temperature 273K' 
_exptl_crystal_grow.temp_details    ? 
_exptl_crystal_grow.pdbx_pH_range   . 
# 
_diffrn.id                     1 
_diffrn.ambient_temp           100 
_diffrn.ambient_temp_details   ? 
_diffrn.crystal_id             1 
# 
_diffrn_detector.diffrn_id              1 
_diffrn_detector.detector               CCD 
_diffrn_detector.type                   ADSC 
_diffrn_detector.details                ? 
_diffrn_detector.pdbx_collection_date   2003-06-23 
# 
_diffrn_radiation.diffrn_id                        1 
_diffrn_radiation.pdbx_monochromatic_or_laue_m_l   M 
_diffrn_radiation.monochromator                    'Double Crystal Si(111)' 
_diffrn_radiation.pdbx_diffrn_protocol             MAD 
_diffrn_radiation.wavelength_id                    1 
_diffrn_radiation.pdbx_scattering_type             x-ray 
# 
loop_
_diffrn_radiation_wavelength.id 
_diffrn_radiation_wavelength.wavelength 
_diffrn_radiation_wavelength.wt 
1 1.019943 1.0 
2 0.979764 1.0 
3 0.979570 1.0 
# 
_diffrn_source.diffrn_id                   1 
_diffrn_source.source                      SYNCHROTRON 
_diffrn_source.pdbx_synchrotron_site       ALS 
_diffrn_source.pdbx_synchrotron_beamline   8.3.1 
_diffrn_source.type                        'ALS BEAMLINE 8.3.1' 
_diffrn_source.pdbx_wavelength_list        '1.019943, 0.979764, 0.979570' 
_diffrn_source.pdbx_wavelength             ? 
# 
_reflns.observed_criterion_sigma_F   ? 
_reflns.observed_criterion_sigma_I   ? 
_reflns.d_resolution_high            1.850 
_reflns.d_resolution_low             56.57 
_reflns.number_all                   19259 
_reflns.number_obs                   19259 
_reflns.percent_possible_obs         99.9 
_reflns.pdbx_Rmerge_I_obs            ? 
_reflns.pdbx_netI_over_sigmaI        16.4 
_reflns.B_iso_Wilson_estimate        32.69 
_reflns.pdbx_redundancy              6.7 
_reflns.pdbx_Rsym_value              0.079 
_reflns.entry_id                     1O6A 
_reflns.R_free_details               ? 
_reflns.limit_h_max                  ? 
_reflns.limit_h_min                  ? 
_reflns.limit_k_max                  ? 
_reflns.limit_k_min                  ? 
_reflns.limit_l_max                  ? 
_reflns.limit_l_min                  ? 
_reflns.observed_criterion_F_max     ? 
_reflns.observed_criterion_F_min     ? 
_reflns.pdbx_ordinal                 1 
_reflns.pdbx_diffrn_id               1 
# 
_reflns_shell.d_res_high             1.85 
_reflns_shell.d_res_low              1.90 
_reflns_shell.percent_possible_all   100.0 
_reflns_shell.pdbx_Rsym_value        0.548 
_reflns_shell.pdbx_redundancy        6.1 
_reflns_shell.number_unique_all      1385 
_reflns_shell.meanI_over_sigI_obs    2.8 
_reflns_shell.Rmerge_I_obs           ? 
_reflns_shell.percent_possible_obs   ? 
_reflns_shell.pdbx_ordinal           1 
_reflns_shell.pdbx_diffrn_id         1 
# 
_refine.ls_d_res_high                            1.85 
_refine.ls_d_res_low                             41.63 
_refine.pdbx_ls_sigma_F                          ? 
_refine.pdbx_ls_sigma_I                          ? 
_refine.ls_number_reflns_obs                     18226 
_refine.ls_number_reflns_R_free                  975 
_refine.ls_percent_reflns_R_free                 5.1 
_refine.ls_percent_reflns_obs                    99.85 
_refine.ls_R_factor_obs                          0.17301 
_refine.ls_R_factor_R_work                       0.17102 
_refine.ls_R_factor_R_free                       0.21199 
_refine.pdbx_R_Free_selection_details            RANDOM 
_refine.pdbx_stereochemistry_target_values       'MAXIMUM LIKELIHOOD WITH PHASES' 
_refine.pdbx_method_to_determine_struct          MAD 
_refine.pdbx_starting_model                      ? 
_refine.pdbx_ls_cross_valid_method               THROUGHOUT 
_refine.pdbx_isotropic_thermal_model             ISOTROPIC 
_refine.B_iso_mean                               18.923 
_refine.aniso_B[1][1]                            1.18 
_refine.aniso_B[2][2]                            1.18 
_refine.aniso_B[3][3]                            -2.35 
_refine.aniso_B[1][2]                            0.00 
_refine.aniso_B[1][3]                            0.00 
_refine.aniso_B[2][3]                            0.00 
_refine.details                                  'HYDROGENS HAVE BEEN ADDED IN THE RIDING POSITIONS.' 
_refine.pdbx_overall_ESU_R                       0.115 
_refine.pdbx_overall_ESU_R_Free                  0.116 
_refine.overall_SU_ML                            0.072 
_refine.overall_SU_B                             2.454 
_refine.correlation_coeff_Fo_to_Fc               0.961 
_refine.correlation_coeff_Fo_to_Fc_free          0.947 
_refine.solvent_model_details                    'BABINET MODEL WITH MASK' 
_refine.pdbx_solvent_vdw_probe_radii             1.40 
_refine.pdbx_solvent_ion_probe_radii             0.80 
_refine.pdbx_solvent_shrinkage_radii             0.80 
_refine.entry_id                                 1O6A 
_refine.ls_R_factor_all                          ? 
_refine.ls_number_reflns_all                     ? 
_refine.ls_redundancy_reflns_obs                 ? 
_refine.pdbx_data_cutoff_high_absF               ? 
_refine.pdbx_data_cutoff_low_absF                ? 
_refine.ls_number_parameters                     ? 
_refine.ls_number_restraints                     ? 
_refine.ls_R_factor_R_free_error                 ? 
_refine.ls_R_factor_R_free_error_details         ? 
_refine.pdbx_stereochem_target_val_spec_case     ? 
_refine.solvent_model_param_bsol                 ? 
_refine.solvent_model_param_ksol                 ? 
_refine.occupancy_max                            ? 
_refine.occupancy_min                            ? 
_refine.pdbx_data_cutoff_high_rms_absF           ? 
_refine.B_iso_min                                ? 
_refine.B_iso_max                                ? 
_refine.overall_SU_R_Cruickshank_DPI             ? 
_refine.overall_SU_R_free                        ? 
_refine.pdbx_refine_id                           'X-RAY DIFFRACTION' 
_refine.pdbx_TLS_residual_ADP_flag               'LIKELY RESIDUAL' 
_refine.pdbx_diffrn_id                           1 
_refine.pdbx_overall_phase_error                 ? 
_refine.pdbx_overall_SU_R_free_Cruickshank_DPI   ? 
_refine.pdbx_overall_SU_R_Blow_DPI               ? 
_refine.pdbx_overall_SU_R_free_Blow_DPI          ? 
# 
_refine_hist.pdbx_refine_id                   'X-RAY DIFFRACTION' 
_refine_hist.cycle_id                         LAST 
_refine_hist.pdbx_number_atoms_protein        1322 
_refine_hist.pdbx_number_atoms_nucleic_acid   0 
_refine_hist.pdbx_number_atoms_ligand         0 
_refine_hist.number_atoms_solvent             150 
_refine_hist.number_atoms_total               1472 
_refine_hist.d_res_high                       1.85 
_refine_hist.d_res_low                        41.63 
# 
loop_
_refine_ls_restr.type 
_refine_ls_restr.number 
_refine_ls_restr.dev_ideal 
_refine_ls_restr.dev_ideal_target 
_refine_ls_restr.weight 
_refine_ls_restr.pdbx_refine_id 
_refine_ls_restr.pdbx_restraint_function 
r_bond_refined_d         1398 0.019 0.022  ? 'X-RAY DIFFRACTION' ? 
r_bond_other_d           1457 0.002 0.020  ? 'X-RAY DIFFRACTION' ? 
r_angle_refined_deg      1903 1.550 2.030  ? 'X-RAY DIFFRACTION' ? 
r_angle_other_deg        3394 0.815 3.000  ? 'X-RAY DIFFRACTION' ? 
r_dihedral_angle_1_deg   186  5.490 5.000  ? 'X-RAY DIFFRACTION' ? 
r_chiral_restr           251  0.081 0.200  ? 'X-RAY DIFFRACTION' ? 
r_gen_planes_refined     1485 0.006 0.020  ? 'X-RAY DIFFRACTION' ? 
r_gen_planes_other       232  0.002 0.020  ? 'X-RAY DIFFRACTION' ? 
r_nbd_refined            226  0.193 0.200  ? 'X-RAY DIFFRACTION' ? 
r_nbd_other              1774 0.245 0.200  ? 'X-RAY DIFFRACTION' ? 
r_nbtor_other            974  0.086 0.200  ? 'X-RAY DIFFRACTION' ? 
r_xyhbond_nbd_refined    109  0.211 0.200  ? 'X-RAY DIFFRACTION' ? 
r_symmetry_vdw_refined   7    0.151 0.200  ? 'X-RAY DIFFRACTION' ? 
r_symmetry_vdw_other     52   0.406 0.200  ? 'X-RAY DIFFRACTION' ? 
r_symmetry_hbond_refined 35   0.218 0.200  ? 'X-RAY DIFFRACTION' ? 
r_mcbond_it              865  1.924 3.000  ? 'X-RAY DIFFRACTION' ? 
r_mcangle_it             1438 3.349 5.000  ? 'X-RAY DIFFRACTION' ? 
r_scbond_it              533  6.090 8.000  ? 'X-RAY DIFFRACTION' ? 
r_scangle_it             455  8.655 11.000 ? 'X-RAY DIFFRACTION' ? 
# 
loop_
_refine_ls_restr_ncs.dom_id 
_refine_ls_restr_ncs.pdbx_type 
_refine_ls_restr_ncs.pdbx_auth_asym_id 
_refine_ls_restr_ncs.pdbx_number 
_refine_ls_restr_ncs.rms_dev_position 
_refine_ls_restr_ncs.weight_position 
_refine_ls_restr_ncs.pdbx_ens_id 
_refine_ls_restr_ncs.pdbx_refine_id 
_refine_ls_restr_ncs.pdbx_ordinal 
_refine_ls_restr_ncs.ncs_model_details 
_refine_ls_restr_ncs.rms_dev_B_iso 
_refine_ls_restr_ncs.weight_B_iso 
_refine_ls_restr_ncs.pdbx_asym_id 
_refine_ls_restr_ncs.pdbx_rms 
_refine_ls_restr_ncs.pdbx_weight 
1 'medium  positional' A 474 0.21 0.50  1 'X-RAY DIFFRACTION' 1 ? ? ? ? ? ? 
1 'loose  positional'  A 820 0.53 5.00  1 'X-RAY DIFFRACTION' 2 ? ? ? ? ? ? 
1 'medium  thermal'    A 474 0.98 2.00  1 'X-RAY DIFFRACTION' 3 ? ? ? ? ? ? 
1 'loose  thermal'     A 820 1.88 10.00 1 'X-RAY DIFFRACTION' 4 ? ? ? ? ? ? 
# 
_refine_ls_shell.pdbx_total_number_of_bins_used   20 
_refine_ls_shell.d_res_high                       1.850 
_refine_ls_shell.d_res_low                        1.898 
_refine_ls_shell.percent_reflns_obs               ? 
_refine_ls_shell.number_reflns_R_work             1316 
_refine_ls_shell.R_factor_R_work                  0.227 
_refine_ls_shell.percent_reflns_R_free            4.78 
_refine_ls_shell.number_reflns_R_free             66 
_refine_ls_shell.R_factor_R_free                  0.247 
_refine_ls_shell.R_factor_R_free_error            ? 
_refine_ls_shell.redundancy_reflns_obs            ? 
_refine_ls_shell.number_reflns_all                ? 
_refine_ls_shell.number_reflns_obs                ? 
_refine_ls_shell.pdbx_refine_id                   'X-RAY DIFFRACTION' 
_refine_ls_shell.R_factor_all                     ? 
# 
loop_
_struct_ncs_dom.pdbx_ens_id 
_struct_ncs_dom.id 
_struct_ncs_dom.details 
1 1 A 
1 2 B 
# 
loop_
_struct_ncs_dom_lim.pdbx_ens_id 
_struct_ncs_dom_lim.dom_id 
_struct_ncs_dom_lim.pdbx_component_id 
_struct_ncs_dom_lim.beg_label_asym_id 
_struct_ncs_dom_lim.beg_label_comp_id 
_struct_ncs_dom_lim.beg_label_seq_id 
_struct_ncs_dom_lim.beg_label_alt_id 
_struct_ncs_dom_lim.end_label_asym_id 
_struct_ncs_dom_lim.end_label_comp_id 
_struct_ncs_dom_lim.end_label_seq_id 
_struct_ncs_dom_lim.end_label_alt_id 
_struct_ncs_dom_lim.beg_auth_asym_id 
_struct_ncs_dom_lim.beg_auth_comp_id 
_struct_ncs_dom_lim.beg_auth_seq_id 
_struct_ncs_dom_lim.end_auth_asym_id 
_struct_ncs_dom_lim.end_auth_comp_id 
_struct_ncs_dom_lim.end_auth_seq_id 
_struct_ncs_dom_lim.pdbx_refine_code 
_struct_ncs_dom_lim.selection_details 
1 1 1 A LEU 16 . A GLU 96 . A LEU 74 A GLU 154 5 ? 
1 2 1 B LEU 16 . B GLU 96 . B LEU 74 B GLU 154 5 ? 
# 
_struct_ncs_ens.id            1 
_struct_ncs_ens.details       ? 
_struct_ncs_ens.point_group   ? 
# 
_struct.entry_id                  1O6A 
_struct.title                     
;CRYSTAL STRUCTURE OF A C-TERMINAL FRAGMENT OF THE PUTATIVE FLAGELLAR MOTOR SWITCH PROTEIN FLIN (TM0680) FROM THERMOTOGA MARITIMA AT 1.85 A RESOLUTION
;
_struct.pdbx_model_details        ? 
_struct.pdbx_CASP_flag            ? 
_struct.pdbx_model_type_details   ? 
# 
_struct_keywords.text            
;PUTATIVE FLAGELLAR MOTOR SWITCH PROTEIN FLIN, C- TERMINAL PROTEOLYTIC FRAGMENT, STRUCTURAL GENOMICS, JOINT CENTER FOR STRUCTURAL GENOMICS, JCSG, PROTEIN STRUCTURE INITIATIVE, PSI, MOTOR PROTEIN
;
_struct_keywords.pdbx_keywords   'MOTOR PROTEIN' 
_struct_keywords.entry_id        1O6A 
# 
loop_
_struct_asym.id 
_struct_asym.pdbx_blank_PDB_chainid_flag 
_struct_asym.pdbx_modified 
_struct_asym.entity_id 
_struct_asym.details 
A N N 1 ? 
B N N 1 ? 
C N N 2 ? 
D N N 2 ? 
# 
_struct_ref.id                         1 
_struct_ref.db_name                    GB 
_struct_ref.db_code                    NP_228489 
_struct_ref.pdbx_db_accession          15644624 
_struct_ref.entity_id                  1 
_struct_ref.pdbx_seq_one_letter_code   
;SETRKTEVPSDKLELLLDIPLKVTVELGRTRMTLKRVLEMIPGSIIELDKLTGEPVDILVNGKLIARGEVVVIDENFGVR
ITEIVSPKERLELLNE
;
_struct_ref.pdbx_align_begin           59 
_struct_ref.pdbx_db_isoform            ? 
# 
loop_
_struct_ref_seq.align_id 
_struct_ref_seq.ref_id 
_struct_ref_seq.pdbx_PDB_id_code 
_struct_ref_seq.pdbx_strand_id 
_struct_ref_seq.seq_align_beg 
_struct_ref_seq.pdbx_seq_align_beg_ins_code 
_struct_ref_seq.seq_align_end 
_struct_ref_seq.pdbx_seq_align_end_ins_code 
_struct_ref_seq.pdbx_db_accession 
_struct_ref_seq.db_align_beg 
_struct_ref_seq.pdbx_db_align_beg_ins_code 
_struct_ref_seq.db_align_end 
_struct_ref_seq.pdbx_db_align_end_ins_code 
_struct_ref_seq.pdbx_auth_seq_align_beg 
_struct_ref_seq.pdbx_auth_seq_align_end 
1 1 1O6A A 1 ? 96 ? 15644624 59 ? 154 ? 59 154 
2 1 1O6A B 1 ? 96 ? 15644624 59 ? 154 ? 59 154 
# 
loop_
_struct_ref_seq_dif.align_id 
_struct_ref_seq_dif.pdbx_pdb_id_code 
_struct_ref_seq_dif.mon_id 
_struct_ref_seq_dif.pdbx_pdb_strand_id 
_struct_ref_seq_dif.seq_num 
_struct_ref_seq_dif.pdbx_pdb_ins_code 
_struct_ref_seq_dif.pdbx_seq_db_name 
_struct_ref_seq_dif.pdbx_seq_db_accession_code 
_struct_ref_seq_dif.db_mon_id 
_struct_ref_seq_dif.pdbx_seq_db_seq_num 
_struct_ref_seq_dif.details 
_struct_ref_seq_dif.pdbx_auth_seq_num 
_struct_ref_seq_dif.pdbx_ordinal 
1 1O6A MSE A 32 ? GB 15644624 MET 90  'modified residue' 90  1 
1 1O6A MSE A 40 ? GB 15644624 MET 98  'modified residue' 98  2 
1 1O6A HIS A 42 ? GB 15644624 PRO 100 'SEE REMARK 999'   100 3 
2 1O6A MSE B 32 ? GB 15644624 MET 90  'modified residue' 90  4 
2 1O6A MSE B 40 ? GB 15644624 MET 98  'modified residue' 98  5 
2 1O6A HIS B 42 ? GB 15644624 PRO 100 'SEE REMARK 999'   100 6 
# 
_pdbx_struct_assembly.id                   1 
_pdbx_struct_assembly.details              author_and_software_defined_assembly 
_pdbx_struct_assembly.method_details       PISA 
_pdbx_struct_assembly.oligomeric_details   dimeric 
_pdbx_struct_assembly.oligomeric_count     2 
# 
loop_
_pdbx_struct_assembly_prop.biol_id 
_pdbx_struct_assembly_prop.type 
_pdbx_struct_assembly_prop.value 
_pdbx_struct_assembly_prop.details 
1 'ABSA (A^2)' 5300 ? 
1 MORE         -41  ? 
1 'SSA (A^2)'  9380 ? 
# 
_pdbx_struct_assembly_gen.assembly_id       1 
_pdbx_struct_assembly_gen.oper_expression   1 
_pdbx_struct_assembly_gen.asym_id_list      A,B,C,D 
# 
_pdbx_struct_oper_list.id                   1 
_pdbx_struct_oper_list.type                 'identity operation' 
_pdbx_struct_oper_list.name                 1_555 
_pdbx_struct_oper_list.symmetry_operation   x,y,z 
_pdbx_struct_oper_list.matrix[1][1]         1.0000000000 
_pdbx_struct_oper_list.matrix[1][2]         0.0000000000 
_pdbx_struct_oper_list.matrix[1][3]         0.0000000000 
_pdbx_struct_oper_list.vector[1]            0.0000000000 
_pdbx_struct_oper_list.matrix[2][1]         0.0000000000 
_pdbx_struct_oper_list.matrix[2][2]         1.0000000000 
_pdbx_struct_oper_list.matrix[2][3]         0.0000000000 
_pdbx_struct_oper_list.vector[2]            0.0000000000 
_pdbx_struct_oper_list.matrix[3][1]         0.0000000000 
_pdbx_struct_oper_list.matrix[3][2]         0.0000000000 
_pdbx_struct_oper_list.matrix[3][3]         1.0000000000 
_pdbx_struct_oper_list.vector[3]            0.0000000000 
# 
_struct_biol.id   1 
# 
loop_
_struct_conf.conf_type_id 
_struct_conf.id 
_struct_conf.pdbx_PDB_helix_id 
_struct_conf.beg_label_comp_id 
_struct_conf.beg_label_asym_id 
_struct_conf.beg_label_seq_id 
_struct_conf.pdbx_beg_PDB_ins_code 
_struct_conf.end_label_comp_id 
_struct_conf.end_label_asym_id 
_struct_conf.end_label_seq_id 
_struct_conf.pdbx_end_PDB_ins_code 
_struct_conf.beg_auth_comp_id 
_struct_conf.beg_auth_asym_id 
_struct_conf.beg_auth_seq_id 
_struct_conf.end_auth_comp_id 
_struct_conf.end_auth_asym_id 
_struct_conf.end_auth_seq_id 
_struct_conf.pdbx_PDB_helix_class 
_struct_conf.details 
_struct_conf.pdbx_PDB_helix_length 
HELX_P HELX_P1 1 SER A 10 ? LEU A 17 ? SER A 68  LEU A 75  1 ? 8  
HELX_P HELX_P2 2 LEU A 34 ? MSE A 40 ? LEU A 92  MSE A 98  1 ? 7  
HELX_P HELX_P3 3 SER A 86 ? ASN A 95 ? SER A 144 ASN A 153 1 ? 10 
HELX_P HELX_P4 4 LEU B 34 ? MSE B 40 ? LEU B 92  MSE B 98  1 ? 7  
HELX_P HELX_P5 5 SER B 86 ? ASN B 95 ? SER B 144 ASN B 153 1 ? 10 
# 
_struct_conf_type.id          HELX_P 
_struct_conf_type.criteria    ? 
_struct_conf_type.reference   ? 
# 
loop_
_struct_conn.id 
_struct_conn.conn_type_id 
_struct_conn.pdbx_leaving_atom_flag 
_struct_conn.pdbx_PDB_id 
_struct_conn.ptnr1_label_asym_id 
_struct_conn.ptnr1_label_comp_id 
_struct_conn.ptnr1_label_seq_id 
_struct_conn.ptnr1_label_atom_id 
_struct_conn.pdbx_ptnr1_label_alt_id 
_struct_conn.pdbx_ptnr1_PDB_ins_code 
_struct_conn.pdbx_ptnr1_standard_comp_id 
_struct_conn.ptnr1_symmetry 
_struct_conn.ptnr2_label_asym_id 
_struct_conn.ptnr2_label_comp_id 
_struct_conn.ptnr2_label_seq_id 
_struct_conn.ptnr2_label_atom_id 
_struct_conn.pdbx_ptnr2_label_alt_id 
_struct_conn.pdbx_ptnr2_PDB_ins_code 
_struct_conn.ptnr1_auth_asym_id 
_struct_conn.ptnr1_auth_comp_id 
_struct_conn.ptnr1_auth_seq_id 
_struct_conn.ptnr2_auth_asym_id 
_struct_conn.ptnr2_auth_comp_id 
_struct_conn.ptnr2_auth_seq_id 
_struct_conn.ptnr2_symmetry 
_struct_conn.pdbx_ptnr3_label_atom_id 
_struct_conn.pdbx_ptnr3_label_seq_id 
_struct_conn.pdbx_ptnr3_label_comp_id 
_struct_conn.pdbx_ptnr3_label_asym_id 
_struct_conn.pdbx_ptnr3_label_alt_id 
_struct_conn.pdbx_ptnr3_PDB_ins_code 
_struct_conn.details 
_struct_conn.pdbx_dist_value 
_struct_conn.pdbx_value_order 
_struct_conn.pdbx_role 
covale1 covale both ? A ARG 31 C ? ? ? 1_555 A MSE 32 N ? ? A ARG 89 A MSE 90 1_555 ? ? ? ? ? ? ? 1.314 ? ? 
covale2 covale both ? A MSE 32 C ? ? ? 1_555 A THR 33 N ? ? A MSE 90 A THR 91 1_555 ? ? ? ? ? ? ? 1.310 ? ? 
covale3 covale both ? A GLU 39 C ? ? ? 1_555 A MSE 40 N ? ? A GLU 97 A MSE 98 1_555 ? ? ? ? ? ? ? 1.327 ? ? 
covale4 covale both ? A MSE 40 C ? ? ? 1_555 A ILE 41 N ? ? A MSE 98 A ILE 99 1_555 ? ? ? ? ? ? ? 1.320 ? ? 
covale5 covale both ? B ARG 31 C ? ? ? 1_555 B MSE 32 N ? ? B ARG 89 B MSE 90 1_555 ? ? ? ? ? ? ? 1.307 ? ? 
covale6 covale both ? B MSE 32 C ? ? ? 1_555 B THR 33 N ? ? B MSE 90 B THR 91 1_555 ? ? ? ? ? ? ? 1.314 ? ? 
covale7 covale both ? B GLU 39 C ? ? ? 1_555 B MSE 40 N ? ? B GLU 97 B MSE 98 1_555 ? ? ? ? ? ? ? 1.332 ? ? 
covale8 covale both ? B MSE 40 C ? ? ? 1_555 B ILE 41 N ? ? B MSE 98 B ILE 99 1_555 ? ? ? ? ? ? ? 1.326 ? ? 
# 
_struct_conn_type.id          covale 
_struct_conn_type.criteria    ? 
_struct_conn_type.reference   ? 
# 
loop_
_pdbx_modification_feature.ordinal 
_pdbx_modification_feature.label_comp_id 
_pdbx_modification_feature.label_asym_id 
_pdbx_modification_feature.label_seq_id 
_pdbx_modification_feature.label_alt_id 
_pdbx_modification_feature.modified_residue_label_comp_id 
_pdbx_modification_feature.modified_residue_label_asym_id 
_pdbx_modification_feature.modified_residue_label_seq_id 
_pdbx_modification_feature.modified_residue_label_alt_id 
_pdbx_modification_feature.auth_comp_id 
_pdbx_modification_feature.auth_asym_id 
_pdbx_modification_feature.auth_seq_id 
_pdbx_modification_feature.PDB_ins_code 
_pdbx_modification_feature.symmetry 
_pdbx_modification_feature.modified_residue_auth_comp_id 
_pdbx_modification_feature.modified_residue_auth_asym_id 
_pdbx_modification_feature.modified_residue_auth_seq_id 
_pdbx_modification_feature.modified_residue_PDB_ins_code 
_pdbx_modification_feature.modified_residue_symmetry 
_pdbx_modification_feature.comp_id_linking_atom 
_pdbx_modification_feature.modified_residue_id_linking_atom 
_pdbx_modification_feature.modified_residue_id 
_pdbx_modification_feature.ref_pcm_id 
_pdbx_modification_feature.ref_comp_id 
_pdbx_modification_feature.type 
_pdbx_modification_feature.category 
1 MSE A 32 ? . . . . MSE A 90 ? 1_555 . . . . . . . MET 1 MSE Selenomethionine 'Named protein modification' 
2 MSE A 40 ? . . . . MSE A 98 ? 1_555 . . . . . . . MET 1 MSE Selenomethionine 'Named protein modification' 
3 MSE B 32 ? . . . . MSE B 90 ? 1_555 . . . . . . . MET 1 MSE Selenomethionine 'Named protein modification' 
4 MSE B 40 ? . . . . MSE B 98 ? 1_555 . . . . . . . MET 1 MSE Selenomethionine 'Named protein modification' 
# 
_struct_sheet.id               A 
_struct_sheet.type             ? 
_struct_sheet.number_strands   10 
_struct_sheet.details          ? 
# 
loop_
_struct_sheet_order.sheet_id 
_struct_sheet_order.range_id_1 
_struct_sheet_order.range_id_2 
_struct_sheet_order.offset 
_struct_sheet_order.sense 
A 1 2  ? anti-parallel 
A 2 3  ? anti-parallel 
A 3 4  ? anti-parallel 
A 4 5  ? anti-parallel 
A 5 6  ? anti-parallel 
A 6 7  ? anti-parallel 
A 7 8  ? anti-parallel 
A 8 9  ? anti-parallel 
A 9 10 ? anti-parallel 
# 
loop_
_struct_sheet_range.sheet_id 
_struct_sheet_range.id 
_struct_sheet_range.beg_label_comp_id 
_struct_sheet_range.beg_label_asym_id 
_struct_sheet_range.beg_label_seq_id 
_struct_sheet_range.pdbx_beg_PDB_ins_code 
_struct_sheet_range.end_label_comp_id 
_struct_sheet_range.end_label_asym_id 
_struct_sheet_range.end_label_seq_id 
_struct_sheet_range.pdbx_end_PDB_ins_code 
_struct_sheet_range.beg_auth_comp_id 
_struct_sheet_range.beg_auth_asym_id 
_struct_sheet_range.beg_auth_seq_id 
_struct_sheet_range.end_auth_comp_id 
_struct_sheet_range.end_auth_asym_id 
_struct_sheet_range.end_auth_seq_id 
A 1  ILE A 45 ? LEU A 51 ? ILE A 103 LEU A 109 
A 2  ASN B 76 ? ILE B 84 ? ASN B 134 ILE B 142 
A 3  LYS B 63 ? ILE B 73 ? LYS B 121 ILE B 131 
A 4  VAL B 56 ? VAL B 60 ? VAL B 114 VAL B 118 
A 5  PRO B 20 ? THR B 33 ? PRO B 78  THR B 91  
A 6  PRO A 20 ? THR A 33 ? PRO A 78  THR A 91  
A 7  VAL A 56 ? VAL A 60 ? VAL A 114 VAL A 118 
A 8  LYS A 63 ? ILE A 73 ? LYS A 121 ILE A 131 
A 9  ASN A 76 ? ILE A 84 ? ASN A 134 ILE A 142 
A 10 ILE B 45 ? LEU B 51 ? ILE B 103 LEU B 109 
# 
loop_
_pdbx_struct_sheet_hbond.sheet_id 
_pdbx_struct_sheet_hbond.range_id_1 
_pdbx_struct_sheet_hbond.range_id_2 
_pdbx_struct_sheet_hbond.range_1_label_atom_id 
_pdbx_struct_sheet_hbond.range_1_label_comp_id 
_pdbx_struct_sheet_hbond.range_1_label_asym_id 
_pdbx_struct_sheet_hbond.range_1_label_seq_id 
_pdbx_struct_sheet_hbond.range_1_PDB_ins_code 
_pdbx_struct_sheet_hbond.range_1_auth_atom_id 
_pdbx_struct_sheet_hbond.range_1_auth_comp_id 
_pdbx_struct_sheet_hbond.range_1_auth_asym_id 
_pdbx_struct_sheet_hbond.range_1_auth_seq_id 
_pdbx_struct_sheet_hbond.range_2_label_atom_id 
_pdbx_struct_sheet_hbond.range_2_label_comp_id 
_pdbx_struct_sheet_hbond.range_2_label_asym_id 
_pdbx_struct_sheet_hbond.range_2_label_seq_id 
_pdbx_struct_sheet_hbond.range_2_PDB_ins_code 
_pdbx_struct_sheet_hbond.range_2_auth_atom_id 
_pdbx_struct_sheet_hbond.range_2_auth_comp_id 
_pdbx_struct_sheet_hbond.range_2_auth_asym_id 
_pdbx_struct_sheet_hbond.range_2_auth_seq_id 
A 1 2  N ILE A 46 ? N ILE A 104 O VAL B 79 ? O VAL B 137 
A 2 3  O ASN B 76 ? O ASN B 134 N ILE B 73 ? N ILE B 131 
A 3 4  O ALA B 66 ? O ALA B 124 N ILE B 58 ? N ILE B 116 
A 4 5  O LEU B 59 ? O LEU B 117 N THR B 24 ? N THR B 82  
A 5 6  O MSE B 32 ? O MSE B 90  N LEU A 21 ? N LEU A 79  
A 6 7  N THR A 24 ? N THR A 82  O LEU A 59 ? O LEU A 117 
A 7 8  N VAL A 56 ? N VAL A 114 O GLY A 68 ? O GLY A 126 
A 8 9  N ILE A 73 ? N ILE A 131 O ASN A 76 ? O ASN A 134 
A 9 10 N VAL A 79 ? N VAL A 137 O ILE B 46 ? O ILE B 104 
# 
_pdbx_entry_details.entry_id                   1O6A 
_pdbx_entry_details.compound_details           ? 
_pdbx_entry_details.source_details             ? 
_pdbx_entry_details.nonpolymer_details         ? 
_pdbx_entry_details.sequence_details           ? 
_pdbx_entry_details.has_ligand_of_interest     ? 
_pdbx_entry_details.has_protein_modification   Y 
# 
_pdbx_validate_close_contact.id               1 
_pdbx_validate_close_contact.PDB_model_num    1 
_pdbx_validate_close_contact.auth_atom_id_1   O 
_pdbx_validate_close_contact.auth_asym_id_1   A 
_pdbx_validate_close_contact.auth_comp_id_1   HOH 
_pdbx_validate_close_contact.auth_seq_id_1    165 
_pdbx_validate_close_contact.PDB_ins_code_1   ? 
_pdbx_validate_close_contact.label_alt_id_1   ? 
_pdbx_validate_close_contact.auth_atom_id_2   O 
_pdbx_validate_close_contact.auth_asym_id_2   A 
_pdbx_validate_close_contact.auth_comp_id_2   HOH 
_pdbx_validate_close_contact.auth_seq_id_2    193 
_pdbx_validate_close_contact.PDB_ins_code_2   ? 
_pdbx_validate_close_contact.label_alt_id_2   ? 
_pdbx_validate_close_contact.dist             2.07 
# 
loop_
_pdbx_validate_rmsd_angle.id 
_pdbx_validate_rmsd_angle.PDB_model_num 
_pdbx_validate_rmsd_angle.auth_atom_id_1 
_pdbx_validate_rmsd_angle.auth_asym_id_1 
_pdbx_validate_rmsd_angle.auth_comp_id_1 
_pdbx_validate_rmsd_angle.auth_seq_id_1 
_pdbx_validate_rmsd_angle.PDB_ins_code_1 
_pdbx_validate_rmsd_angle.label_alt_id_1 
_pdbx_validate_rmsd_angle.auth_atom_id_2 
_pdbx_validate_rmsd_angle.auth_asym_id_2 
_pdbx_validate_rmsd_angle.auth_comp_id_2 
_pdbx_validate_rmsd_angle.auth_seq_id_2 
_pdbx_validate_rmsd_angle.PDB_ins_code_2 
_pdbx_validate_rmsd_angle.label_alt_id_2 
_pdbx_validate_rmsd_angle.auth_atom_id_3 
_pdbx_validate_rmsd_angle.auth_asym_id_3 
_pdbx_validate_rmsd_angle.auth_comp_id_3 
_pdbx_validate_rmsd_angle.auth_seq_id_3 
_pdbx_validate_rmsd_angle.PDB_ins_code_3 
_pdbx_validate_rmsd_angle.label_alt_id_3 
_pdbx_validate_rmsd_angle.angle_value 
_pdbx_validate_rmsd_angle.angle_target_value 
_pdbx_validate_rmsd_angle.angle_deviation 
_pdbx_validate_rmsd_angle.angle_standard_deviation 
_pdbx_validate_rmsd_angle.linker_flag 
1 1 CB A ASP 107 ? ? CG A ASP 107 ? ? OD1 A ASP 107 ? ? 124.42 118.30 6.12 0.90 N 
2 1 CB B ASP 107 ? ? CG B ASP 107 ? ? OD1 B ASP 107 ? ? 125.54 118.30 7.24 0.90 N 
3 1 CB B ASP 132 ? B CG B ASP 132 ? B OD2 B ASP 132 ? B 124.22 118.30 5.92 0.90 N 
# 
loop_
_pdbx_validate_torsion.id 
_pdbx_validate_torsion.PDB_model_num 
_pdbx_validate_torsion.auth_comp_id 
_pdbx_validate_torsion.auth_asym_id 
_pdbx_validate_torsion.auth_seq_id 
_pdbx_validate_torsion.PDB_ins_code 
_pdbx_validate_torsion.label_alt_id 
_pdbx_validate_torsion.phi 
_pdbx_validate_torsion.psi 
1 1 ASP A 132 ? ? 55.20 -111.60 
2 1 ASP B 132 ? ? 64.15 -103.52 
3 1 ASP B 132 ? ? 62.82 -102.39 
# 
_pdbx_SG_project.id                    1 
_pdbx_SG_project.project_name          'PSI, Protein Structure Initiative' 
_pdbx_SG_project.full_name_of_center   'Joint Center for Structural Genomics' 
_pdbx_SG_project.initial_of_center     JCSG 
# 
loop_
_pdbx_struct_mod_residue.id 
_pdbx_struct_mod_residue.label_asym_id 
_pdbx_struct_mod_residue.label_comp_id 
_pdbx_struct_mod_residue.label_seq_id 
_pdbx_struct_mod_residue.auth_asym_id 
_pdbx_struct_mod_residue.auth_comp_id 
_pdbx_struct_mod_residue.auth_seq_id 
_pdbx_struct_mod_residue.PDB_ins_code 
_pdbx_struct_mod_residue.parent_comp_id 
_pdbx_struct_mod_residue.details 
1 A MSE 32 A MSE 90 ? MET SELENOMETHIONINE 
2 A MSE 40 A MSE 98 ? MET SELENOMETHIONINE 
3 B MSE 32 B MSE 90 ? MET SELENOMETHIONINE 
4 B MSE 40 B MSE 98 ? MET SELENOMETHIONINE 
# 
loop_
_pdbx_refine_tls.id 
_pdbx_refine_tls.details 
_pdbx_refine_tls.method 
_pdbx_refine_tls.origin_x 
_pdbx_refine_tls.origin_y 
_pdbx_refine_tls.origin_z 
_pdbx_refine_tls.T[1][1] 
_pdbx_refine_tls.T[2][2] 
_pdbx_refine_tls.T[3][3] 
_pdbx_refine_tls.T[1][2] 
_pdbx_refine_tls.T[1][3] 
_pdbx_refine_tls.T[2][3] 
_pdbx_refine_tls.L[1][1] 
_pdbx_refine_tls.L[2][2] 
_pdbx_refine_tls.L[3][3] 
_pdbx_refine_tls.L[1][2] 
_pdbx_refine_tls.L[1][3] 
_pdbx_refine_tls.L[2][3] 
_pdbx_refine_tls.S[1][1] 
_pdbx_refine_tls.S[2][2] 
_pdbx_refine_tls.S[3][3] 
_pdbx_refine_tls.S[1][2] 
_pdbx_refine_tls.S[1][3] 
_pdbx_refine_tls.S[2][3] 
_pdbx_refine_tls.S[2][1] 
_pdbx_refine_tls.S[3][1] 
_pdbx_refine_tls.S[3][2] 
_pdbx_refine_tls.pdbx_refine_id 
1 . refined 1.4558  -10.2720 -6.5442 0.0676 0.0547 0.0713 -0.0039 -0.0204 -0.0110 0.5995 0.9823 2.5370 -0.3575 0.1475 -0.2439 0.0312  0.0208 -0.0520 0.0252  -0.0927 0.1981 -0.1388 0.3310  -0.2960 'X-RAY DIFFRACTION' 
2 . refined -4.2004 7.4823   10.8705 0.0426 0.0555 0.1029 0.0305  0.0357  -0.0031 0.5345 0.8621 0.6333 0.0093  0.1775 0.1012  -0.0177 0.0480 -0.0304 -0.0570 0.0802  0.2221 0.0575  -0.0841 -0.0358 'X-RAY DIFFRACTION' 
3 . refined -4.1414 10.3005  5.0291  0.0330 0.0326 0.0540 0.0319  0.0074  -0.0020 1.4390 2.4174 1.5414 -0.0418 0.1145 -0.1450 -0.0456 0.1102 -0.0646 0.0817  0.0543  0.2639 -0.1108 -0.1089 -0.2017 'X-RAY DIFFRACTION' 
4 . refined 6.0878  -5.8502  -8.9324 0.1254 0.0783 0.0535 0.0207  -0.0140 -0.0208 0.7919 0.2135 1.5474 -0.1794 0.1910 -0.0098 -0.0079 0.0512 -0.0433 0.0369  -0.0752 0.0511 -0.1855 0.2573  0.0853  'X-RAY DIFFRACTION' 
# 
loop_
_pdbx_refine_tls_group.refine_tls_id 
_pdbx_refine_tls_group.id 
_pdbx_refine_tls_group.beg_label_asym_id 
_pdbx_refine_tls_group.beg_label_seq_id 
_pdbx_refine_tls_group.end_label_asym_id 
_pdbx_refine_tls_group.end_label_seq_id 
_pdbx_refine_tls_group.selection 
_pdbx_refine_tls_group.beg_auth_asym_id 
_pdbx_refine_tls_group.beg_auth_seq_id 
_pdbx_refine_tls_group.end_auth_asym_id 
_pdbx_refine_tls_group.end_auth_seq_id 
_pdbx_refine_tls_group.pdbx_refine_id 
_pdbx_refine_tls_group.selection_details 
1 1 A 10 A 26 ALL A 68  A 84  'X-RAY DIFFRACTION' ? 
1 2 A 54 A 96 ALL A 112 A 154 'X-RAY DIFFRACTION' ? 
2 3 A 27 A 53 ALL A 85  A 111 'X-RAY DIFFRACTION' ? 
3 4 B 16 B 26 ALL B 74  B 84  'X-RAY DIFFRACTION' ? 
3 5 B 54 B 96 ALL B 112 B 154 'X-RAY DIFFRACTION' ? 
4 6 B 27 B 53 ALL B 85  B 111 'X-RAY DIFFRACTION' ? 
# 
_pdbx_database_remark.id     999 
_pdbx_database_remark.text   
;SEQUENCE
IN BOTH CHAINS THE DENSITY AND REFINEMENT STATISTICS 
FOR THE WELL ORDERED REGION AROUND RESIDUE 100 
SUGGESTS THAT RESIDUE 100 IS A HISTIDINE.

THIS PROTEIN WAS EXPRESSED WITH A 201 RESIDUE 
N-TERMINAL FUSION COMPRISING A 12 AMINO ACID 
PURIFICATION TAG, TM0680 (GB 15644623 / NP_228488) 
AND A 27 RESIDUE LINKER, AND TM0680A.  IT 
CAN BE REPRESENTED AS [HIS6TAG]-[THYOREDOXIN LEADER]-
[FUSION PROTEIN, FLIY = TM0680]-[LINKER]-[TM0680A].
THE TAG, TM0680, THE 27 RESIDUE LINKER, AND THE FIRST 
58 RESIDUES OF TM0680A WERE CLEAVED, LEAVING RESIDUES 
59-154 OF TM0680A IN THE CRYSTAL.
;
# 
loop_
_pdbx_unobs_or_zero_occ_residues.id 
_pdbx_unobs_or_zero_occ_residues.PDB_model_num 
_pdbx_unobs_or_zero_occ_residues.polymer_flag 
_pdbx_unobs_or_zero_occ_residues.occupancy_flag 
_pdbx_unobs_or_zero_occ_residues.auth_asym_id 
_pdbx_unobs_or_zero_occ_residues.auth_comp_id 
_pdbx_unobs_or_zero_occ_residues.auth_seq_id 
_pdbx_unobs_or_zero_occ_residues.PDB_ins_code 
_pdbx_unobs_or_zero_occ_residues.label_asym_id 
_pdbx_unobs_or_zero_occ_residues.label_comp_id 
_pdbx_unobs_or_zero_occ_residues.label_seq_id 
1  1 Y 1 A SER 59 ? A SER 1  
2  1 Y 1 A GLU 60 ? A GLU 2  
3  1 Y 1 A THR 61 ? A THR 3  
4  1 Y 1 A ARG 62 ? A ARG 4  
5  1 Y 1 A LYS 63 ? A LYS 5  
6  1 Y 1 A THR 64 ? A THR 6  
7  1 Y 1 A GLU 65 ? A GLU 7  
8  1 Y 1 A VAL 66 ? A VAL 8  
9  1 Y 1 A PRO 67 ? A PRO 9  
10 1 Y 1 B SER 59 ? B SER 1  
11 1 Y 1 B GLU 60 ? B GLU 2  
12 1 Y 1 B THR 61 ? B THR 3  
13 1 Y 1 B ARG 62 ? B ARG 4  
14 1 Y 1 B LYS 63 ? B LYS 5  
15 1 Y 1 B THR 64 ? B THR 6  
16 1 Y 1 B GLU 65 ? B GLU 7  
17 1 Y 1 B VAL 66 ? B VAL 8  
18 1 Y 1 B PRO 67 ? B PRO 9  
19 1 Y 1 B SER 68 ? B SER 10 
20 1 Y 1 B ASP 69 ? B ASP 11 
21 1 Y 1 B LYS 70 ? B LYS 12 
22 1 Y 1 B LEU 71 ? B LEU 13 
23 1 Y 1 B GLU 72 ? B GLU 14 
24 1 Y 1 B LEU 73 ? B LEU 15 
# 
loop_
_chem_comp_atom.comp_id 
_chem_comp_atom.atom_id 
_chem_comp_atom.type_symbol 
_chem_comp_atom.pdbx_aromatic_flag 
_chem_comp_atom.pdbx_stereo_config 
_chem_comp_atom.pdbx_ordinal 
ALA N    N  N N 1   
ALA CA   C  N S 2   
ALA C    C  N N 3   
ALA O    O  N N 4   
ALA CB   C  N N 5   
ALA OXT  O  N N 6   
ALA H    H  N N 7   
ALA H2   H  N N 8   
ALA HA   H  N N 9   
ALA HB1  H  N N 10  
ALA HB2  H  N N 11  
ALA HB3  H  N N 12  
ALA HXT  H  N N 13  
ARG N    N  N N 14  
ARG CA   C  N S 15  
ARG C    C  N N 16  
ARG O    O  N N 17  
ARG CB   C  N N 18  
ARG CG   C  N N 19  
ARG CD   C  N N 20  
ARG NE   N  N N 21  
ARG CZ   C  N N 22  
ARG NH1  N  N N 23  
ARG NH2  N  N N 24  
ARG OXT  O  N N 25  
ARG H    H  N N 26  
ARG H2   H  N N 27  
ARG HA   H  N N 28  
ARG HB2  H  N N 29  
ARG HB3  H  N N 30  
ARG HG2  H  N N 31  
ARG HG3  H  N N 32  
ARG HD2  H  N N 33  
ARG HD3  H  N N 34  
ARG HE   H  N N 35  
ARG HH11 H  N N 36  
ARG HH12 H  N N 37  
ARG HH21 H  N N 38  
ARG HH22 H  N N 39  
ARG HXT  H  N N 40  
ASN N    N  N N 41  
ASN CA   C  N S 42  
ASN C    C  N N 43  
ASN O    O  N N 44  
ASN CB   C  N N 45  
ASN CG   C  N N 46  
ASN OD1  O  N N 47  
ASN ND2  N  N N 48  
ASN OXT  O  N N 49  
ASN H    H  N N 50  
ASN H2   H  N N 51  
ASN HA   H  N N 52  
ASN HB2  H  N N 53  
ASN HB3  H  N N 54  
ASN HD21 H  N N 55  
ASN HD22 H  N N 56  
ASN HXT  H  N N 57  
ASP N    N  N N 58  
ASP CA   C  N S 59  
ASP C    C  N N 60  
ASP O    O  N N 61  
ASP CB   C  N N 62  
ASP CG   C  N N 63  
ASP OD1  O  N N 64  
ASP OD2  O  N N 65  
ASP OXT  O  N N 66  
ASP H    H  N N 67  
ASP H2   H  N N 68  
ASP HA   H  N N 69  
ASP HB2  H  N N 70  
ASP HB3  H  N N 71  
ASP HD2  H  N N 72  
ASP HXT  H  N N 73  
GLU N    N  N N 74  
GLU CA   C  N S 75  
GLU C    C  N N 76  
GLU O    O  N N 77  
GLU CB   C  N N 78  
GLU CG   C  N N 79  
GLU CD   C  N N 80  
GLU OE1  O  N N 81  
GLU OE2  O  N N 82  
GLU OXT  O  N N 83  
GLU H    H  N N 84  
GLU H2   H  N N 85  
GLU HA   H  N N 86  
GLU HB2  H  N N 87  
GLU HB3  H  N N 88  
GLU HG2  H  N N 89  
GLU HG3  H  N N 90  
GLU HE2  H  N N 91  
GLU HXT  H  N N 92  
GLY N    N  N N 93  
GLY CA   C  N N 94  
GLY C    C  N N 95  
GLY O    O  N N 96  
GLY OXT  O  N N 97  
GLY H    H  N N 98  
GLY H2   H  N N 99  
GLY HA2  H  N N 100 
GLY HA3  H  N N 101 
GLY HXT  H  N N 102 
HIS N    N  N N 103 
HIS CA   C  N S 104 
HIS C    C  N N 105 
HIS O    O  N N 106 
HIS CB   C  N N 107 
HIS CG   C  Y N 108 
HIS ND1  N  Y N 109 
HIS CD2  C  Y N 110 
HIS CE1  C  Y N 111 
HIS NE2  N  Y N 112 
HIS OXT  O  N N 113 
HIS H    H  N N 114 
HIS H2   H  N N 115 
HIS HA   H  N N 116 
HIS HB2  H  N N 117 
HIS HB3  H  N N 118 
HIS HD1  H  N N 119 
HIS HD2  H  N N 120 
HIS HE1  H  N N 121 
HIS HE2  H  N N 122 
HIS HXT  H  N N 123 
HOH O    O  N N 124 
HOH H1   H  N N 125 
HOH H2   H  N N 126 
ILE N    N  N N 127 
ILE CA   C  N S 128 
ILE C    C  N N 129 
ILE O    O  N N 130 
ILE CB   C  N S 131 
ILE CG1  C  N N 132 
ILE CG2  C  N N 133 
ILE CD1  C  N N 134 
ILE OXT  O  N N 135 
ILE H    H  N N 136 
ILE H2   H  N N 137 
ILE HA   H  N N 138 
ILE HB   H  N N 139 
ILE HG12 H  N N 140 
ILE HG13 H  N N 141 
ILE HG21 H  N N 142 
ILE HG22 H  N N 143 
ILE HG23 H  N N 144 
ILE HD11 H  N N 145 
ILE HD12 H  N N 146 
ILE HD13 H  N N 147 
ILE HXT  H  N N 148 
LEU N    N  N N 149 
LEU CA   C  N S 150 
LEU C    C  N N 151 
LEU O    O  N N 152 
LEU CB   C  N N 153 
LEU CG   C  N N 154 
LEU CD1  C  N N 155 
LEU CD2  C  N N 156 
LEU OXT  O  N N 157 
LEU H    H  N N 158 
LEU H2   H  N N 159 
LEU HA   H  N N 160 
LEU HB2  H  N N 161 
LEU HB3  H  N N 162 
LEU HG   H  N N 163 
LEU HD11 H  N N 164 
LEU HD12 H  N N 165 
LEU HD13 H  N N 166 
LEU HD21 H  N N 167 
LEU HD22 H  N N 168 
LEU HD23 H  N N 169 
LEU HXT  H  N N 170 
LYS N    N  N N 171 
LYS CA   C  N S 172 
LYS C    C  N N 173 
LYS O    O  N N 174 
LYS CB   C  N N 175 
LYS CG   C  N N 176 
LYS CD   C  N N 177 
LYS CE   C  N N 178 
LYS NZ   N  N N 179 
LYS OXT  O  N N 180 
LYS H    H  N N 181 
LYS H2   H  N N 182 
LYS HA   H  N N 183 
LYS HB2  H  N N 184 
LYS HB3  H  N N 185 
LYS HG2  H  N N 186 
LYS HG3  H  N N 187 
LYS HD2  H  N N 188 
LYS HD3  H  N N 189 
LYS HE2  H  N N 190 
LYS HE3  H  N N 191 
LYS HZ1  H  N N 192 
LYS HZ2  H  N N 193 
LYS HZ3  H  N N 194 
LYS HXT  H  N N 195 
MET N    N  N N 196 
MET CA   C  N S 197 
MET C    C  N N 198 
MET O    O  N N 199 
MET CB   C  N N 200 
MET CG   C  N N 201 
MET SD   S  N N 202 
MET CE   C  N N 203 
MET OXT  O  N N 204 
MET H    H  N N 205 
MET H2   H  N N 206 
MET HA   H  N N 207 
MET HB2  H  N N 208 
MET HB3  H  N N 209 
MET HG2  H  N N 210 
MET HG3  H  N N 211 
MET HE1  H  N N 212 
MET HE2  H  N N 213 
MET HE3  H  N N 214 
MET HXT  H  N N 215 
MSE N    N  N N 216 
MSE CA   C  N S 217 
MSE C    C  N N 218 
MSE O    O  N N 219 
MSE OXT  O  N N 220 
MSE CB   C  N N 221 
MSE CG   C  N N 222 
MSE SE   SE N N 223 
MSE CE   C  N N 224 
MSE H    H  N N 225 
MSE H2   H  N N 226 
MSE HA   H  N N 227 
MSE HXT  H  N N 228 
MSE HB2  H  N N 229 
MSE HB3  H  N N 230 
MSE HG2  H  N N 231 
MSE HG3  H  N N 232 
MSE HE1  H  N N 233 
MSE HE2  H  N N 234 
MSE HE3  H  N N 235 
PHE N    N  N N 236 
PHE CA   C  N S 237 
PHE C    C  N N 238 
PHE O    O  N N 239 
PHE CB   C  N N 240 
PHE CG   C  Y N 241 
PHE CD1  C  Y N 242 
PHE CD2  C  Y N 243 
PHE CE1  C  Y N 244 
PHE CE2  C  Y N 245 
PHE CZ   C  Y N 246 
PHE OXT  O  N N 247 
PHE H    H  N N 248 
PHE H2   H  N N 249 
PHE HA   H  N N 250 
PHE HB2  H  N N 251 
PHE HB3  H  N N 252 
PHE HD1  H  N N 253 
PHE HD2  H  N N 254 
PHE HE1  H  N N 255 
PHE HE2  H  N N 256 
PHE HZ   H  N N 257 
PHE HXT  H  N N 258 
PRO N    N  N N 259 
PRO CA   C  N S 260 
PRO C    C  N N 261 
PRO O    O  N N 262 
PRO CB   C  N N 263 
PRO CG   C  N N 264 
PRO CD   C  N N 265 
PRO OXT  O  N N 266 
PRO H    H  N N 267 
PRO HA   H  N N 268 
PRO HB2  H  N N 269 
PRO HB3  H  N N 270 
PRO HG2  H  N N 271 
PRO HG3  H  N N 272 
PRO HD2  H  N N 273 
PRO HD3  H  N N 274 
PRO HXT  H  N N 275 
SER N    N  N N 276 
SER CA   C  N S 277 
SER C    C  N N 278 
SER O    O  N N 279 
SER CB   C  N N 280 
SER OG   O  N N 281 
SER OXT  O  N N 282 
SER H    H  N N 283 
SER H2   H  N N 284 
SER HA   H  N N 285 
SER HB2  H  N N 286 
SER HB3  H  N N 287 
SER HG   H  N N 288 
SER HXT  H  N N 289 
THR N    N  N N 290 
THR CA   C  N S 291 
THR C    C  N N 292 
THR O    O  N N 293 
THR CB   C  N R 294 
THR OG1  O  N N 295 
THR CG2  C  N N 296 
THR OXT  O  N N 297 
THR H    H  N N 298 
THR H2   H  N N 299 
THR HA   H  N N 300 
THR HB   H  N N 301 
THR HG1  H  N N 302 
THR HG21 H  N N 303 
THR HG22 H  N N 304 
THR HG23 H  N N 305 
THR HXT  H  N N 306 
VAL N    N  N N 307 
VAL CA   C  N S 308 
VAL C    C  N N 309 
VAL O    O  N N 310 
VAL CB   C  N N 311 
VAL CG1  C  N N 312 
VAL CG2  C  N N 313 
VAL OXT  O  N N 314 
VAL H    H  N N 315 
VAL H2   H  N N 316 
VAL HA   H  N N 317 
VAL HB   H  N N 318 
VAL HG11 H  N N 319 
VAL HG12 H  N N 320 
VAL HG13 H  N N 321 
VAL HG21 H  N N 322 
VAL HG22 H  N N 323 
VAL HG23 H  N N 324 
VAL HXT  H  N N 325 
# 
loop_
_chem_comp_bond.comp_id 
_chem_comp_bond.atom_id_1 
_chem_comp_bond.atom_id_2 
_chem_comp_bond.value_order 
_chem_comp_bond.pdbx_aromatic_flag 
_chem_comp_bond.pdbx_stereo_config 
_chem_comp_bond.pdbx_ordinal 
ALA N   CA   sing N N 1   
ALA N   H    sing N N 2   
ALA N   H2   sing N N 3   
ALA CA  C    sing N N 4   
ALA CA  CB   sing N N 5   
ALA CA  HA   sing N N 6   
ALA C   O    doub N N 7   
ALA C   OXT  sing N N 8   
ALA CB  HB1  sing N N 9   
ALA CB  HB2  sing N N 10  
ALA CB  HB3  sing N N 11  
ALA OXT HXT  sing N N 12  
ARG N   CA   sing N N 13  
ARG N   H    sing N N 14  
ARG N   H2   sing N N 15  
ARG CA  C    sing N N 16  
ARG CA  CB   sing N N 17  
ARG CA  HA   sing N N 18  
ARG C   O    doub N N 19  
ARG C   OXT  sing N N 20  
ARG CB  CG   sing N N 21  
ARG CB  HB2  sing N N 22  
ARG CB  HB3  sing N N 23  
ARG CG  CD   sing N N 24  
ARG CG  HG2  sing N N 25  
ARG CG  HG3  sing N N 26  
ARG CD  NE   sing N N 27  
ARG CD  HD2  sing N N 28  
ARG CD  HD3  sing N N 29  
ARG NE  CZ   sing N N 30  
ARG NE  HE   sing N N 31  
ARG CZ  NH1  sing N N 32  
ARG CZ  NH2  doub N N 33  
ARG NH1 HH11 sing N N 34  
ARG NH1 HH12 sing N N 35  
ARG NH2 HH21 sing N N 36  
ARG NH2 HH22 sing N N 37  
ARG OXT HXT  sing N N 38  
ASN N   CA   sing N N 39  
ASN N   H    sing N N 40  
ASN N   H2   sing N N 41  
ASN CA  C    sing N N 42  
ASN CA  CB   sing N N 43  
ASN CA  HA   sing N N 44  
ASN C   O    doub N N 45  
ASN C   OXT  sing N N 46  
ASN CB  CG   sing N N 47  
ASN CB  HB2  sing N N 48  
ASN CB  HB3  sing N N 49  
ASN CG  OD1  doub N N 50  
ASN CG  ND2  sing N N 51  
ASN ND2 HD21 sing N N 52  
ASN ND2 HD22 sing N N 53  
ASN OXT HXT  sing N N 54  
ASP N   CA   sing N N 55  
ASP N   H    sing N N 56  
ASP N   H2   sing N N 57  
ASP CA  C    sing N N 58  
ASP CA  CB   sing N N 59  
ASP CA  HA   sing N N 60  
ASP C   O    doub N N 61  
ASP C   OXT  sing N N 62  
ASP CB  CG   sing N N 63  
ASP CB  HB2  sing N N 64  
ASP CB  HB3  sing N N 65  
ASP CG  OD1  doub N N 66  
ASP CG  OD2  sing N N 67  
ASP OD2 HD2  sing N N 68  
ASP OXT HXT  sing N N 69  
GLU N   CA   sing N N 70  
GLU N   H    sing N N 71  
GLU N   H2   sing N N 72  
GLU CA  C    sing N N 73  
GLU CA  CB   sing N N 74  
GLU CA  HA   sing N N 75  
GLU C   O    doub N N 76  
GLU C   OXT  sing N N 77  
GLU CB  CG   sing N N 78  
GLU CB  HB2  sing N N 79  
GLU CB  HB3  sing N N 80  
GLU CG  CD   sing N N 81  
GLU CG  HG2  sing N N 82  
GLU CG  HG3  sing N N 83  
GLU CD  OE1  doub N N 84  
GLU CD  OE2  sing N N 85  
GLU OE2 HE2  sing N N 86  
GLU OXT HXT  sing N N 87  
GLY N   CA   sing N N 88  
GLY N   H    sing N N 89  
GLY N   H2   sing N N 90  
GLY CA  C    sing N N 91  
GLY CA  HA2  sing N N 92  
GLY CA  HA3  sing N N 93  
GLY C   O    doub N N 94  
GLY C   OXT  sing N N 95  
GLY OXT HXT  sing N N 96  
HIS N   CA   sing N N 97  
HIS N   H    sing N N 98  
HIS N   H2   sing N N 99  
HIS CA  C    sing N N 100 
HIS CA  CB   sing N N 101 
HIS CA  HA   sing N N 102 
HIS C   O    doub N N 103 
HIS C   OXT  sing N N 104 
HIS CB  CG   sing N N 105 
HIS CB  HB2  sing N N 106 
HIS CB  HB3  sing N N 107 
HIS CG  ND1  sing Y N 108 
HIS CG  CD2  doub Y N 109 
HIS ND1 CE1  doub Y N 110 
HIS ND1 HD1  sing N N 111 
HIS CD2 NE2  sing Y N 112 
HIS CD2 HD2  sing N N 113 
HIS CE1 NE2  sing Y N 114 
HIS CE1 HE1  sing N N 115 
HIS NE2 HE2  sing N N 116 
HIS OXT HXT  sing N N 117 
HOH O   H1   sing N N 118 
HOH O   H2   sing N N 119 
ILE N   CA   sing N N 120 
ILE N   H    sing N N 121 
ILE N   H2   sing N N 122 
ILE CA  C    sing N N 123 
ILE CA  CB   sing N N 124 
ILE CA  HA   sing N N 125 
ILE C   O    doub N N 126 
ILE C   OXT  sing N N 127 
ILE CB  CG1  sing N N 128 
ILE CB  CG2  sing N N 129 
ILE CB  HB   sing N N 130 
ILE CG1 CD1  sing N N 131 
ILE CG1 HG12 sing N N 132 
ILE CG1 HG13 sing N N 133 
ILE CG2 HG21 sing N N 134 
ILE CG2 HG22 sing N N 135 
ILE CG2 HG23 sing N N 136 
ILE CD1 HD11 sing N N 137 
ILE CD1 HD12 sing N N 138 
ILE CD1 HD13 sing N N 139 
ILE OXT HXT  sing N N 140 
LEU N   CA   sing N N 141 
LEU N   H    sing N N 142 
LEU N   H2   sing N N 143 
LEU CA  C    sing N N 144 
LEU CA  CB   sing N N 145 
LEU CA  HA   sing N N 146 
LEU C   O    doub N N 147 
LEU C   OXT  sing N N 148 
LEU CB  CG   sing N N 149 
LEU CB  HB2  sing N N 150 
LEU CB  HB3  sing N N 151 
LEU CG  CD1  sing N N 152 
LEU CG  CD2  sing N N 153 
LEU CG  HG   sing N N 154 
LEU CD1 HD11 sing N N 155 
LEU CD1 HD12 sing N N 156 
LEU CD1 HD13 sing N N 157 
LEU CD2 HD21 sing N N 158 
LEU CD2 HD22 sing N N 159 
LEU CD2 HD23 sing N N 160 
LEU OXT HXT  sing N N 161 
LYS N   CA   sing N N 162 
LYS N   H    sing N N 163 
LYS N   H2   sing N N 164 
LYS CA  C    sing N N 165 
LYS CA  CB   sing N N 166 
LYS CA  HA   sing N N 167 
LYS C   O    doub N N 168 
LYS C   OXT  sing N N 169 
LYS CB  CG   sing N N 170 
LYS CB  HB2  sing N N 171 
LYS CB  HB3  sing N N 172 
LYS CG  CD   sing N N 173 
LYS CG  HG2  sing N N 174 
LYS CG  HG3  sing N N 175 
LYS CD  CE   sing N N 176 
LYS CD  HD2  sing N N 177 
LYS CD  HD3  sing N N 178 
LYS CE  NZ   sing N N 179 
LYS CE  HE2  sing N N 180 
LYS CE  HE3  sing N N 181 
LYS NZ  HZ1  sing N N 182 
LYS NZ  HZ2  sing N N 183 
LYS NZ  HZ3  sing N N 184 
LYS OXT HXT  sing N N 185 
MET N   CA   sing N N 186 
MET N   H    sing N N 187 
MET N   H2   sing N N 188 
MET CA  C    sing N N 189 
MET CA  CB   sing N N 190 
MET CA  HA   sing N N 191 
MET C   O    doub N N 192 
MET C   OXT  sing N N 193 
MET CB  CG   sing N N 194 
MET CB  HB2  sing N N 195 
MET CB  HB3  sing N N 196 
MET CG  SD   sing N N 197 
MET CG  HG2  sing N N 198 
MET CG  HG3  sing N N 199 
MET SD  CE   sing N N 200 
MET CE  HE1  sing N N 201 
MET CE  HE2  sing N N 202 
MET CE  HE3  sing N N 203 
MET OXT HXT  sing N N 204 
MSE N   CA   sing N N 205 
MSE N   H    sing N N 206 
MSE N   H2   sing N N 207 
MSE CA  C    sing N N 208 
MSE CA  CB   sing N N 209 
MSE CA  HA   sing N N 210 
MSE C   O    doub N N 211 
MSE C   OXT  sing N N 212 
MSE OXT HXT  sing N N 213 
MSE CB  CG   sing N N 214 
MSE CB  HB2  sing N N 215 
MSE CB  HB3  sing N N 216 
MSE CG  SE   sing N N 217 
MSE CG  HG2  sing N N 218 
MSE CG  HG3  sing N N 219 
MSE SE  CE   sing N N 220 
MSE CE  HE1  sing N N 221 
MSE CE  HE2  sing N N 222 
MSE CE  HE3  sing N N 223 
PHE N   CA   sing N N 224 
PHE N   H    sing N N 225 
PHE N   H2   sing N N 226 
PHE CA  C    sing N N 227 
PHE CA  CB   sing N N 228 
PHE CA  HA   sing N N 229 
PHE C   O    doub N N 230 
PHE C   OXT  sing N N 231 
PHE CB  CG   sing N N 232 
PHE CB  HB2  sing N N 233 
PHE CB  HB3  sing N N 234 
PHE CG  CD1  doub Y N 235 
PHE CG  CD2  sing Y N 236 
PHE CD1 CE1  sing Y N 237 
PHE CD1 HD1  sing N N 238 
PHE CD2 CE2  doub Y N 239 
PHE CD2 HD2  sing N N 240 
PHE CE1 CZ   doub Y N 241 
PHE CE1 HE1  sing N N 242 
PHE CE2 CZ   sing Y N 243 
PHE CE2 HE2  sing N N 244 
PHE CZ  HZ   sing N N 245 
PHE OXT HXT  sing N N 246 
PRO N   CA   sing N N 247 
PRO N   CD   sing N N 248 
PRO N   H    sing N N 249 
PRO CA  C    sing N N 250 
PRO CA  CB   sing N N 251 
PRO CA  HA   sing N N 252 
PRO C   O    doub N N 253 
PRO C   OXT  sing N N 254 
PRO CB  CG   sing N N 255 
PRO CB  HB2  sing N N 256 
PRO CB  HB3  sing N N 257 
PRO CG  CD   sing N N 258 
PRO CG  HG2  sing N N 259 
PRO CG  HG3  sing N N 260 
PRO CD  HD2  sing N N 261 
PRO CD  HD3  sing N N 262 
PRO OXT HXT  sing N N 263 
SER N   CA   sing N N 264 
SER N   H    sing N N 265 
SER N   H2   sing N N 266 
SER CA  C    sing N N 267 
SER CA  CB   sing N N 268 
SER CA  HA   sing N N 269 
SER C   O    doub N N 270 
SER C   OXT  sing N N 271 
SER CB  OG   sing N N 272 
SER CB  HB2  sing N N 273 
SER CB  HB3  sing N N 274 
SER OG  HG   sing N N 275 
SER OXT HXT  sing N N 276 
THR N   CA   sing N N 277 
THR N   H    sing N N 278 
THR N   H2   sing N N 279 
THR CA  C    sing N N 280 
THR CA  CB   sing N N 281 
THR CA  HA   sing N N 282 
THR C   O    doub N N 283 
THR C   OXT  sing N N 284 
THR CB  OG1  sing N N 285 
THR CB  CG2  sing N N 286 
THR CB  HB   sing N N 287 
THR OG1 HG1  sing N N 288 
THR CG2 HG21 sing N N 289 
THR CG2 HG22 sing N N 290 
THR CG2 HG23 sing N N 291 
THR OXT HXT  sing N N 292 
VAL N   CA   sing N N 293 
VAL N   H    sing N N 294 
VAL N   H2   sing N N 295 
VAL CA  C    sing N N 296 
VAL CA  CB   sing N N 297 
VAL CA  HA   sing N N 298 
VAL C   O    doub N N 299 
VAL C   OXT  sing N N 300 
VAL CB  CG1  sing N N 301 
VAL CB  CG2  sing N N 302 
VAL CB  HB   sing N N 303 
VAL CG1 HG11 sing N N 304 
VAL CG1 HG12 sing N N 305 
VAL CG1 HG13 sing N N 306 
VAL CG2 HG21 sing N N 307 
VAL CG2 HG22 sing N N 308 
VAL CG2 HG23 sing N N 309 
VAL OXT HXT  sing N N 310 
# 
_atom_sites.entry_id                    1O6A 
_atom_sites.fract_transf_matrix[1][1]   0.00778807 
_atom_sites.fract_transf_matrix[1][2]   -0.01323321 
_atom_sites.fract_transf_matrix[1][3]   -0.00536454 
_atom_sites.fract_transf_matrix[2][1]   -0.01322910 
_atom_sites.fract_transf_matrix[2][2]   -0.00438677 
_atom_sites.fract_transf_matrix[2][3]   -0.00838435 
_atom_sites.fract_transf_matrix[3][1]   0.00292046 
_atom_sites.fract_transf_matrix[3][2]   0.00455233 
_atom_sites.fract_transf_matrix[3][3]   -0.00698981 
_atom_sites.fract_transf_vector[1]      0.037006 
_atom_sites.fract_transf_vector[2]      0.423576 
_atom_sites.fract_transf_vector[3]      0.410695 
# 
loop_
_atom_type.symbol 
C  
N  
O  
SE 
# 
loop_
_atom_site.group_PDB 
_atom_site.id 
_atom_site.type_symbol 
_atom_site.label_atom_id 
_atom_site.label_alt_id 
_atom_site.label_comp_id 
_atom_site.label_asym_id 
_atom_site.label_entity_id 
_atom_site.label_seq_id 
_atom_site.pdbx_PDB_ins_code 
_atom_site.Cartn_x 
_atom_site.Cartn_y 
_atom_site.Cartn_z 
_atom_site.occupancy 
_atom_site.B_iso_or_equiv 
_atom_site.pdbx_formal_charge 
_atom_site.auth_seq_id 
_atom_site.auth_comp_id 
_atom_site.auth_asym_id 
_atom_site.auth_atom_id 
_atom_site.pdbx_PDB_model_num 
ATOM   1    N  N   . SER A 1 10 ? -6.435  -23.205 -18.867 1.00 44.82 ? 68  SER A N   1 
ATOM   2    C  CA  . SER A 1 10 ? -5.033  -23.540 -19.283 1.00 45.97 ? 68  SER A CA  1 
ATOM   3    C  C   . SER A 1 10 ? -4.743  -23.050 -20.716 1.00 45.91 ? 68  SER A C   1 
ATOM   4    O  O   . SER A 1 10 ? -3.798  -22.282 -20.931 1.00 45.24 ? 68  SER A O   1 
ATOM   5    C  CB  . SER A 1 10 ? -4.779  -25.044 -19.149 1.00 46.20 ? 68  SER A CB  1 
ATOM   6    O  OG  . SER A 1 10 ? -5.290  -25.768 -20.262 1.00 53.46 ? 68  SER A OG  1 
ATOM   7    N  N   . ASP A 1 11 ? -5.549  -23.494 -21.688 1.00 44.80 ? 69  ASP A N   1 
ATOM   8    C  CA  . ASP A 1 11 ? -5.612  -22.810 -22.982 1.00 43.94 ? 69  ASP A CA  1 
ATOM   9    C  C   . ASP A 1 11 ? -6.215  -21.448 -22.702 1.00 41.10 ? 69  ASP A C   1 
ATOM   10   O  O   . ASP A 1 11 ? -5.790  -20.441 -23.274 1.00 42.77 ? 69  ASP A O   1 
ATOM   11   C  CB  . ASP A 1 11 ? -6.478  -23.559 -24.002 1.00 45.03 ? 69  ASP A CB  1 
ATOM   12   C  CG  . ASP A 1 11 ? -5.701  -24.617 -24.782 1.00 48.66 ? 69  ASP A CG  1 
ATOM   13   O  OD1 . ASP A 1 11 ? -4.446  -24.549 -24.822 1.00 48.39 ? 69  ASP A OD1 1 
ATOM   14   O  OD2 . ASP A 1 11 ? -6.275  -25.556 -25.390 1.00 52.92 ? 69  ASP A OD2 1 
ATOM   15   N  N   . LYS A 1 12 ? -7.198  -21.428 -21.801 1.00 36.33 ? 70  LYS A N   1 
ATOM   16   C  CA  . LYS A 1 12 ? -7.751  -20.184 -21.286 1.00 32.74 ? 70  LYS A CA  1 
ATOM   17   C  C   . LYS A 1 12 ? -6.635  -19.315 -20.677 1.00 26.83 ? 70  LYS A C   1 
ATOM   18   O  O   . LYS A 1 12 ? -6.532  -18.140 -20.987 1.00 21.78 ? 70  LYS A O   1 
ATOM   19   C  CB  . LYS A 1 12 ? -8.844  -20.475 -20.248 1.00 35.51 ? 70  LYS A CB  1 
ATOM   20   C  CG  . LYS A 1 12 ? -9.828  -19.318 -20.019 1.00 42.05 ? 70  LYS A CG  1 
ATOM   21   C  CD  . LYS A 1 12 ? -11.146 -19.795 -19.352 1.00 48.01 ? 70  LYS A CD  1 
ATOM   22   C  CE  . LYS A 1 12 ? -12.163 -18.650 -19.178 1.00 49.82 ? 70  LYS A CE  1 
ATOM   23   N  NZ  . LYS A 1 12 ? -11.524 -17.334 -18.787 1.00 47.19 ? 70  LYS A NZ  1 
ATOM   24   N  N   . LEU A 1 13 ? -5.795  -19.902 -19.830 1.00 22.11 ? 71  LEU A N   1 
ATOM   25   C  CA  . LEU A 1 13 ? -4.714  -19.144 -19.197 1.00 21.25 ? 71  LEU A CA  1 
ATOM   26   C  C   . LEU A 1 13 ? -3.803  -18.457 -20.237 1.00 19.19 ? 71  LEU A C   1 
ATOM   27   O  O   . LEU A 1 13 ? -3.374  -17.330 -20.034 1.00 18.37 ? 71  LEU A O   1 
ATOM   28   C  CB  . LEU A 1 13 ? -3.876  -20.048 -18.277 1.00 22.58 ? 71  LEU A CB  1 
ATOM   29   C  CG  . LEU A 1 13 ? -2.685  -19.386 -17.559 1.00 23.09 ? 71  LEU A CG  1 
ATOM   30   C  CD1 . LEU A 1 13 ? -3.141  -18.260 -16.682 1.00 26.93 ? 71  LEU A CD1 1 
ATOM   31   C  CD2 . LEU A 1 13 ? -1.889  -20.416 -16.715 1.00 25.78 ? 71  LEU A CD2 1 
ATOM   32   N  N   . GLU A 1 14 ? -3.497  -19.150 -21.331 1.00 18.04 ? 72  GLU A N   1 
ATOM   33   C  CA  . GLU A 1 14 ? -2.580  -18.641 -22.357 1.00 19.36 ? 72  GLU A CA  1 
ATOM   34   C  C   . GLU A 1 14 ? -3.004  -17.250 -22.892 1.00 18.80 ? 72  GLU A C   1 
ATOM   35   O  O   . GLU A 1 14 ? -2.160  -16.363 -23.162 1.00 16.49 ? 72  GLU A O   1 
ATOM   36   C  CB  . GLU A 1 14 ? -2.482  -19.671 -23.491 1.00 21.64 ? 72  GLU A CB  1 
ATOM   37   C  CG  . GLU A 1 14 ? -1.553  -19.339 -24.649 1.00 21.47 ? 72  GLU A CG  1 
ATOM   38   C  CD  . GLU A 1 14 ? -0.098  -19.134 -24.244 1.00 29.00 ? 72  GLU A CD  1 
ATOM   39   O  OE1 . GLU A 1 14 ? 0.474   -19.929 -23.448 1.00 25.22 ? 72  GLU A OE1 1 
ATOM   40   O  OE2 . GLU A 1 14 ? 0.479   -18.150 -24.733 1.00 20.82 ? 72  GLU A OE2 1 
ATOM   41   N  N   . LEU A 1 15 ? -4.315  -17.061 -23.012 1.00 16.03 ? 73  LEU A N   1 
ATOM   42   C  CA  . LEU A 1 15 ? -4.896  -15.798 -23.451 1.00 15.32 ? 73  LEU A CA  1 
ATOM   43   C  C   . LEU A 1 15 ? -4.794  -14.674 -22.433 1.00 16.50 ? 73  LEU A C   1 
ATOM   44   O  O   . LEU A 1 15 ? -4.958  -13.519 -22.782 1.00 14.13 ? 73  LEU A O   1 
ATOM   45   C  CB  . LEU A 1 15 ? -6.370  -15.999 -23.776 1.00 16.89 ? 73  LEU A CB  1 
ATOM   46   C  CG  . LEU A 1 15 ? -6.674  -17.043 -24.845 1.00 16.76 ? 73  LEU A CG  1 
ATOM   47   C  CD1 . LEU A 1 15 ? -8.182  -17.066 -25.082 1.00 11.55 ? 73  LEU A CD1 1 
ATOM   48   C  CD2 . LEU A 1 15 ? -5.901  -16.794 -26.158 1.00 14.48 ? 73  LEU A CD2 1 
ATOM   49   N  N   . LEU A 1 16 ? -4.534  -15.010 -21.174 1.00 16.72 ? 74  LEU A N   1 
ATOM   50   C  CA  . LEU A 1 16 ? -4.533  -14.033 -20.090 1.00 18.35 ? 74  LEU A CA  1 
ATOM   51   C  C   . LEU A 1 16 ? -3.140  -13.560 -19.682 1.00 14.96 ? 74  LEU A C   1 
ATOM   52   O  O   . LEU A 1 16 ? -3.009  -12.659 -18.859 1.00 16.66 ? 74  LEU A O   1 
ATOM   53   C  CB  . LEU A 1 16 ? -5.190  -14.657 -18.850 1.00 17.53 ? 74  LEU A CB  1 
ATOM   54   C  CG  . LEU A 1 16 ? -6.602  -15.196 -19.061 1.00 22.94 ? 74  LEU A CG  1 
ATOM   55   C  CD1 . LEU A 1 16 ? -7.100  -15.905 -17.790 1.00 26.69 ? 74  LEU A CD1 1 
ATOM   56   C  CD2 . LEU A 1 16 ? -7.496  -14.061 -19.428 1.00 18.68 ? 74  LEU A CD2 1 
ATOM   57   N  N   . LEU A 1 17 ? -2.108  -14.163 -20.239 1.00 13.81 ? 75  LEU A N   1 
ATOM   58   C  CA  . LEU A 1 17 ? -0.769  -13.977 -19.686 1.00 15.98 ? 75  LEU A CA  1 
ATOM   59   C  C   . LEU A 1 17 ? -0.251  -12.566 -19.797 1.00 17.22 ? 75  LEU A C   1 
ATOM   60   O  O   . LEU A 1 17 ? 0.629   -12.173 -19.021 1.00 14.21 ? 75  LEU A O   1 
ATOM   61   C  CB  . LEU A 1 17 ? 0.236   -14.930 -20.324 1.00 18.20 ? 75  LEU A CB  1 
ATOM   62   C  CG  . LEU A 1 17 ? 0.052   -16.407 -19.979 1.00 21.74 ? 75  LEU A CG  1 
ATOM   63   C  CD1 . LEU A 1 17 ? 1.085   -17.206 -20.753 1.00 27.32 ? 75  LEU A CD1 1 
ATOM   64   C  CD2 . LEU A 1 17 ? 0.182   -16.643 -18.503 1.00 18.59 ? 75  LEU A CD2 1 
ATOM   65   N  N   . ASP A 1 18 ? -0.754  -11.817 -20.771 1.00 16.25 ? 76  ASP A N   1 
ATOM   66   C  CA  . ASP A 1 18 ? -0.270  -10.454 -21.022 1.00 19.01 ? 76  ASP A CA  1 
ATOM   67   C  C   . ASP A 1 18 ? -1.138  -9.366  -20.396 1.00 19.87 ? 76  ASP A C   1 
ATOM   68   O  O   . ASP A 1 18 ? -0.855  -8.202  -20.560 1.00 20.70 ? 76  ASP A O   1 
ATOM   69   C  CB  . ASP A 1 18 ? -0.125  -10.211 -22.544 1.00 21.43 ? 76  ASP A CB  1 
ATOM   70   C  CG  . ASP A 1 18 ? 1.323   -9.954  -22.967 1.00 28.84 ? 76  ASP A CG  1 
ATOM   71   O  OD1 . ASP A 1 18 ? 2.200   -9.734  -22.078 1.00 24.21 ? 76  ASP A OD1 1 
ATOM   72   O  OD2 . ASP A 1 18 ? 1.667   -9.984  -24.170 1.00 39.18 ? 76  ASP A OD2 1 
ATOM   73   N  N   . ILE A 1 19 ? -2.174  -9.737  -19.649 1.00 18.52 ? 77  ILE A N   1 
ATOM   74   C  CA  . ILE A 1 19 ? -3.039  -8.754  -19.022 1.00 17.93 ? 77  ILE A CA  1 
ATOM   75   C  C   . ILE A 1 19 ? -2.291  -8.021  -17.940 1.00 16.18 ? 77  ILE A C   1 
ATOM   76   O  O   . ILE A 1 19 ? -1.769  -8.641  -17.018 1.00 15.08 ? 77  ILE A O   1 
ATOM   77   C  CB  . ILE A 1 19 ? -4.303  -9.425  -18.446 1.00 20.37 ? 77  ILE A CB  1 
ATOM   78   C  CG1 . ILE A 1 19 ? -5.121  -9.972  -19.597 1.00 21.41 ? 77  ILE A CG1 1 
ATOM   79   C  CG2 . ILE A 1 19 ? -5.133  -8.423  -17.603 1.00 20.43 ? 77  ILE A CG2 1 
ATOM   80   C  CD1 . ILE A 1 19 ? -6.220  -10.942 -19.168 1.00 34.81 ? 77  ILE A CD1 1 
ATOM   81   N  N   . PRO A 1 20 ? -2.210  -6.687  -18.047 1.00 17.38 ? 78  PRO A N   1 
ATOM   82   C  CA  . PRO A 1 20 ? -1.644  -5.872  -16.952 1.00 16.71 ? 78  PRO A CA  1 
ATOM   83   C  C   . PRO A 1 20 ? -2.488  -5.864  -15.682 1.00 15.47 ? 78  PRO A C   1 
ATOM   84   O  O   . PRO A 1 20 ? -3.717  -5.668  -15.727 1.00 15.44 ? 78  PRO A O   1 
ATOM   85   C  CB  . PRO A 1 20 ? -1.617  -4.453  -17.542 1.00 18.86 ? 78  PRO A CB  1 
ATOM   86   C  CG  . PRO A 1 20 ? -1.647  -4.643  -19.009 1.00 21.44 ? 78  PRO A CG  1 
ATOM   87   C  CD  . PRO A 1 20 ? -2.559  -5.853  -19.217 1.00 20.13 ? 78  PRO A CD  1 
ATOM   88   N  N   . LEU A 1 21 ? -1.814  -6.024  -14.554 1.00 13.98 ? 79  LEU A N   1 
ATOM   89   C  CA  . LEU A 1 21 ? -2.436  -6.102  -13.266 1.00 15.94 ? 79  LEU A CA  1 
ATOM   90   C  C   . LEU A 1 21 ? -1.837  -5.026  -12.414 1.00 16.47 ? 79  LEU A C   1 
ATOM   91   O  O   . LEU A 1 21 ? -0.646  -4.702  -12.538 1.00 16.04 ? 79  LEU A O   1 
ATOM   92   C  CB  . LEU A 1 21 ? -2.171  -7.468  -12.631 1.00 17.62 ? 79  LEU A CB  1 
ATOM   93   C  CG  . LEU A 1 21 ? -2.774  -8.675  -13.352 1.00 17.99 ? 79  LEU A CG  1 
ATOM   94   C  CD1 . LEU A 1 21 ? -2.411  -9.922  -12.600 1.00 18.52 ? 79  LEU A CD1 1 
ATOM   95   C  CD2 . LEU A 1 21 ? -4.241  -8.523  -13.414 1.00 20.97 ? 79  LEU A CD2 1 
ATOM   96   N  N   . LYS A 1 22 ? -2.674  -4.463  -11.551 1.00 16.10 ? 80  LYS A N   1 
ATOM   97   C  CA  . LYS A 1 22 ? -2.246  -3.411  -10.640 1.00 17.10 ? 80  LYS A CA  1 
ATOM   98   C  C   . LYS A 1 22 ? -1.708  -3.976  -9.333  1.00 16.79 ? 80  LYS A C   1 
ATOM   99   O  O   . LYS A 1 22 ? -2.421  -4.670  -8.619  1.00 14.59 ? 80  LYS A O   1 
ATOM   100  C  CB  . LYS A 1 22 ? -3.425  -2.495  -10.340 1.00 19.13 ? 80  LYS A CB  1 
ATOM   101  C  CG  . LYS A 1 22 ? -3.048  -1.233  -9.581  1.00 30.83 ? 80  LYS A CG  1 
ATOM   102  C  CD  . LYS A 1 22 ? -2.440  -0.195  -10.540 1.00 47.07 ? 80  LYS A CD  1 
ATOM   103  C  CE  . LYS A 1 22 ? -1.043  0.234   -10.092 1.00 44.03 ? 80  LYS A CE  1 
ATOM   104  N  NZ  . LYS A 1 22 ? -0.517  1.315   -10.973 1.00 46.68 ? 80  LYS A NZ  1 
ATOM   105  N  N   . VAL A 1 23 ? -0.465  -3.639  -9.004  1.00 14.44 ? 81  VAL A N   1 
ATOM   106  C  CA  . VAL A 1 23 ? 0.172   -4.110  -7.794  1.00 14.23 ? 81  VAL A CA  1 
ATOM   107  C  C   . VAL A 1 23 ? 0.339   -2.920  -6.859  1.00 16.80 ? 81  VAL A C   1 
ATOM   108  O  O   . VAL A 1 23 ? 0.761   -1.843  -7.282  1.00 18.51 ? 81  VAL A O   1 
ATOM   109  C  CB  . VAL A 1 23 ? 1.533   -4.738  -8.118  1.00 17.89 ? 81  VAL A CB  1 
ATOM   110  C  CG1 . VAL A 1 23 ? 2.216   -5.250  -6.866  1.00 19.23 ? 81  VAL A CG1 1 
ATOM   111  C  CG2 . VAL A 1 23 ? 1.365   -5.838  -9.139  1.00 21.56 ? 81  VAL A CG2 1 
ATOM   112  N  N   . THR A 1 24 ? -0.058  -3.112  -5.607  1.00 15.23 ? 82  THR A N   1 
ATOM   113  C  CA  A THR A 1 24 ? 0.054   -2.109  -4.538  0.60 15.87 ? 82  THR A CA  1 
ATOM   114  C  CA  B THR A 1 24 ? 0.117   -2.103  -4.555  0.40 16.29 ? 82  THR A CA  1 
ATOM   115  C  C   . THR A 1 24 ? 0.791   -2.739  -3.369  1.00 16.43 ? 82  THR A C   1 
ATOM   116  O  O   . THR A 1 24 ? 0.568   -3.917  -3.057  1.00 16.35 ? 82  THR A O   1 
ATOM   117  C  CB  A THR A 1 24 ? -1.357  -1.625  -4.080  0.60 16.43 ? 82  THR A CB  1 
ATOM   118  C  CB  B THR A 1 24 ? -1.218  -1.501  -4.106  0.40 16.77 ? 82  THR A CB  1 
ATOM   119  O  OG1 A THR A 1 24 ? -2.154  -2.737  -3.645  0.60 13.57 ? 82  THR A OG1 1 
ATOM   120  O  OG1 B THR A 1 24 ? -1.739  -0.639  -5.114  0.40 17.39 ? 82  THR A OG1 1 
ATOM   121  C  CG2 A THR A 1 24 ? -2.169  -1.023  -5.205  0.60 19.40 ? 82  THR A CG2 1 
ATOM   122  C  CG2 B THR A 1 24 ? -1.012  -0.549  -2.921  0.40 20.80 ? 82  THR A CG2 1 
ATOM   123  N  N   . VAL A 1 25 ? 1.658   -1.968  -2.709  1.00 14.84 ? 83  VAL A N   1 
ATOM   124  C  CA  . VAL A 1 25 ? 2.373   -2.440  -1.567  1.00 15.33 ? 83  VAL A CA  1 
ATOM   125  C  C   . VAL A 1 25 ? 1.980   -1.520  -0.414  1.00 12.68 ? 83  VAL A C   1 
ATOM   126  O  O   . VAL A 1 25 ? 2.049   -0.273  -0.508  1.00 16.29 ? 83  VAL A O   1 
ATOM   127  C  CB  . VAL A 1 25 ? 3.856   -2.406  -1.807  1.00 13.66 ? 83  VAL A CB  1 
ATOM   128  C  CG1 . VAL A 1 25 ? 4.634   -2.772  -0.554  1.00 14.62 ? 83  VAL A CG1 1 
ATOM   129  C  CG2 . VAL A 1 25 ? 4.245   -3.328  -2.995  1.00 19.02 ? 83  VAL A CG2 1 
ATOM   130  N  N   . GLU A 1 26 ? 1.503   -2.139  0.658   1.00 12.76 ? 84  GLU A N   1 
ATOM   131  C  CA  . GLU A 1 26 ? 0.946   -1.416  1.813   1.00 13.06 ? 84  GLU A CA  1 
ATOM   132  C  C   . GLU A 1 26 ? 1.830   -1.599  3.023   1.00 13.37 ? 84  GLU A C   1 
ATOM   133  O  O   . GLU A 1 26 ? 2.292   -2.700  3.347   1.00 14.58 ? 84  GLU A O   1 
ATOM   134  C  CB  . GLU A 1 26 ? -0.434  -1.956  2.182   1.00 12.93 ? 84  GLU A CB  1 
ATOM   135  C  CG  . GLU A 1 26 ? -1.502  -1.703  1.151   1.00 17.55 ? 84  GLU A CG  1 
ATOM   136  C  CD  . GLU A 1 26 ? -2.890  -2.090  1.613   1.00 24.21 ? 84  GLU A CD  1 
ATOM   137  O  OE1 . GLU A 1 26 ? -3.062  -2.468  2.793   1.00 23.11 ? 84  GLU A OE1 1 
ATOM   138  O  OE2 . GLU A 1 26 ? -3.829  -1.979  0.790   1.00 22.70 ? 84  GLU A OE2 1 
ATOM   139  N  N   . LEU A 1 27 ? 2.035   -0.484  3.712   1.00 13.60 ? 85  LEU A N   1 
ATOM   140  C  CA  A LEU A 1 27 ? 2.760   -0.465  4.976   0.60 16.81 ? 85  LEU A CA  1 
ATOM   141  C  CA  B LEU A 1 27 ? 2.769   -0.489  4.954   0.40 16.48 ? 85  LEU A CA  1 
ATOM   142  C  C   . LEU A 1 27 ? 1.808   -0.804  6.110   1.00 18.51 ? 85  LEU A C   1 
ATOM   143  O  O   . LEU A 1 27 ? 2.221   -1.271  7.145   1.00 23.30 ? 85  LEU A O   1 
ATOM   144  C  CB  A LEU A 1 27 ? 3.342   0.908   5.268   0.60 16.27 ? 85  LEU A CB  1 
ATOM   145  C  CB  B LEU A 1 27 ? 3.473   0.854   5.123   0.40 16.12 ? 85  LEU A CB  1 
ATOM   146  C  CG  A LEU A 1 27 ? 3.964   1.003   6.680   0.60 18.22 ? 85  LEU A CG  1 
ATOM   147  C  CG  B LEU A 1 27 ? 4.573   1.013   4.055   0.40 16.29 ? 85  LEU A CG  1 
ATOM   148  C  CD1 A LEU A 1 27 ? 5.128   -0.001  6.850   0.60 20.87 ? 85  LEU A CD1 1 
ATOM   149  C  CD1 B LEU A 1 27 ? 4.997   2.432   3.850   0.40 14.73 ? 85  LEU A CD1 1 
ATOM   150  C  CD2 A LEU A 1 27 ? 4.402   2.392   6.946   0.60 17.13 ? 85  LEU A CD2 1 
ATOM   151  C  CD2 B LEU A 1 27 ? 5.794   0.156   4.375   0.40 19.23 ? 85  LEU A CD2 1 
ATOM   152  N  N   . GLY A 1 28 ? 0.526   -0.537  5.928   1.00 15.04 ? 86  GLY A N   1 
ATOM   153  C  CA  . GLY A 1 28 ? -0.431  -0.821  6.970   1.00 14.05 ? 86  GLY A CA  1 
ATOM   154  C  C   . GLY A 1 28 ? -1.704  -0.031  6.787   1.00 13.95 ? 86  GLY A C   1 
ATOM   155  O  O   . GLY A 1 28 ? -1.806  0.831   5.893   1.00 13.17 ? 86  GLY A O   1 
ATOM   156  N  N   . ARG A 1 29 ? -2.656  -0.348  7.654   1.00 11.84 ? 87  ARG A N   1 
ATOM   157  C  CA  . ARG A 1 29 ? -3.975  0.279   7.658   1.00 12.10 ? 87  ARG A CA  1 
ATOM   158  C  C   . ARG A 1 29 ? -4.423  0.689   9.038   1.00 13.63 ? 87  ARG A C   1 
ATOM   159  O  O   . ARG A 1 29 ? -3.930  0.198   10.042  1.00 15.56 ? 87  ARG A O   1 
ATOM   160  C  CB  . ARG A 1 29 ? -5.006  -0.728  7.126   1.00 14.94 ? 87  ARG A CB  1 
ATOM   161  C  CG  . ARG A 1 29 ? -4.726  -1.272  5.755   1.00 20.33 ? 87  ARG A CG  1 
ATOM   162  C  CD  . ARG A 1 29 ? -5.892  -2.110  5.228   1.00 17.12 ? 87  ARG A CD  1 
ATOM   163  N  NE  . ARG A 1 29 ? -5.632  -2.507  3.842   1.00 20.98 ? 87  ARG A NE  1 
ATOM   164  C  CZ  . ARG A 1 29 ? -6.519  -3.078  3.049   1.00 30.81 ? 87  ARG A CZ  1 
ATOM   165  N  NH1 . ARG A 1 29 ? -7.746  -3.319  3.471   1.00 22.56 ? 87  ARG A NH1 1 
ATOM   166  N  NH2 . ARG A 1 29 ? -6.191  -3.387  1.807   1.00 31.51 ? 87  ARG A NH2 1 
ATOM   167  N  N   . THR A 1 30 ? -5.378  1.612   9.079   1.00 12.45 ? 88  THR A N   1 
ATOM   168  C  CA  . THR A 1 30 ? -6.125  1.914   10.281  1.00 12.84 ? 88  THR A CA  1 
ATOM   169  C  C   . THR A 1 30 ? -7.467  2.496   9.870   1.00 11.89 ? 88  THR A C   1 
ATOM   170  O  O   . THR A 1 30 ? -7.825  2.450   8.701   1.00 14.16 ? 88  THR A O   1 
ATOM   171  C  CB  . THR A 1 30 ? -5.322  2.841   11.235  1.00 15.57 ? 88  THR A CB  1 
ATOM   172  O  OG1 . THR A 1 30 ? -6.028  3.014   12.470  1.00 15.50 ? 88  THR A OG1 1 
ATOM   173  C  CG2 . THR A 1 30 ? -5.129  4.226   10.676  1.00 15.91 ? 88  THR A CG2 1 
ATOM   174  N  N   . ARG A 1 31 ? -8.231  2.955   10.842  1.00 12.29 ? 89  ARG A N   1 
ATOM   175  C  CA  . ARG A 1 31 ? -9.469  3.645   10.597  1.00 13.39 ? 89  ARG A CA  1 
ATOM   176  C  C   . ARG A 1 31 ? -9.504  4.904   11.459  1.00 13.29 ? 89  ARG A C   1 
ATOM   177  O  O   . ARG A 1 31 ? -8.899  4.967   12.523  1.00 12.47 ? 89  ARG A O   1 
ATOM   178  C  CB  . ARG A 1 31 ? -10.644 2.730   10.875  1.00 12.96 ? 89  ARG A CB  1 
ATOM   179  C  CG  . ARG A 1 31 ? -10.731 1.529   9.964   1.00 19.26 ? 89  ARG A CG  1 
ATOM   180  C  CD  . ARG A 1 31 ? -11.981 0.658   10.179  1.00 22.55 ? 89  ARG A CD  1 
ATOM   181  N  NE  . ARG A 1 31 ? -12.148 0.416   11.607  1.00 21.38 ? 89  ARG A NE  1 
ATOM   182  C  CZ  . ARG A 1 31 ? -13.247 0.621   12.303  1.00 16.66 ? 89  ARG A CZ  1 
ATOM   183  N  NH1 . ARG A 1 31 ? -14.396 0.944   11.717  1.00 22.64 ? 89  ARG A NH1 1 
ATOM   184  N  NH2 . ARG A 1 31 ? -13.229 0.378   13.609  1.00 16.93 ? 89  ARG A NH2 1 
HETATM 185  N  N   . MSE A 1 32 ? -10.158 5.930   10.965  1.00 11.18 ? 90  MSE A N   1 
HETATM 186  C  CA  . MSE A 1 32 ? -10.377 7.148   11.740  1.00 12.93 ? 90  MSE A CA  1 
HETATM 187  C  C   . MSE A 1 32 ? -11.674 7.808   11.304  1.00 12.25 ? 90  MSE A C   1 
HETATM 188  O  O   . MSE A 1 32 ? -12.184 7.538   10.233  1.00 13.43 ? 90  MSE A O   1 
HETATM 189  C  CB  . MSE A 1 32 ? -9.192  8.089   11.540  1.00 14.61 ? 90  MSE A CB  1 
HETATM 190  C  CG  . MSE A 1 32 ? -9.095  8.537   10.192  1.00 16.58 ? 90  MSE A CG  1 
HETATM 191  SE SE  . MSE A 1 32 ? -7.540  9.841   9.936   1.00 30.39 ? 90  MSE A SE  1 
HETATM 192  C  CE  . MSE A 1 32 ? -6.258  8.920   10.767  1.00 3.92  ? 90  MSE A CE  1 
ATOM   193  N  N   . THR A 1 33 ? -12.163 8.705   12.123  1.00 13.11 ? 91  THR A N   1 
ATOM   194  C  CA  . THR A 1 33 ? -13.368 9.427   11.817  1.00 12.27 ? 91  THR A CA  1 
ATOM   195  C  C   . THR A 1 33 ? -13.089 10.527  10.834  1.00 13.60 ? 91  THR A C   1 
ATOM   196  O  O   . THR A 1 33 ? -11.957 10.979  10.649  1.00 10.59 ? 91  THR A O   1 
ATOM   197  C  CB  . THR A 1 33 ? -14.010 10.037  13.066  1.00 13.33 ? 91  THR A CB  1 
ATOM   198  O  OG1 . THR A 1 33 ? -13.120 11.003  13.653  1.00 13.19 ? 91  THR A OG1 1 
ATOM   199  C  CG2 . THR A 1 33 ? -14.243 8.969   14.136  1.00 14.62 ? 91  THR A CG2 1 
ATOM   200  N  N   . LEU A 1 34 ? -14.151 10.970  10.197  1.00 12.94 ? 92  LEU A N   1 
ATOM   201  C  CA  . LEU A 1 34 ? -14.060 12.129  9.330   1.00 14.20 ? 92  LEU A CA  1 
ATOM   202  C  C   . LEU A 1 34 ? -13.548 13.314  10.102  1.00 13.53 ? 92  LEU A C   1 
ATOM   203  O  O   . LEU A 1 34 ? -12.713 14.057  9.607   1.00 13.30 ? 92  LEU A O   1 
ATOM   204  C  CB  . LEU A 1 34 ? -15.420 12.447  8.746   1.00 14.26 ? 92  LEU A CB  1 
ATOM   205  C  CG  . LEU A 1 34 ? -15.489 13.706  7.885   1.00 15.49 ? 92  LEU A CG  1 
ATOM   206  C  CD1 . LEU A 1 34 ? -14.515 13.630  6.730   1.00 18.39 ? 92  LEU A CD1 1 
ATOM   207  C  CD2 . LEU A 1 34 ? -16.931 13.893  7.398   1.00 20.29 ? 92  LEU A CD2 1 
ATOM   208  N  N   . LYS A 1 35 ? -14.026 13.492  11.332  1.00 15.25 ? 93  LYS A N   1 
ATOM   209  C  CA  . LYS A 1 35 ? -13.532 14.565  12.181  1.00 16.48 ? 93  LYS A CA  1 
ATOM   210  C  C   . LYS A 1 35 ? -12.014 14.552  12.313  1.00 14.66 ? 93  LYS A C   1 
ATOM   211  O  O   . LYS A 1 35 ? -11.382 15.593  12.166  1.00 12.02 ? 93  LYS A O   1 
ATOM   212  C  CB  . LYS A 1 35 ? -14.194 14.534  13.565  1.00 20.05 ? 93  LYS A CB  1 
ATOM   213  C  CG  . LYS A 1 35 ? -13.629 15.514  14.561  1.00 24.74 ? 93  LYS A CG  1 
ATOM   214  C  CD  . LYS A 1 35 ? -14.449 15.467  15.862  1.00 34.83 ? 93  LYS A CD  1 
ATOM   215  C  CE  . LYS A 1 35 ? -14.023 16.544  16.840  1.00 37.75 ? 93  LYS A CE  1 
ATOM   216  N  NZ  . LYS A 1 35 ? -12.852 16.080  17.637  1.00 41.48 ? 93  LYS A NZ  1 
ATOM   217  N  N   . ARG A 1 36 ? -11.424 13.386  12.575  1.00 12.86 ? 94  ARG A N   1 
ATOM   218  C  CA  . ARG A 1 36 ? -9.987  13.301  12.727  1.00 15.17 ? 94  ARG A CA  1 
ATOM   219  C  C   . ARG A 1 36 ? -9.283  13.618  11.393  1.00 13.58 ? 94  ARG A C   1 
ATOM   220  O  O   . ARG A 1 36 ? -8.302  14.337  11.375  1.00 11.90 ? 94  ARG A O   1 
ATOM   221  C  CB  . ARG A 1 36 ? -9.588  11.936  13.264  1.00 13.42 ? 94  ARG A CB  1 
ATOM   222  C  CG  . ARG A 1 36 ? -8.132  11.561  13.157  1.00 23.77 ? 94  ARG A CG  1 
ATOM   223  C  CD  . ARG A 1 36 ? -7.164  12.431  13.911  1.00 30.04 ? 94  ARG A CD  1 
ATOM   224  N  NE  . ARG A 1 36 ? -5.774  11.910  13.824  1.00 29.69 ? 94  ARG A NE  1 
ATOM   225  C  CZ  . ARG A 1 36 ? -4.662  12.673  14.023  1.00 33.72 ? 94  ARG A CZ  1 
ATOM   226  N  NH1 . ARG A 1 36 ? -4.786  13.963  14.303  1.00 32.49 ? 94  ARG A NH1 1 
ATOM   227  N  NH2 . ARG A 1 36 ? -3.428  12.132  13.942  1.00 35.46 ? 94  ARG A NH2 1 
ATOM   228  N  N   . VAL A 1 37 ? -9.861  13.168  10.275  1.00 12.98 ? 95  VAL A N   1 
ATOM   229  C  CA  . VAL A 1 37 ? -9.283  13.430  8.967   1.00 14.56 ? 95  VAL A CA  1 
ATOM   230  C  C   . VAL A 1 37 ? -9.238  14.937  8.717   1.00 14.56 ? 95  VAL A C   1 
ATOM   231  O  O   . VAL A 1 37 ? -8.239  15.456  8.230   1.00 14.03 ? 95  VAL A O   1 
ATOM   232  C  CB  . VAL A 1 37 ? -10.068 12.719  7.841   1.00 15.03 ? 95  VAL A CB  1 
ATOM   233  C  CG1 . VAL A 1 37 ? -9.533  13.125  6.477   1.00 22.79 ? 95  VAL A CG1 1 
ATOM   234  C  CG2 . VAL A 1 37 ? -9.923  11.281  7.962   1.00 17.61 ? 95  VAL A CG2 1 
ATOM   235  N  N   . LEU A 1 38 ? -10.305 15.652  9.061   1.00 10.40 ? 96  LEU A N   1 
ATOM   236  C  CA  . LEU A 1 38 ? -10.329 17.090  8.871   1.00 13.18 ? 96  LEU A CA  1 
ATOM   237  C  C   . LEU A 1 38 ? -9.407  17.872  9.818   1.00 14.20 ? 96  LEU A C   1 
ATOM   238  O  O   . LEU A 1 38 ? -8.976  18.977  9.512   1.00 14.04 ? 96  LEU A O   1 
ATOM   239  C  CB  . LEU A 1 38 ? -11.760 17.647  8.981   1.00 17.38 ? 96  LEU A CB  1 
ATOM   240  C  CG  . LEU A 1 38 ? -12.667 17.008  7.942   1.00 17.92 ? 96  LEU A CG  1 
ATOM   241  C  CD1 . LEU A 1 38 ? -14.130 17.453  8.130   1.00 22.58 ? 96  LEU A CD1 1 
ATOM   242  C  CD2 . LEU A 1 38 ? -12.166 17.289  6.523   1.00 24.28 ? 96  LEU A CD2 1 
ATOM   243  N  N   . GLU A 1 39 ? -9.135  17.312  10.971  1.00 12.49 ? 97  GLU A N   1 
ATOM   244  C  CA  . GLU A 1 39 ? -8.290  17.967  11.964  1.00 14.13 ? 97  GLU A CA  1 
ATOM   245  C  C   . GLU A 1 39 ? -6.826  17.671  11.833  1.00 12.85 ? 97  GLU A C   1 
ATOM   246  O  O   . GLU A 1 39 ? -6.001  18.271  12.551  1.00 16.66 ? 97  GLU A O   1 
ATOM   247  C  CB  . GLU A 1 39 ? -8.738  17.529  13.367  1.00 16.85 ? 97  GLU A CB  1 
ATOM   248  C  CG  . GLU A 1 39 ? -10.051 18.176  13.773  1.00 17.99 ? 97  GLU A CG  1 
ATOM   249  C  CD  . GLU A 1 39 ? -10.574 17.659  15.096  1.00 26.61 ? 97  GLU A CD  1 
ATOM   250  O  OE1 . GLU A 1 39 ? -10.081 16.604  15.596  1.00 33.04 ? 97  GLU A OE1 1 
ATOM   251  O  OE2 . GLU A 1 39 ? -11.521 18.302  15.598  1.00 30.31 ? 97  GLU A OE2 1 
HETATM 252  N  N   . MSE A 1 40 ? -6.440  16.705  11.009  1.00 10.96 ? 98  MSE A N   1 
HETATM 253  C  CA  . MSE A 1 40 ? -5.028  16.430  10.864  1.00 11.40 ? 98  MSE A CA  1 
HETATM 254  C  C   . MSE A 1 40 ? -4.266  17.606  10.295  1.00 11.31 ? 98  MSE A C   1 
HETATM 255  O  O   . MSE A 1 40 ? -4.792  18.373  9.483   1.00 11.72 ? 98  MSE A O   1 
HETATM 256  C  CB  . MSE A 1 40 ? -4.804  15.200  9.971   1.00 12.19 ? 98  MSE A CB  1 
HETATM 257  C  CG  . MSE A 1 40 ? -5.364  14.010  10.604  1.00 20.96 ? 98  MSE A CG  1 
HETATM 258  SE SE  . MSE A 1 40 ? -4.700  12.445  9.626   1.00 30.81 ? 98  MSE A SE  1 
HETATM 259  C  CE  . MSE A 1 40 ? -5.339  12.741  8.046   1.00 17.15 ? 98  MSE A CE  1 
ATOM   260  N  N   . ILE A 1 41 ? -3.014  17.711  10.697  1.00 10.24 ? 99  ILE A N   1 
ATOM   261  C  CA  . ILE A 1 41 ? -2.119  18.795  10.297  1.00 10.16 ? 99  ILE A CA  1 
ATOM   262  C  C   . ILE A 1 41 ? -0.754  18.244  9.854   1.00 10.09 ? 99  ILE A C   1 
ATOM   263  O  O   . ILE A 1 41 ? -0.467  17.077  10.035  1.00 10.26 ? 99  ILE A O   1 
ATOM   264  C  CB  . ILE A 1 41 ? -1.957  19.800  11.488  1.00 10.22 ? 99  ILE A CB  1 
ATOM   265  C  CG1 . ILE A 1 41 ? -1.347  19.124  12.723  1.00 11.10 ? 99  ILE A CG1 1 
ATOM   266  C  CG2 . ILE A 1 41 ? -3.281  20.429  11.794  1.00 13.35 ? 99  ILE A CG2 1 
ATOM   267  C  CD1 . ILE A 1 41 ? -0.768  20.134  13.733  1.00 15.21 ? 99  ILE A CD1 1 
ATOM   268  N  N   . HIS A 1 42 ? 0.074   19.085  9.248   1.00 11.56 ? 100 HIS A N   1 
ATOM   269  C  CA  . HIS A 1 42 ? 1.483   18.747  9.028   1.00 14.67 ? 100 HIS A CA  1 
ATOM   270  C  C   . HIS A 1 42 ? 2.071   18.312  10.356  1.00 12.23 ? 100 HIS A C   1 
ATOM   271  O  O   . HIS A 1 42 ? 1.876   18.988  11.385  1.00 11.25 ? 100 HIS A O   1 
ATOM   272  C  CB  . HIS A 1 42 ? 2.252   19.949  8.498   1.00 14.46 ? 100 HIS A CB  1 
ATOM   273  C  CG  . HIS A 1 42 ? 1.901   20.294  7.092   1.00 24.35 ? 100 HIS A CG  1 
ATOM   274  N  ND1 . HIS A 1 42 ? 0.885   21.173  6.769   1.00 33.65 ? 100 HIS A ND1 1 
ATOM   275  C  CD2 . HIS A 1 42 ? 2.393   19.840  5.914   1.00 25.83 ? 100 HIS A CD2 1 
ATOM   276  C  CE1 . HIS A 1 42 ? 0.771   21.251  5.453   1.00 24.79 ? 100 HIS A CE1 1 
ATOM   277  N  NE2 . HIS A 1 42 ? 1.674   20.455  4.909   1.00 30.34 ? 100 HIS A NE2 1 
ATOM   278  N  N   . GLY A 1 43 ? 2.769   17.178  10.337  1.00 12.19 ? 101 GLY A N   1 
ATOM   279  C  CA  . GLY A 1 43 ? 3.277   16.544  11.545  1.00 12.94 ? 101 GLY A CA  1 
ATOM   280  C  C   . GLY A 1 43 ? 2.377   15.530  12.259  1.00 10.59 ? 101 GLY A C   1 
ATOM   281  O  O   . GLY A 1 43 ? 2.846   14.808  13.083  1.00 11.54 ? 101 GLY A O   1 
ATOM   282  N  N   . SER A 1 44 ? 1.106   15.418  11.905  1.00 9.58  ? 102 SER A N   1 
ATOM   283  C  CA  . SER A 1 44 ? 0.216   14.546  12.589  1.00 9.85  ? 102 SER A CA  1 
ATOM   284  C  C   . SER A 1 44 ? 0.726   13.147  12.436  1.00 13.38 ? 102 SER A C   1 
ATOM   285  O  O   . SER A 1 44 ? 1.302   12.792  11.409  1.00 12.05 ? 102 SER A O   1 
ATOM   286  C  CB  . SER A 1 44 ? -1.188  14.563  12.018  1.00 12.73 ? 102 SER A CB  1 
ATOM   287  O  OG  . SER A 1 44 ? -1.926  15.668  12.446  1.00 10.30 ? 102 SER A OG  1 
ATOM   288  N  N   . ILE A 1 45 ? 0.507   12.350  13.461  1.00 12.81 ? 103 ILE A N   1 
ATOM   289  C  CA  . ILE A 1 45 ? 1.021   10.991  13.452  1.00 14.62 ? 103 ILE A CA  1 
ATOM   290  C  C   . ILE A 1 45 ? -0.154  10.021  13.438  1.00 16.90 ? 103 ILE A C   1 
ATOM   291  O  O   . ILE A 1 45 ? -1.116  10.125  14.245  1.00 13.57 ? 103 ILE A O   1 
ATOM   292  C  CB  . ILE A 1 45 ? 2.000   10.787  14.602  1.00 17.84 ? 103 ILE A CB  1 
ATOM   293  C  CG1 . ILE A 1 45 ? 3.345   11.411  14.171  1.00 20.88 ? 103 ILE A CG1 1 
ATOM   294  C  CG2 . ILE A 1 45 ? 2.174   9.268   14.864  1.00 22.10 ? 103 ILE A CG2 1 
ATOM   295  C  CD1 . ILE A 1 45 ? 4.315   11.560  15.187  1.00 26.58 ? 103 ILE A CD1 1 
ATOM   296  N  N   . ILE A 1 46 ? -0.098  9.111   12.481  1.00 14.35 ? 104 ILE A N   1 
ATOM   297  C  CA  . ILE A 1 46 ? -1.127  8.087   12.279  1.00 14.98 ? 104 ILE A CA  1 
ATOM   298  C  C   . ILE A 1 46 ? -0.500  6.725   12.568  1.00 14.94 ? 104 ILE A C   1 
ATOM   299  O  O   . ILE A 1 46 ? 0.444   6.301   11.896  1.00 14.91 ? 104 ILE A O   1 
ATOM   300  C  CB  . ILE A 1 46 ? -1.656  8.105   10.841  1.00 14.82 ? 104 ILE A CB  1 
ATOM   301  C  CG1 . ILE A 1 46 ? -2.223  9.496   10.469  1.00 22.36 ? 104 ILE A CG1 1 
ATOM   302  C  CG2 . ILE A 1 46 ? -2.676  6.943   10.594  1.00 17.61 ? 104 ILE A CG2 1 
ATOM   303  C  CD1 . ILE A 1 46 ? -2.537  9.606   9.006   1.00 25.75 ? 104 ILE A CD1 1 
ATOM   304  N  N   . GLU A 1 47 ? -1.011  6.038   13.572  1.00 13.83 ? 105 GLU A N   1 
ATOM   305  C  CA  . GLU A 1 47 ? -0.486  4.701   13.907  1.00 13.52 ? 105 GLU A CA  1 
ATOM   306  C  C   . GLU A 1 47 ? -1.242  3.644   13.123  1.00 13.12 ? 105 GLU A C   1 
ATOM   307  O  O   . GLU A 1 47 ? -2.470  3.718   12.929  1.00 13.86 ? 105 GLU A O   1 
ATOM   308  C  CB  . GLU A 1 47 ? -0.608  4.479   15.406  1.00 13.87 ? 105 GLU A CB  1 
ATOM   309  C  CG  . GLU A 1 47 ? 0.042   3.221   15.902  1.00 23.74 ? 105 GLU A CG  1 
ATOM   310  C  CD  . GLU A 1 47 ? 0.003   3.152   17.429  1.00 36.55 ? 105 GLU A CD  1 
ATOM   311  O  OE1 . GLU A 1 47 ? -0.052  4.236   18.095  1.00 31.36 ? 105 GLU A OE1 1 
ATOM   312  O  OE2 . GLU A 1 47 ? 0.010   2.021   17.944  1.00 32.83 ? 105 GLU A OE2 1 
ATOM   313  N  N   . LEU A 1 48 ? -0.509  2.651   12.631  1.00 12.32 ? 106 LEU A N   1 
ATOM   314  C  CA  . LEU A 1 48 ? -1.067  1.612   11.805  1.00 11.88 ? 106 LEU A CA  1 
ATOM   315  C  C   . LEU A 1 48 ? -1.092  0.239   12.518  1.00 15.39 ? 106 LEU A C   1 
ATOM   316  O  O   . LEU A 1 48 ? -0.457  0.028   13.555  1.00 13.37 ? 106 LEU A O   1 
ATOM   317  C  CB  . LEU A 1 48 ? -0.251  1.498   10.530  1.00 13.44 ? 106 LEU A CB  1 
ATOM   318  C  CG  . LEU A 1 48 ? -0.104  2.763   9.698   1.00 14.42 ? 106 LEU A CG  1 
ATOM   319  C  CD1 . LEU A 1 48 ? 0.992   2.502   8.626   1.00 15.82 ? 106 LEU A CD1 1 
ATOM   320  C  CD2 . LEU A 1 48 ? -1.434  3.153   9.122   1.00 13.41 ? 106 LEU A CD2 1 
ATOM   321  N  N   . ASP A 1 49 ? -1.853  -0.669  11.936  1.00 12.96 ? 107 ASP A N   1 
ATOM   322  C  CA  . ASP A 1 49 ? -2.088  -1.979  12.478  1.00 15.53 ? 107 ASP A CA  1 
ATOM   323  C  C   . ASP A 1 49 ? -0.948  -2.950  12.253  1.00 20.36 ? 107 ASP A C   1 
ATOM   324  O  O   . ASP A 1 49 ? -1.018  -4.054  12.711  1.00 30.11 ? 107 ASP A O   1 
ATOM   325  C  CB  . ASP A 1 49 ? -3.434  -2.561  11.945  1.00 16.43 ? 107 ASP A CB  1 
ATOM   326  C  CG  . ASP A 1 49 ? -3.458  -2.852  10.382  1.00 30.68 ? 107 ASP A CG  1 
ATOM   327  O  OD1 . ASP A 1 49 ? -2.465  -2.659  9.593   1.00 24.68 ? 107 ASP A OD1 1 
ATOM   328  O  OD2 . ASP A 1 49 ? -4.524  -3.311  9.852   1.00 35.34 ? 107 ASP A OD2 1 
ATOM   329  N  N   . LYS A 1 50 ? 0.134   -2.500  11.675  1.00 16.88 ? 108 LYS A N   1 
ATOM   330  C  CA  . LYS A 1 50 ? 1.298   -3.347  11.415  1.00 13.23 ? 108 LYS A CA  1 
ATOM   331  C  C   . LYS A 1 50 ? 2.371   -3.227  12.517  1.00 14.16 ? 108 LYS A C   1 
ATOM   332  O  O   . LYS A 1 50 ? 2.674   -2.145  12.998  1.00 13.00 ? 108 LYS A O   1 
ATOM   333  C  CB  . LYS A 1 50 ? 1.859   -2.972  10.052  1.00 14.07 ? 108 LYS A CB  1 
ATOM   334  C  CG  . LYS A 1 50 ? 2.918   -4.014  9.521   1.00 20.67 ? 108 LYS A CG  1 
ATOM   335  C  CD  . LYS A 1 50 ? 3.428   -3.730  8.097   1.00 31.58 ? 108 LYS A CD  1 
ATOM   336  C  CE  . LYS A 1 50 ? 2.336   -4.013  7.037   1.00 30.75 ? 108 LYS A CE  1 
ATOM   337  N  NZ  . LYS A 1 50 ? 1.858   -5.401  7.068   1.00 20.69 ? 108 LYS A NZ  1 
ATOM   338  N  N   . LEU A 1 51 ? 2.911   -4.368  12.935  1.00 11.79 ? 109 LEU A N   1 
ATOM   339  C  CA  . LEU A 1 51 ? 3.902   -4.427  13.974  1.00 12.09 ? 109 LEU A CA  1 
ATOM   340  C  C   . LEU A 1 51 ? 5.303   -4.467  13.399  1.00 12.64 ? 109 LEU A C   1 
ATOM   341  O  O   . LEU A 1 51 ? 5.544   -5.035  12.345  1.00 15.42 ? 109 LEU A O   1 
ATOM   342  C  CB  . LEU A 1 51 ? 3.693   -5.668  14.893  1.00 12.86 ? 109 LEU A CB  1 
ATOM   343  C  CG  . LEU A 1 51 ? 2.307   -5.780  15.549  1.00 17.21 ? 109 LEU A CG  1 
ATOM   344  C  CD1 . LEU A 1 51 ? 2.003   -7.187  16.061  1.00 16.60 ? 109 LEU A CD1 1 
ATOM   345  C  CD2 . LEU A 1 51 ? 2.122   -4.788  16.634  1.00 19.46 ? 109 LEU A CD2 1 
ATOM   346  N  N   . THR A 1 52 ? 6.254   -3.944  14.170  1.00 15.21 ? 110 THR A N   1 
ATOM   347  C  CA  . THR A 1 52 ? 7.649   -4.084  13.787  1.00 17.00 ? 110 THR A CA  1 
ATOM   348  C  C   . THR A 1 52 ? 7.969   -5.582  13.866  1.00 18.14 ? 110 THR A C   1 
ATOM   349  O  O   . THR A 1 52 ? 7.536   -6.340  14.773  1.00 19.38 ? 110 THR A O   1 
ATOM   350  C  CB  . THR A 1 52 ? 8.609   -3.262  14.663  1.00 14.88 ? 110 THR A CB  1 
ATOM   351  O  OG1 . THR A 1 52 ? 8.406   -3.586  16.034  1.00 18.42 ? 110 THR A OG1 1 
ATOM   352  C  CG2 . THR A 1 52 ? 8.316   -1.779  14.542  1.00 25.39 ? 110 THR A CG2 1 
ATOM   353  N  N   . GLY A 1 53 ? 8.713   -6.024  12.891  1.00 17.66 ? 111 GLY A N   1 
ATOM   354  C  CA  . GLY A 1 53 ? 8.938   -7.437  12.742  1.00 15.62 ? 111 GLY A CA  1 
ATOM   355  C  C   . GLY A 1 53 ? 8.050   -8.065  11.686  1.00 14.83 ? 111 GLY A C   1 
ATOM   356  O  O   . GLY A 1 53 ? 8.310   -9.196  11.299  1.00 14.96 ? 111 GLY A O   1 
ATOM   357  N  N   . GLU A 1 54 ? 7.027   -7.347  11.208  1.00 12.63 ? 112 GLU A N   1 
ATOM   358  C  CA  . GLU A 1 54 ? 6.168   -7.882  10.145  1.00 15.42 ? 112 GLU A CA  1 
ATOM   359  C  C   . GLU A 1 54 ? 6.543   -7.362  8.783   1.00 15.56 ? 112 GLU A C   1 
ATOM   360  O  O   . GLU A 1 54 ? 7.073   -6.252  8.663   1.00 16.07 ? 112 GLU A O   1 
ATOM   361  C  CB  . GLU A 1 54 ? 4.728   -7.551  10.389  1.00 15.54 ? 112 GLU A CB  1 
ATOM   362  C  CG  . GLU A 1 54 ? 4.138   -8.186  11.632  1.00 19.55 ? 112 GLU A CG  1 
ATOM   363  C  CD  . GLU A 1 54 ? 2.630   -8.070  11.614  1.00 24.23 ? 112 GLU A CD  1 
ATOM   364  O  OE1 . GLU A 1 54 ? 2.143   -6.938  11.843  1.00 13.53 ? 112 GLU A OE1 1 
ATOM   365  O  OE2 . GLU A 1 54 ? 1.933   -9.086  11.369  1.00 20.34 ? 112 GLU A OE2 1 
ATOM   366  N  N   . PRO A 1 55 ? 6.273   -8.153  7.744   1.00 12.16 ? 113 PRO A N   1 
ATOM   367  C  CA  . PRO A 1 55 ? 6.547   -7.736  6.371   1.00 14.26 ? 113 PRO A CA  1 
ATOM   368  C  C   . PRO A 1 55 ? 5.453   -6.800  5.827   1.00 14.33 ? 113 PRO A C   1 
ATOM   369  O  O   . PRO A 1 55 ? 4.390   -6.686  6.450   1.00 18.72 ? 113 PRO A O   1 
ATOM   370  C  CB  . PRO A 1 55 ? 6.509   -9.074  5.611   1.00 15.69 ? 113 PRO A CB  1 
ATOM   371  C  CG  . PRO A 1 55 ? 5.478   -9.883  6.367   1.00 13.51 ? 113 PRO A CG  1 
ATOM   372  C  CD  . PRO A 1 55 ? 5.717   -9.518  7.801   1.00 15.29 ? 113 PRO A CD  1 
ATOM   373  N  N   . VAL A 1 56 ? 5.729   -6.121  4.726   1.00 13.05 ? 114 VAL A N   1 
ATOM   374  C  CA  . VAL A 1 56 ? 4.736   -5.268  4.070   1.00 13.51 ? 114 VAL A CA  1 
ATOM   375  C  C   . VAL A 1 56 ? 3.846   -6.144  3.216   1.00 12.16 ? 114 VAL A C   1 
ATOM   376  O  O   . VAL A 1 56 ? 4.226   -7.274  2.851   1.00 13.95 ? 114 VAL A O   1 
ATOM   377  C  CB  . VAL A 1 56 ? 5.361   -4.155  3.202   1.00 13.03 ? 114 VAL A CB  1 
ATOM   378  C  CG1 . VAL A 1 56 ? 6.172   -3.234  4.096   1.00 22.23 ? 114 VAL A CG1 1 
ATOM   379  C  CG2 . VAL A 1 56 ? 6.161   -4.693  2.056   1.00 20.48 ? 114 VAL A CG2 1 
ATOM   380  N  N   . ASP A 1 57 ? 2.659   -5.661  2.945   1.00 14.75 ? 115 ASP A N   1 
ATOM   381  C  CA  . ASP A 1 57 ? 1.701   -6.429  2.166   1.00 14.07 ? 115 ASP A CA  1 
ATOM   382  C  C   . ASP A 1 57 ? 1.737   -6.100  0.674   1.00 14.85 ? 115 ASP A C   1 
ATOM   383  O  O   . ASP A 1 57 ? 1.870   -4.940  0.293   1.00 16.33 ? 115 ASP A O   1 
ATOM   384  C  CB  . ASP A 1 57 ? 0.296   -6.166  2.670   1.00 15.08 ? 115 ASP A CB  1 
ATOM   385  C  CG  . ASP A 1 57 ? 0.181   -6.439  4.166   1.00 25.81 ? 115 ASP A CG  1 
ATOM   386  O  OD1 . ASP A 1 57 ? 0.527   -7.577  4.554   1.00 17.67 ? 115 ASP A OD1 1 
ATOM   387  O  OD2 . ASP A 1 57 ? -0.087  -5.556  5.010   1.00 22.25 ? 115 ASP A OD2 1 
ATOM   388  N  N   . ILE A 1 58 ? 1.529   -7.126  -0.154  1.00 14.62 ? 116 ILE A N   1 
ATOM   389  C  CA  . ILE A 1 58 ? 1.582   -6.956  -1.598  1.00 12.15 ? 116 ILE A CA  1 
ATOM   390  C  C   . ILE A 1 58 ? 0.273   -7.426  -2.169  1.00 12.31 ? 116 ILE A C   1 
ATOM   391  O  O   . ILE A 1 58 ? -0.071  -8.586  -2.010  1.00 13.15 ? 116 ILE A O   1 
ATOM   392  C  CB  . ILE A 1 58 ? 2.716   -7.808  -2.195  1.00 12.93 ? 116 ILE A CB  1 
ATOM   393  C  CG1 . ILE A 1 58 ? 4.063   -7.413  -1.577  1.00 15.38 ? 116 ILE A CG1 1 
ATOM   394  C  CG2 . ILE A 1 58 ? 2.748   -7.679  -3.707  1.00 15.02 ? 116 ILE A CG2 1 
ATOM   395  C  CD1 . ILE A 1 58 ? 5.089   -8.473  -1.732  1.00 20.28 ? 116 ILE A CD1 1 
ATOM   396  N  N   . LEU A 1 59 ? -0.483  -6.491  -2.741  1.00 12.11 ? 117 LEU A N   1 
ATOM   397  C  CA  . LEU A 1 59 ? -1.826  -6.762  -3.256  1.00 14.66 ? 117 LEU A CA  1 
ATOM   398  C  C   . LEU A 1 59 ? -1.812  -6.661  -4.778  1.00 15.39 ? 117 LEU A C   1 
ATOM   399  O  O   . LEU A 1 59 ? -1.150  -5.785  -5.348  1.00 17.69 ? 117 LEU A O   1 
ATOM   400  C  CB  . LEU A 1 59 ? -2.830  -5.766  -2.694  1.00 14.53 ? 117 LEU A CB  1 
ATOM   401  C  CG  . LEU A 1 59 ? -3.069  -5.927  -1.186  1.00 19.68 ? 117 LEU A CG  1 
ATOM   402  C  CD1 . LEU A 1 59 ? -2.008  -5.195  -0.385  1.00 23.27 ? 117 LEU A CD1 1 
ATOM   403  C  CD2 . LEU A 1 59 ? -4.463  -5.475  -0.825  1.00 25.14 ? 117 LEU A CD2 1 
ATOM   404  N  N   . VAL A 1 60 ? -2.588  -7.525  -5.414  1.00 15.69 ? 118 VAL A N   1 
ATOM   405  C  CA  . VAL A 1 60 ? -2.715  -7.512  -6.851  1.00 14.31 ? 118 VAL A CA  1 
ATOM   406  C  C   . VAL A 1 60 ? -4.193  -7.376  -7.116  1.00 16.19 ? 118 VAL A C   1 
ATOM   407  O  O   . VAL A 1 60 ? -4.984  -8.165  -6.604  1.00 16.43 ? 118 VAL A O   1 
ATOM   408  C  CB  . VAL A 1 60 ? -2.071  -8.752  -7.502  1.00 16.91 ? 118 VAL A CB  1 
ATOM   409  C  CG1 . VAL A 1 60 ? -2.247  -8.689  -9.033  1.00 21.79 ? 118 VAL A CG1 1 
ATOM   410  C  CG2 . VAL A 1 60 ? -0.606  -8.803  -7.187  1.00 18.90 ? 118 VAL A CG2 1 
ATOM   411  N  N   . ASN A 1 61 ? -4.578  -6.325  -7.858  1.00 15.88 ? 119 ASN A N   1 
ATOM   412  C  CA  . ASN A 1 61 ? -5.974  -5.939  -7.995  1.00 19.96 ? 119 ASN A CA  1 
ATOM   413  C  C   . ASN A 1 61 ? -6.734  -6.065  -6.676  1.00 19.11 ? 119 ASN A C   1 
ATOM   414  O  O   . ASN A 1 61 ? -7.827  -6.614  -6.630  1.00 19.11 ? 119 ASN A O   1 
ATOM   415  C  CB  . ASN A 1 61 ? -6.658  -6.767  -9.094  1.00 19.96 ? 119 ASN A CB  1 
ATOM   416  C  CG  . ASN A 1 61 ? -6.138  -6.469  -10.475 1.00 26.66 ? 119 ASN A CG  1 
ATOM   417  O  OD1 . ASN A 1 61 ? -5.326  -5.577  -10.686 1.00 25.33 ? 119 ASN A OD1 1 
ATOM   418  N  ND2 . ASN A 1 61 ? -6.624  -7.231  -11.446 1.00 25.47 ? 119 ASN A ND2 1 
ATOM   419  N  N   . GLY A 1 62 ? -6.136  -5.583  -5.592  1.00 20.19 ? 120 GLY A N   1 
ATOM   420  C  CA  . GLY A 1 62 ? -6.810  -5.556  -4.298  1.00 19.53 ? 120 GLY A CA  1 
ATOM   421  C  C   . GLY A 1 62 ? -6.789  -6.836  -3.485  1.00 19.60 ? 120 GLY A C   1 
ATOM   422  O  O   . GLY A 1 62 ? -7.349  -6.872  -2.411  1.00 20.73 ? 120 GLY A O   1 
ATOM   423  N  N   . LYS A 1 63 ? -6.154  -7.888  -3.992  1.00 18.61 ? 121 LYS A N   1 
ATOM   424  C  CA  . LYS A 1 63 ? -6.109  -9.190  -3.308  1.00 17.93 ? 121 LYS A CA  1 
ATOM   425  C  C   . LYS A 1 63 ? -4.713  -9.409  -2.736  1.00 15.93 ? 121 LYS A C   1 
ATOM   426  O  O   . LYS A 1 63 ? -3.737  -9.217  -3.421  1.00 13.13 ? 121 LYS A O   1 
ATOM   427  C  CB  . LYS A 1 63 ? -6.415  -10.323 -4.308  1.00 19.00 ? 121 LYS A CB  1 
ATOM   428  C  CG  . LYS A 1 63 ? -7.777  -10.210 -4.983  1.00 24.25 ? 121 LYS A CG  1 
ATOM   429  C  CD  . LYS A 1 63 ? -8.926  -10.541 -4.039  1.00 28.80 ? 121 LYS A CD  1 
ATOM   430  C  CE  . LYS A 1 63 ? -10.286 -10.395 -4.782  1.00 43.06 ? 121 LYS A CE  1 
ATOM   431  N  NZ  . LYS A 1 63 ? -11.470 -10.422 -3.850  1.00 46.18 ? 121 LYS A NZ  1 
ATOM   432  N  N   . LEU A 1 64 ? -4.625  -9.800  -1.477  1.00 15.78 ? 122 LEU A N   1 
ATOM   433  C  CA  . LEU A 1 64 ? -3.346  -10.056 -0.838  1.00 17.42 ? 122 LEU A CA  1 
ATOM   434  C  C   . LEU A 1 64 ? -2.792  -11.358 -1.365  1.00 17.18 ? 122 LEU A C   1 
ATOM   435  O  O   . LEU A 1 64 ? -3.395  -12.411 -1.176  1.00 16.63 ? 122 LEU A O   1 
ATOM   436  C  CB  . LEU A 1 64 ? -3.524  -10.141 0.672   1.00 18.04 ? 122 LEU A CB  1 
ATOM   437  C  CG  . LEU A 1 64 ? -2.267  -10.446 1.457   1.00 17.25 ? 122 LEU A CG  1 
ATOM   438  C  CD1 . LEU A 1 64 ? -1.326  -9.267  1.430   1.00 16.14 ? 122 LEU A CD1 1 
ATOM   439  C  CD2 . LEU A 1 64 ? -2.668  -10.850 2.876   1.00 21.76 ? 122 LEU A CD2 1 
ATOM   440  N  N   . ILE A 1 65 ? -1.687  -11.308 -2.095  1.00 14.27 ? 123 ILE A N   1 
ATOM   441  C  CA  . ILE A 1 65 ? -1.093  -12.574 -2.561  1.00 15.64 ? 123 ILE A CA  1 
ATOM   442  C  C   . ILE A 1 65 ? 0.293   -12.838 -1.994  1.00 16.50 ? 123 ILE A C   1 
ATOM   443  O  O   . ILE A 1 65 ? 0.806   -13.953 -2.100  1.00 17.69 ? 123 ILE A O   1 
ATOM   444  C  CB  . ILE A 1 65 ? -1.049  -12.669 -4.075  1.00 19.06 ? 123 ILE A CB  1 
ATOM   445  C  CG1 . ILE A 1 65 ? -0.181  -11.601 -4.669  1.00 19.01 ? 123 ILE A CG1 1 
ATOM   446  C  CG2 . ILE A 1 65 ? -2.464  -12.629 -4.735  1.00 21.35 ? 123 ILE A CG2 1 
ATOM   447  C  CD1 . ILE A 1 65 ? 0.589   -12.142 -5.830  1.00 32.53 ? 123 ILE A CD1 1 
ATOM   448  N  N   . ALA A 1 66 ? 0.901   -11.825 -1.405  1.00 13.63 ? 124 ALA A N   1 
ATOM   449  C  CA  . ALA A 1 66 ? 2.282   -11.926 -0.957  1.00 13.98 ? 124 ALA A CA  1 
ATOM   450  C  C   . ALA A 1 66 ? 2.608   -10.888 0.102   1.00 15.13 ? 124 ALA A C   1 
ATOM   451  O  O   . ALA A 1 66 ? 1.843   -9.945  0.334   1.00 13.53 ? 124 ALA A O   1 
ATOM   452  C  CB  . ALA A 1 66 ? 3.219   -11.789 -2.141  1.00 15.76 ? 124 ALA A CB  1 
ATOM   453  N  N   . ARG A 1 67 ? 3.713   -11.112 0.788   1.00 12.77 ? 125 ARG A N   1 
ATOM   454  C  CA  . ARG A 1 67 ? 4.280   -10.117 1.712   1.00 14.81 ? 125 ARG A CA  1 
ATOM   455  C  C   . ARG A 1 67 ? 5.775   -10.056 1.476   1.00 14.69 ? 125 ARG A C   1 
ATOM   456  O  O   . ARG A 1 67 ? 6.349   -10.971 0.835   1.00 13.71 ? 125 ARG A O   1 
ATOM   457  C  CB  . ARG A 1 67 ? 3.928   -10.482 3.157   1.00 16.05 ? 125 ARG A CB  1 
ATOM   458  C  CG  . ARG A 1 67 ? 2.415   -10.524 3.429   1.00 19.50 ? 125 ARG A CG  1 
ATOM   459  C  CD  . ARG A 1 67 ? 1.951   -10.315 4.956   1.00 17.88 ? 125 ARG A CD  1 
ATOM   460  N  NE  . ARG A 1 67 ? 2.569   -11.326 5.768   1.00 29.47 ? 125 ARG A NE  1 
ATOM   461  C  CZ  . ARG A 1 67 ? 2.557   -11.333 7.097   1.00 31.80 ? 125 ARG A CZ  1 
ATOM   462  N  NH1 . ARG A 1 67 ? 1.931   -10.387 7.745   1.00 24.44 ? 125 ARG A NH1 1 
ATOM   463  N  NH2 . ARG A 1 67 ? 3.204   -12.280 7.763   1.00 30.20 ? 125 ARG A NH2 1 
ATOM   464  N  N   . GLY A 1 68 ? 6.415   -8.976  1.894   1.00 12.88 ? 126 GLY A N   1 
ATOM   465  C  CA  . GLY A 1 68 ? 7.821   -8.837  1.660   1.00 14.53 ? 126 GLY A CA  1 
ATOM   466  C  C   . GLY A 1 68 ? 8.515   -7.777  2.461   1.00 13.93 ? 126 GLY A C   1 
ATOM   467  O  O   . GLY A 1 68 ? 7.964   -7.182  3.389   1.00 15.03 ? 126 GLY A O   1 
ATOM   468  N  N   . GLU A 1 69 ? 9.761   -7.564  2.103   1.00 15.08 ? 127 GLU A N   1 
ATOM   469  C  CA  . GLU A 1 69 ? 10.610  -6.585  2.770   1.00 15.93 ? 127 GLU A CA  1 
ATOM   470  C  C   . GLU A 1 69 ? 11.054  -5.514  1.774   1.00 15.94 ? 127 GLU A C   1 
ATOM   471  O  O   . GLU A 1 69 ? 11.241  -5.758  0.589   1.00 13.59 ? 127 GLU A O   1 
ATOM   472  C  CB  . GLU A 1 69 ? 11.792  -7.276  3.454   1.00 19.06 ? 127 GLU A CB  1 
ATOM   473  C  CG  . GLU A 1 69 ? 12.712  -8.037  2.533   1.00 17.69 ? 127 GLU A CG  1 
ATOM   474  C  CD  . GLU A 1 69 ? 13.829  -8.803  3.260   1.00 17.90 ? 127 GLU A CD  1 
ATOM   475  O  OE1 . GLU A 1 69 ? 14.079  -8.511  4.455   1.00 20.32 ? 127 GLU A OE1 1 
ATOM   476  O  OE2 . GLU A 1 69 ? 14.465  -9.672  2.623   1.00 19.66 ? 127 GLU A OE2 1 
ATOM   477  N  N   . VAL A 1 70 ? 11.151  -4.286  2.261   1.00 15.62 ? 128 VAL A N   1 
ATOM   478  C  CA  . VAL A 1 70 ? 11.466  -3.122  1.435   1.00 15.18 ? 128 VAL A CA  1 
ATOM   479  C  C   . VAL A 1 70 ? 12.936  -3.119  1.060   1.00 19.17 ? 128 VAL A C   1 
ATOM   480  O  O   . VAL A 1 70 ? 13.798  -3.377  1.900   1.00 16.26 ? 128 VAL A O   1 
ATOM   481  C  CB  . VAL A 1 70 ? 11.072  -1.793  2.191   1.00 15.30 ? 128 VAL A CB  1 
ATOM   482  C  CG1 . VAL A 1 70 ? 11.275  -0.600  1.282   1.00 19.03 ? 128 VAL A CG1 1 
ATOM   483  C  CG2 . VAL A 1 70 ? 9.659   -1.864  2.628   1.00 20.37 ? 128 VAL A CG2 1 
ATOM   484  N  N   . VAL A 1 71 ? 13.209  -2.881  -0.225  1.00 16.70 ? 129 VAL A N   1 
ATOM   485  C  CA  . VAL A 1 71 ? 14.553  -2.724  -0.765  1.00 18.75 ? 129 VAL A CA  1 
ATOM   486  C  C   . VAL A 1 71 ? 14.629  -1.498  -1.677  1.00 18.25 ? 129 VAL A C   1 
ATOM   487  O  O   . VAL A 1 71 ? 13.626  -0.981  -2.127  1.00 21.25 ? 129 VAL A O   1 
ATOM   488  C  CB  . VAL A 1 71 ? 14.995  -3.979  -1.559  1.00 18.57 ? 129 VAL A CB  1 
ATOM   489  C  CG1 . VAL A 1 71 ? 15.007  -5.175  -0.658  1.00 23.07 ? 129 VAL A CG1 1 
ATOM   490  C  CG2 . VAL A 1 71 ? 14.041  -4.281  -2.719  1.00 21.40 ? 129 VAL A CG2 1 
ATOM   491  N  N   . VAL A 1 72 ? 15.844  -0.989  -1.857  1.00 18.47 ? 130 VAL A N   1 
ATOM   492  C  CA  . VAL A 1 72 ? 16.145  0.061   -2.824  1.00 17.19 ? 130 VAL A CA  1 
ATOM   493  C  C   . VAL A 1 72 ? 16.580  -0.618  -4.131  1.00 19.35 ? 130 VAL A C   1 
ATOM   494  O  O   . VAL A 1 72 ? 17.448  -1.486  -4.140  1.00 17.64 ? 130 VAL A O   1 
ATOM   495  C  CB  . VAL A 1 72 ? 17.263  0.951   -2.318  1.00 19.40 ? 130 VAL A CB  1 
ATOM   496  C  CG1 . VAL A 1 72 ? 17.738  1.913   -3.421  1.00 20.71 ? 130 VAL A CG1 1 
ATOM   497  C  CG2 . VAL A 1 72 ? 16.775  1.749   -1.092  1.00 24.82 ? 130 VAL A CG2 1 
ATOM   498  N  N   . ILE A 1 73 ? 15.941  -0.249  -5.232  1.00 17.36 ? 131 ILE A N   1 
ATOM   499  C  CA  . ILE A 1 73 ? 16.402  -0.645  -6.554  1.00 21.21 ? 131 ILE A CA  1 
ATOM   500  C  C   . ILE A 1 73 ? 16.617  0.594   -7.396  1.00 18.71 ? 131 ILE A C   1 
ATOM   501  O  O   . ILE A 1 73 ? 15.648  1.226   -7.824  1.00 16.63 ? 131 ILE A O   1 
ATOM   502  C  CB  . ILE A 1 73 ? 15.376  -1.578  -7.271  1.00 20.46 ? 131 ILE A CB  1 
ATOM   503  C  CG1 . ILE A 1 73 ? 14.975  -2.743  -6.376  1.00 28.62 ? 131 ILE A CG1 1 
ATOM   504  C  CG2 . ILE A 1 73 ? 15.937  -2.031  -8.577  1.00 31.41 ? 131 ILE A CG2 1 
ATOM   505  C  CD1 . ILE A 1 73 ? 16.078  -3.769  -6.135  1.00 32.59 ? 131 ILE A CD1 1 
ATOM   506  N  N   . ASP A 1 74 ? 17.883  0.884   -7.654  1.00 16.13 ? 132 ASP A N   1 
ATOM   507  C  CA  . ASP A 1 74 ? 18.363  2.090   -8.297  1.00 17.46 ? 132 ASP A CA  1 
ATOM   508  C  C   . ASP A 1 74 ? 17.813  3.288   -7.478  1.00 19.38 ? 132 ASP A C   1 
ATOM   509  O  O   . ASP A 1 74 ? 18.203  3.487   -6.343  1.00 21.47 ? 132 ASP A O   1 
ATOM   510  C  CB  . ASP A 1 74 ? 18.016  2.105   -9.778  1.00 21.69 ? 132 ASP A CB  1 
ATOM   511  C  CG  . ASP A 1 74 ? 18.723  3.240   -10.568 1.00 26.51 ? 132 ASP A CG  1 
ATOM   512  O  OD1 . ASP A 1 74 ? 19.597  3.964   -10.026 1.00 25.43 ? 132 ASP A OD1 1 
ATOM   513  O  OD2 . ASP A 1 74 ? 18.463  3.462   -11.771 1.00 29.09 ? 132 ASP A OD2 1 
ATOM   514  N  N   . GLU A 1 75 ? 16.910  4.047   -8.046  1.00 16.63 ? 133 GLU A N   1 
ATOM   515  C  CA  . GLU A 1 75 ? 16.374  5.238   -7.393  1.00 16.44 ? 133 GLU A CA  1 
ATOM   516  C  C   . GLU A 1 75 ? 15.010  4.999   -6.731  1.00 13.36 ? 133 GLU A C   1 
ATOM   517  O  O   . GLU A 1 75 ? 14.417  5.948   -6.191  1.00 16.08 ? 133 GLU A O   1 
ATOM   518  C  CB  . GLU A 1 75 ? 16.060  6.301   -8.457  1.00 22.14 ? 133 GLU A CB  1 
ATOM   519  C  CG  . GLU A 1 75 ? 17.172  6.907   -9.244  1.00 25.39 ? 133 GLU A CG  1 
ATOM   520  C  CD  . GLU A 1 75 ? 16.911  8.396   -9.415  1.00 37.22 ? 133 GLU A CD  1 
ATOM   521  O  OE1 . GLU A 1 75 ? 15.972  8.815   -10.218 1.00 15.60 ? 133 GLU A OE1 1 
ATOM   522  O  OE2 . GLU A 1 75 ? 17.643  9.126   -8.694  1.00 26.41 ? 133 GLU A OE2 1 
ATOM   523  N  N   . ASN A 1 76 ? 14.480  3.805   -6.894  1.00 13.48 ? 134 ASN A N   1 
ATOM   524  C  CA  . ASN A 1 76 ? 13.108  3.512   -6.512  1.00 15.25 ? 134 ASN A CA  1 
ATOM   525  C  C   . ASN A 1 76 ? 13.001  2.551   -5.329  1.00 15.80 ? 134 ASN A C   1 
ATOM   526  O  O   . ASN A 1 76 ? 13.860  1.678   -5.116  1.00 17.82 ? 134 ASN A O   1 
ATOM   527  C  CB  . ASN A 1 76 ? 12.368  2.942   -7.702  1.00 15.84 ? 134 ASN A CB  1 
ATOM   528  C  CG  . ASN A 1 76 ? 12.088  3.990   -8.760  1.00 20.06 ? 134 ASN A CG  1 
ATOM   529  O  OD1 . ASN A 1 76 ? 12.978  4.463   -9.426  1.00 26.00 ? 134 ASN A OD1 1 
ATOM   530  N  ND2 . ASN A 1 76 ? 10.865  4.348   -8.900  1.00 18.88 ? 134 ASN A ND2 1 
ATOM   531  N  N   . PHE A 1 77 ? 11.952  2.722   -4.541  1.00 15.39 ? 135 PHE A N   1 
ATOM   532  C  CA  . PHE A 1 77 ? 11.579  1.650   -3.654  1.00 16.66 ? 135 PHE A CA  1 
ATOM   533  C  C   . PHE A 1 77 ? 11.201  0.376   -4.413  1.00 17.76 ? 135 PHE A C   1 
ATOM   534  O  O   . PHE A 1 77 ? 10.586  0.399   -5.469  1.00 16.70 ? 135 PHE A O   1 
ATOM   535  C  CB  . PHE A 1 77 ? 10.436  2.052   -2.742  1.00 18.17 ? 135 PHE A CB  1 
ATOM   536  C  CG  . PHE A 1 77 ? 10.862  2.993   -1.665  1.00 25.04 ? 135 PHE A CG  1 
ATOM   537  C  CD1 . PHE A 1 77 ? 11.914  2.646   -0.799  1.00 28.64 ? 135 PHE A CD1 1 
ATOM   538  C  CD2 . PHE A 1 77 ? 10.282  4.244   -1.568  1.00 28.45 ? 135 PHE A CD2 1 
ATOM   539  C  CE1 . PHE A 1 77 ? 12.347  3.549   0.191   1.00 29.15 ? 135 PHE A CE1 1 
ATOM   540  C  CE2 . PHE A 1 77 ? 10.673  5.126   -0.600  1.00 29.79 ? 135 PHE A CE2 1 
ATOM   541  C  CZ  . PHE A 1 77 ? 11.717  4.789   0.276   1.00 28.80 ? 135 PHE A CZ  1 
ATOM   542  N  N   . GLY A 1 78 ? 11.505  -0.747  -3.796  1.00 18.48 ? 136 GLY A N   1 
ATOM   543  C  CA  . GLY A 1 78 ? 10.960  -2.015  -4.234  1.00 19.82 ? 136 GLY A CA  1 
ATOM   544  C  C   . GLY A 1 78 ? 10.644  -2.914  -3.046  1.00 19.34 ? 136 GLY A C   1 
ATOM   545  O  O   . GLY A 1 78 ? 10.856  -2.517  -1.888  1.00 18.24 ? 136 GLY A O   1 
ATOM   546  N  N   . VAL A 1 79 ? 10.169  -4.133  -3.350  1.00 17.50 ? 137 VAL A N   1 
ATOM   547  C  CA  A VAL A 1 79 ? 9.894   -5.134  -2.327  0.60 15.96 ? 137 VAL A CA  1 
ATOM   548  C  CA  B VAL A 1 79 ? 9.905   -5.147  -2.335  0.40 16.47 ? 137 VAL A CA  1 
ATOM   549  C  C   . VAL A 1 79 ? 10.479  -6.480  -2.793  1.00 15.31 ? 137 VAL A C   1 
ATOM   550  O  O   . VAL A 1 79 ? 10.383  -6.840  -3.978  1.00 16.50 ? 137 VAL A O   1 
ATOM   551  C  CB  A VAL A 1 79 ? 8.349   -5.137  -1.976  0.60 17.02 ? 137 VAL A CB  1 
ATOM   552  C  CB  B VAL A 1 79 ? 8.393   -5.296  -2.081  0.40 17.92 ? 137 VAL A CB  1 
ATOM   553  C  CG1 A VAL A 1 79 ? 7.484   -5.616  -3.150  0.60 16.49 ? 137 VAL A CG1 1 
ATOM   554  C  CG1 B VAL A 1 79 ? 8.110   -6.502  -1.178  0.40 18.61 ? 137 VAL A CG1 1 
ATOM   555  C  CG2 A VAL A 1 79 ? 8.055   -5.941  -0.717  0.60 20.11 ? 137 VAL A CG2 1 
ATOM   556  C  CG2 B VAL A 1 79 ? 7.825   -4.016  -1.492  0.40 18.35 ? 137 VAL A CG2 1 
ATOM   557  N  N   . ARG A 1 80 ? 11.130  -7.195  -1.879  1.00 13.81 ? 138 ARG A N   1 
ATOM   558  C  CA  . ARG A 1 80 ? 11.581  -8.548  -2.115  1.00 14.55 ? 138 ARG A CA  1 
ATOM   559  C  C   . ARG A 1 80 ? 10.551  -9.442  -1.456  1.00 15.58 ? 138 ARG A C   1 
ATOM   560  O  O   . ARG A 1 80 ? 10.242  -9.273  -0.262  1.00 17.46 ? 138 ARG A O   1 
ATOM   561  C  CB  . ARG A 1 80 ? 12.939  -8.772  -1.476  1.00 14.62 ? 138 ARG A CB  1 
ATOM   562  C  CG  . ARG A 1 80 ? 13.482  -10.193 -1.708  1.00 20.53 ? 138 ARG A CG  1 
ATOM   563  C  CD  . ARG A 1 80 ? 14.719  -10.427 -0.930  1.00 23.76 ? 138 ARG A CD  1 
ATOM   564  N  NE  . ARG A 1 80 ? 15.799  -9.590  -1.441  1.00 25.53 ? 138 ARG A NE  1 
ATOM   565  C  CZ  . ARG A 1 80 ? 16.443  -8.679  -0.743  1.00 24.14 ? 138 ARG A CZ  1 
ATOM   566  N  NH1 . ARG A 1 80 ? 16.163  -8.452  0.530   1.00 22.35 ? 138 ARG A NH1 1 
ATOM   567  N  NH2 . ARG A 1 80 ? 17.410  -7.992  -1.322  1.00 27.72 ? 138 ARG A NH2 1 
ATOM   568  N  N   . ILE A 1 81 ? 10.005  -10.373 -2.224  1.00 15.64 ? 139 ILE A N   1 
ATOM   569  C  CA  A ILE A 1 81 ? 8.971   -11.276 -1.719  0.50 14.87 ? 139 ILE A CA  1 
ATOM   570  C  CA  B ILE A 1 81 ? 8.976   -11.291 -1.713  0.50 14.56 ? 139 ILE A CA  1 
ATOM   571  C  C   . ILE A 1 81 ? 9.572   -12.223 -0.662  1.00 14.51 ? 139 ILE A C   1 
ATOM   572  O  O   . ILE A 1 81 ? 10.562  -12.925 -0.924  1.00 15.27 ? 139 ILE A O   1 
ATOM   573  C  CB  A ILE A 1 81 ? 8.336   -12.056 -2.900  0.50 13.26 ? 139 ILE A CB  1 
ATOM   574  C  CB  B ILE A 1 81 ? 8.361   -12.189 -2.819  0.50 12.59 ? 139 ILE A CB  1 
ATOM   575  C  CG1 A ILE A 1 81 ? 7.442   -11.110 -3.710  0.50 17.12 ? 139 ILE A CG1 1 
ATOM   576  C  CG1 B ILE A 1 81 ? 8.057   -11.409 -4.101  0.50 13.75 ? 139 ILE A CG1 1 
ATOM   577  C  CG2 A ILE A 1 81 ? 7.554   -13.276 -2.426  0.50 15.52 ? 139 ILE A CG2 1 
ATOM   578  C  CG2 B ILE A 1 81 ? 7.113   -12.879 -2.280  0.50 15.62 ? 139 ILE A CG2 1 
ATOM   579  C  CD1 A ILE A 1 81 ? 7.027   -11.652 -5.053  0.50 16.02 ? 139 ILE A CD1 1 
ATOM   580  C  CD1 B ILE A 1 81 ? 7.126   -10.255 -3.916  0.50 16.96 ? 139 ILE A CD1 1 
ATOM   581  N  N   . THR A 1 82 ? 8.948   -12.253 0.507   1.00 14.37 ? 140 THR A N   1 
ATOM   582  C  CA  . THR A 1 82 ? 9.313   -13.160 1.592   1.00 14.66 ? 140 THR A CA  1 
ATOM   583  C  C   . THR A 1 82 ? 8.246   -14.226 1.863   1.00 17.75 ? 140 THR A C   1 
ATOM   584  O  O   . THR A 1 82 ? 8.530   -15.219 2.491   1.00 16.03 ? 140 THR A O   1 
ATOM   585  C  CB  . THR A 1 82 ? 9.606   -12.415 2.865   1.00 15.55 ? 140 THR A CB  1 
ATOM   586  O  OG1 . THR A 1 82 ? 8.460   -11.651 3.299   1.00 15.75 ? 140 THR A OG1 1 
ATOM   587  C  CG2 . THR A 1 82 ? 10.752  -11.399 2.670   1.00 19.11 ? 140 THR A CG2 1 
ATOM   588  N  N   . GLU A 1 83 ? 7.003   -13.980 1.458   1.00 13.16 ? 141 GLU A N   1 
ATOM   589  C  CA  . GLU A 1 83 ? 5.912   -14.917 1.652   1.00 14.87 ? 141 GLU A CA  1 
ATOM   590  C  C   . GLU A 1 83 ? 5.031   -14.807 0.412   1.00 14.50 ? 141 GLU A C   1 
ATOM   591  O  O   . GLU A 1 83 ? 4.723   -13.720 -0.044  1.00 13.84 ? 141 GLU A O   1 
ATOM   592  C  CB  . GLU A 1 83 ? 5.060   -14.599 2.889   1.00 16.31 ? 141 GLU A CB  1 
ATOM   593  C  CG  . GLU A 1 83 ? 5.781   -14.660 4.227   1.00 22.08 ? 141 GLU A CG  1 
ATOM   594  C  CD  . GLU A 1 83 ? 4.939   -14.097 5.353   1.00 32.42 ? 141 GLU A CD  1 
ATOM   595  O  OE1 . GLU A 1 83 ? 3.691   -14.220 5.296   1.00 28.08 ? 141 GLU A OE1 1 
ATOM   596  O  OE2 . GLU A 1 83 ? 5.516   -13.489 6.272   1.00 28.77 ? 141 GLU A OE2 1 
ATOM   597  N  N   . ILE A 1 84 ? 4.626   -15.915 -0.145  1.00 14.67 ? 142 ILE A N   1 
ATOM   598  C  CA  . ILE A 1 84 ? 3.680   -15.826 -1.284  1.00 14.38 ? 142 ILE A CA  1 
ATOM   599  C  C   . ILE A 1 84 ? 2.800   -17.057 -1.374  1.00 18.19 ? 142 ILE A C   1 
ATOM   600  O  O   . ILE A 1 84 ? 3.226   -18.121 -1.019  1.00 16.18 ? 142 ILE A O   1 
ATOM   601  C  CB  . ILE A 1 84 ? 4.459   -15.534 -2.574  1.00 14.09 ? 142 ILE A CB  1 
ATOM   602  C  CG1 . ILE A 1 84 ? 3.517   -15.160 -3.723  1.00 17.23 ? 142 ILE A CG1 1 
ATOM   603  C  CG2 . ILE A 1 84 ? 5.390   -16.727 -2.948  1.00 19.39 ? 142 ILE A CG2 1 
ATOM   604  C  CD1 . ILE A 1 84 ? 4.246   -14.533 -4.886  1.00 19.10 ? 142 ILE A CD1 1 
ATOM   605  N  N   . VAL A 1 85 ? 1.553   -16.899 -1.838  1.00 15.82 ? 143 VAL A N   1 
ATOM   606  C  CA  . VAL A 1 85 ? 0.687   -18.053 -2.058  1.00 18.04 ? 143 VAL A CA  1 
ATOM   607  C  C   . VAL A 1 85 ? 1.119   -18.780 -3.319  1.00 18.71 ? 143 VAL A C   1 
ATOM   608  O  O   . VAL A 1 85 ? 1.865   -18.236 -4.156  1.00 16.72 ? 143 VAL A O   1 
ATOM   609  C  CB  . VAL A 1 85 ? -0.784  -17.650 -2.131  1.00 15.23 ? 143 VAL A CB  1 
ATOM   610  C  CG1 . VAL A 1 85 ? -1.273  -16.991 -0.846  1.00 19.74 ? 143 VAL A CG1 1 
ATOM   611  C  CG2 . VAL A 1 85 ? -1.046  -16.745 -3.299  1.00 17.81 ? 143 VAL A CG2 1 
ATOM   612  N  N   . SER A 1 86 ? 0.657   -20.014 -3.477  1.00 18.58 ? 144 SER A N   1 
ATOM   613  C  CA  . SER A 1 86 ? 0.992   -20.803 -4.673  1.00 19.67 ? 144 SER A CA  1 
ATOM   614  C  C   . SER A 1 86 ? 0.449   -20.131 -5.946  1.00 19.18 ? 144 SER A C   1 
ATOM   615  O  O   . SER A 1 86 ? -0.524  -19.364 -5.883  1.00 19.62 ? 144 SER A O   1 
ATOM   616  C  CB  . SER A 1 86 ? 0.437   -22.218 -4.576  1.00 20.96 ? 144 SER A CB  1 
ATOM   617  O  OG  . SER A 1 86 ? -0.971  -22.197 -4.746  1.00 22.81 ? 144 SER A OG  1 
ATOM   618  N  N   . PRO A 1 87 ? 1.074   -20.397 -7.099  1.00 19.62 ? 145 PRO A N   1 
ATOM   619  C  CA  . PRO A 1 87 ? 0.572   -19.842 -8.360  1.00 19.47 ? 145 PRO A CA  1 
ATOM   620  C  C   . PRO A 1 87 ? -0.892  -20.193 -8.617  1.00 17.83 ? 145 PRO A C   1 
ATOM   621  O  O   . PRO A 1 87 ? -1.613  -19.350 -9.098  1.00 19.24 ? 145 PRO A O   1 
ATOM   622  C  CB  . PRO A 1 87 ? 1.506   -20.452 -9.422  1.00 19.12 ? 145 PRO A CB  1 
ATOM   623  C  CG  . PRO A 1 87 ? 2.749   -20.764 -8.668  1.00 21.15 ? 145 PRO A CG  1 
ATOM   624  C  CD  . PRO A 1 87 ? 2.286   -21.217 -7.326  1.00 18.26 ? 145 PRO A CD  1 
ATOM   625  N  N   . LYS A 1 88 ? -1.323  -21.391 -8.264  1.00 18.74 ? 146 LYS A N   1 
ATOM   626  C  CA  . LYS A 1 88 ? -2.728  -21.758 -8.355  1.00 21.88 ? 146 LYS A CA  1 
ATOM   627  C  C   . LYS A 1 88 ? -3.605  -20.887 -7.450  1.00 21.66 ? 146 LYS A C   1 
ATOM   628  O  O   . LYS A 1 88 ? -4.669  -20.438 -7.868  1.00 19.58 ? 146 LYS A O   1 
ATOM   629  C  CB  . LYS A 1 88 ? -2.905  -23.219 -7.969  1.00 23.49 ? 146 LYS A CB  1 
ATOM   630  C  CG  . LYS A 1 88 ? -4.300  -23.744 -8.238  1.00 34.27 ? 146 LYS A CG  1 
ATOM   631  C  CD  . LYS A 1 88 ? -4.364  -25.270 -8.101  1.00 41.80 ? 146 LYS A CD  1 
ATOM   632  C  CE  . LYS A 1 88 ? -5.697  -25.730 -7.487  1.00 45.24 ? 146 LYS A CE  1 
ATOM   633  N  NZ  . LYS A 1 88 ? -5.629  -25.809 -5.998  1.00 51.93 ? 146 LYS A NZ  1 
ATOM   634  N  N   . GLU A 1 89 ? -3.158  -20.623 -6.219  1.00 22.93 ? 147 GLU A N   1 
ATOM   635  C  CA  . GLU A 1 89 ? -3.938  -19.762 -5.315  1.00 21.50 ? 147 GLU A CA  1 
ATOM   636  C  C   . GLU A 1 89 ? -3.996  -18.320 -5.798  1.00 19.92 ? 147 GLU A C   1 
ATOM   637  O  O   . GLU A 1 89 ? -4.986  -17.623 -5.564  1.00 19.41 ? 147 GLU A O   1 
ATOM   638  C  CB  . GLU A 1 89 ? -3.407  -19.840 -3.888  1.00 26.21 ? 147 GLU A CB  1 
ATOM   639  C  CG  . GLU A 1 89 ? -3.609  -21.228 -3.265  1.00 28.16 ? 147 GLU A CG  1 
ATOM   640  C  CD  . GLU A 1 89 ? -2.895  -21.433 -1.923  1.00 40.22 ? 147 GLU A CD  1 
ATOM   641  O  OE1 . GLU A 1 89 ? -1.761  -20.926 -1.702  1.00 41.64 ? 147 GLU A OE1 1 
ATOM   642  O  OE2 . GLU A 1 89 ? -3.465  -22.149 -1.072  1.00 48.92 ? 147 GLU A OE2 1 
ATOM   643  N  N   . ARG A 1 90 ? -2.961  -17.866 -6.501  1.00 17.49 ? 148 ARG A N   1 
ATOM   644  C  CA  . ARG A 1 90 ? -2.952  -16.494 -7.015  1.00 18.59 ? 148 ARG A CA  1 
ATOM   645  C  C   . ARG A 1 90 ? -4.060  -16.361 -8.085  1.00 19.20 ? 148 ARG A C   1 
ATOM   646  O  O   . ARG A 1 90 ? -4.796  -15.376 -8.128  1.00 18.89 ? 148 ARG A O   1 
ATOM   647  C  CB  . ARG A 1 90 ? -1.590  -16.154 -7.643  1.00 21.53 ? 148 ARG A CB  1 
ATOM   648  C  CG  . ARG A 1 90 ? -0.434  -16.058 -6.688  1.00 20.39 ? 148 ARG A CG  1 
ATOM   649  C  CD  . ARG A 1 90 ? 0.931   -15.988 -7.344  1.00 22.99 ? 148 ARG A CD  1 
ATOM   650  N  NE  . ARG A 1 90 ? 1.853   -16.913 -6.698  1.00 18.12 ? 148 ARG A NE  1 
ATOM   651  C  CZ  . ARG A 1 90 ? 3.125   -17.069 -7.014  1.00 19.42 ? 148 ARG A CZ  1 
ATOM   652  N  NH1 . ARG A 1 90 ? 3.682   -16.384 -8.016  1.00 18.27 ? 148 ARG A NH1 1 
ATOM   653  N  NH2 . ARG A 1 90 ? 3.848   -17.943 -6.316  1.00 19.01 ? 148 ARG A NH2 1 
ATOM   654  N  N   . LEU A 1 91 ? -4.168  -17.363 -8.944  1.00 18.98 ? 149 LEU A N   1 
ATOM   655  C  CA  . LEU A 1 91 ? -5.238  -17.396 -9.940  1.00 19.77 ? 149 LEU A CA  1 
ATOM   656  C  C   . LEU A 1 91 ? -6.613  -17.391 -9.320  1.00 21.53 ? 149 LEU A C   1 
ATOM   657  O  O   . LEU A 1 91 ? -7.515  -16.701 -9.810  1.00 25.87 ? 149 LEU A O   1 
ATOM   658  C  CB  . LEU A 1 91 ? -5.113  -18.646 -10.806 1.00 21.70 ? 149 LEU A CB  1 
ATOM   659  C  CG  . LEU A 1 91 ? -4.383  -18.440 -12.112 1.00 30.66 ? 149 LEU A CG  1 
ATOM   660  C  CD1 . LEU A 1 91 ? -4.374  -19.767 -12.872 1.00 31.81 ? 149 LEU A CD1 1 
ATOM   661  C  CD2 . LEU A 1 91 ? -5.047  -17.306 -12.952 1.00 33.52 ? 149 LEU A CD2 1 
ATOM   662  N  N   . GLU A 1 92 ? -6.787  -18.202 -8.279  1.00 23.22 ? 150 GLU A N   1 
ATOM   663  C  CA  . GLU A 1 92 ? -8.080  -18.355 -7.621  1.00 26.08 ? 150 GLU A CA  1 
ATOM   664  C  C   . GLU A 1 92 ? -8.511  -17.014 -7.057  1.00 25.58 ? 150 GLU A C   1 
ATOM   665  O  O   . GLU A 1 92 ? -9.648  -16.598 -7.232  1.00 25.62 ? 150 GLU A O   1 
ATOM   666  C  CB  . GLU A 1 92 ? -8.015  -19.383 -6.483  1.00 27.67 ? 150 GLU A CB  1 
ATOM   667  C  CG  . GLU A 1 92 ? -8.024  -20.843 -6.935  1.00 33.68 ? 150 GLU A CG  1 
ATOM   668  C  CD  . GLU A 1 92 ? -7.680  -21.840 -5.822  1.00 42.54 ? 150 GLU A CD  1 
ATOM   669  O  OE1 . GLU A 1 92 ? -7.430  -21.432 -4.658  1.00 45.02 ? 150 GLU A OE1 1 
ATOM   670  O  OE2 . GLU A 1 92 ? -7.653  -23.058 -6.113  1.00 51.90 ? 150 GLU A OE2 1 
ATOM   671  N  N   . LEU A 1 93 ? -7.593  -16.348 -6.370  1.00 23.73 ? 151 LEU A N   1 
ATOM   672  C  CA  . LEU A 1 93 ? -7.897  -15.093 -5.694  1.00 22.72 ? 151 LEU A CA  1 
ATOM   673  C  C   . LEU A 1 93 ? -8.232  -14.006 -6.694  1.00 22.57 ? 151 LEU A C   1 
ATOM   674  O  O   . LEU A 1 93 ? -9.112  -13.183 -6.456  1.00 23.21 ? 151 LEU A O   1 
ATOM   675  C  CB  . LEU A 1 93 ? -6.698  -14.639 -4.876  1.00 24.77 ? 151 LEU A CB  1 
ATOM   676  C  CG  . LEU A 1 93 ? -6.499  -15.294 -3.521  1.00 25.51 ? 151 LEU A CG  1 
ATOM   677  C  CD1 . LEU A 1 93 ? -5.117  -15.012 -3.005  1.00 27.43 ? 151 LEU A CD1 1 
ATOM   678  C  CD2 . LEU A 1 93 ? -7.533  -14.776 -2.530  1.00 27.77 ? 151 LEU A CD2 1 
ATOM   679  N  N   . LEU A 1 94 ? -7.492  -13.982 -7.801  1.00 22.89 ? 152 LEU A N   1 
ATOM   680  C  CA  . LEU A 1 94 ? -7.702  -12.979 -8.836  1.00 25.05 ? 152 LEU A CA  1 
ATOM   681  C  C   . LEU A 1 94 ? -8.998  -13.243 -9.581  1.00 28.39 ? 152 LEU A C   1 
ATOM   682  O  O   . LEU A 1 94 ? -9.548  -12.334 -10.187 1.00 29.09 ? 152 LEU A O   1 
ATOM   683  C  CB  . LEU A 1 94 ? -6.539  -12.964 -9.835  1.00 23.14 ? 152 LEU A CB  1 
ATOM   684  C  CG  . LEU A 1 94 ? -5.254  -12.420 -9.233  1.00 26.19 ? 152 LEU A CG  1 
ATOM   685  C  CD1 . LEU A 1 94 ? -4.094  -12.649 -10.168 1.00 30.20 ? 152 LEU A CD1 1 
ATOM   686  C  CD2 . LEU A 1 94 ? -5.423  -10.945 -8.893  1.00 29.38 ? 152 LEU A CD2 1 
ATOM   687  N  N   . ASN A 1 95 ? -9.472  -14.486 -9.537  1.00 32.80 ? 153 ASN A N   1 
ATOM   688  C  CA  . ASN A 1 95 ? -10.729 -14.883 -10.203 1.00 35.05 ? 153 ASN A CA  1 
ATOM   689  C  C   . ASN A 1 95 ? -11.973 -14.745 -9.321  1.00 37.80 ? 153 ASN A C   1 
ATOM   690  O  O   . ASN A 1 95 ? -13.096 -14.953 -9.799  1.00 38.75 ? 153 ASN A O   1 
ATOM   691  C  CB  . ASN A 1 95 ? -10.640 -16.320 -10.735 1.00 33.53 ? 153 ASN A CB  1 
ATOM   692  C  CG  . ASN A 1 95 ? -10.179 -16.370 -12.161 1.00 40.78 ? 153 ASN A CG  1 
ATOM   693  O  OD1 . ASN A 1 95 ? -9.001  -16.164 -12.445 1.00 50.28 ? 153 ASN A OD1 1 
ATOM   694  N  ND2 . ASN A 1 95 ? -11.107 -16.635 -13.080 1.00 50.05 ? 153 ASN A ND2 1 
ATOM   695  N  N   . GLU A 1 96 ? -11.781 -14.421 -8.043  1.00 40.93 ? 154 GLU A N   1 
ATOM   696  C  CA  . GLU A 1 96 ? -12.893 -13.988 -7.196  1.00 44.21 ? 154 GLU A CA  1 
ATOM   697  C  C   . GLU A 1 96 ? -13.554 -12.739 -7.803  1.00 45.81 ? 154 GLU A C   1 
ATOM   698  O  O   . GLU A 1 96 ? -12.885 -11.810 -8.287  1.00 46.27 ? 154 GLU A O   1 
ATOM   699  C  CB  . GLU A 1 96 ? -12.412 -13.688 -5.774  1.00 45.52 ? 154 GLU A CB  1 
ATOM   700  C  CG  . GLU A 1 96 ? -12.020 -14.928 -4.980  1.00 48.43 ? 154 GLU A CG  1 
ATOM   701  C  CD  . GLU A 1 96 ? -11.518 -14.610 -3.572  1.00 53.39 ? 154 GLU A CD  1 
ATOM   702  O  OE1 . GLU A 1 96 ? -11.156 -13.438 -3.284  1.00 50.97 ? 154 GLU A OE1 1 
ATOM   703  O  OE2 . GLU A 1 96 ? -11.478 -15.550 -2.745  1.00 58.52 ? 154 GLU A OE2 1 
ATOM   704  O  OXT . GLU A 1 96 ? -14.784 -12.638 -7.849  1.00 47.57 ? 154 GLU A OXT 1 
ATOM   705  N  N   . LEU B 1 16 ? -22.205 13.312  10.507  1.00 26.12 ? 74  LEU B N   1 
ATOM   706  C  CA  . LEU B 1 16 ? -21.150 12.949  9.514   1.00 26.93 ? 74  LEU B CA  1 
ATOM   707  C  C   . LEU B 1 16 ? -19.750 12.866  10.134  1.00 23.28 ? 74  LEU B C   1 
ATOM   708  O  O   . LEU B 1 16 ? -18.907 12.080  9.681   1.00 22.48 ? 74  LEU B O   1 
ATOM   709  C  CB  . LEU B 1 16 ? -21.139 13.952  8.341   1.00 31.32 ? 74  LEU B CB  1 
ATOM   710  C  CG  . LEU B 1 16 ? -22.203 13.766  7.239   1.00 33.52 ? 74  LEU B CG  1 
ATOM   711  C  CD1 . LEU B 1 16 ? -21.642 13.007  6.012   1.00 32.41 ? 74  LEU B CD1 1 
ATOM   712  C  CD2 . LEU B 1 16 ? -23.507 13.097  7.772   1.00 37.51 ? 74  LEU B CD2 1 
ATOM   713  N  N   . LEU B 1 17 ? -19.511 13.651  11.183  1.00 20.13 ? 75  LEU B N   1 
ATOM   714  C  CA  . LEU B 1 17 ? -18.170 13.761  11.735  1.00 21.20 ? 75  LEU B CA  1 
ATOM   715  C  C   . LEU B 1 17 ? -17.643 12.456  12.382  1.00 19.47 ? 75  LEU B C   1 
ATOM   716  O  O   . LEU B 1 17 ? -16.431 12.295  12.566  1.00 15.22 ? 75  LEU B O   1 
ATOM   717  C  CB  . LEU B 1 17 ? -18.133 14.904  12.733  1.00 22.36 ? 75  LEU B CB  1 
ATOM   718  C  CG  . LEU B 1 17 ? -18.287 16.284  12.075  1.00 28.23 ? 75  LEU B CG  1 
ATOM   719  C  CD1 . LEU B 1 17 ? -18.297 17.376  13.135  1.00 29.76 ? 75  LEU B CD1 1 
ATOM   720  C  CD2 . LEU B 1 17 ? -17.221 16.536  11.024  1.00 19.98 ? 75  LEU B CD2 1 
ATOM   721  N  N   . ASP B 1 18 ? -18.561 11.551  12.721  1.00 18.08 ? 76  ASP B N   1 
ATOM   722  C  CA  . ASP B 1 18 ? -18.241 10.328  13.435  1.00 20.22 ? 76  ASP B CA  1 
ATOM   723  C  C   . ASP B 1 18 ? -18.107 9.112   12.495  1.00 20.32 ? 76  ASP B C   1 
ATOM   724  O  O   . ASP B 1 18 ? -17.817 8.003   12.952  1.00 22.08 ? 76  ASP B O   1 
ATOM   725  C  CB  . ASP B 1 18 ? -19.324 10.065  14.491  1.00 22.49 ? 76  ASP B CB  1 
ATOM   726  C  CG  . ASP B 1 18 ? -18.766 9.807   15.916  1.00 35.31 ? 76  ASP B CG  1 
ATOM   727  O  OD1 . ASP B 1 18 ? -17.522 9.825   16.148  1.00 35.21 ? 76  ASP B OD1 1 
ATOM   728  O  OD2 . ASP B 1 18 ? -19.541 9.569   16.888  1.00 45.28 ? 76  ASP B OD2 1 
ATOM   729  N  N   . ILE B 1 19 ? -18.348 9.302   11.201  1.00 19.23 ? 77  ILE B N   1 
ATOM   730  C  CA  . ILE B 1 19 ? -18.221 8.213   10.206  1.00 22.41 ? 77  ILE B CA  1 
ATOM   731  C  C   . ILE B 1 19 ? -16.794 7.653   10.122  1.00 18.13 ? 77  ILE B C   1 
ATOM   732  O  O   . ILE B 1 19 ? -15.867 8.403   9.903   1.00 16.68 ? 77  ILE B O   1 
ATOM   733  C  CB  . ILE B 1 19 ? -18.665 8.721   8.800   1.00 24.87 ? 77  ILE B CB  1 
ATOM   734  C  CG1 . ILE B 1 19 ? -20.158 9.079   8.839   1.00 29.15 ? 77  ILE B CG1 1 
ATOM   735  C  CG2 . ILE B 1 19 ? -18.375 7.678   7.720   1.00 29.68 ? 77  ILE B CG2 1 
ATOM   736  C  CD1 . ILE B 1 19 ? -20.860 9.175   7.469   1.00 37.33 ? 77  ILE B CD1 1 
ATOM   737  N  N   . PRO B 1 20 ? -16.605 6.354   10.303  1.00 18.80 ? 78  PRO B N   1 
ATOM   738  C  CA  . PRO B 1 20 ? -15.278 5.761   10.167  1.00 17.55 ? 78  PRO B CA  1 
ATOM   739  C  C   . PRO B 1 20 ? -14.862 5.638   8.719   1.00 16.86 ? 78  PRO B C   1 
ATOM   740  O  O   . PRO B 1 20 ? -15.655 5.227   7.848   1.00 15.88 ? 78  PRO B O   1 
ATOM   741  C  CB  . PRO B 1 20 ? -15.452 4.371   10.771  1.00 17.53 ? 78  PRO B CB  1 
ATOM   742  C  CG  . PRO B 1 20 ? -16.637 4.451   11.512  1.00 18.53 ? 78  PRO B CG  1 
ATOM   743  C  CD  . PRO B 1 20 ? -17.579 5.340   10.745  1.00 22.22 ? 78  PRO B CD  1 
ATOM   744  N  N   . LEU B 1 21 ? -13.632 6.037   8.477   1.00 13.10 ? 79  LEU B N   1 
ATOM   745  C  CA  . LEU B 1 21 ? -13.005 5.972   7.172   1.00 13.82 ? 79  LEU B CA  1 
ATOM   746  C  C   . LEU B 1 21 ? -11.790 5.037   7.227   1.00 15.04 ? 79  LEU B C   1 
ATOM   747  O  O   . LEU B 1 21 ? -11.069 4.988   8.238   1.00 14.21 ? 79  LEU B O   1 
ATOM   748  C  CB  . LEU B 1 21 ? -12.589 7.368   6.766   1.00 11.90 ? 79  LEU B CB  1 
ATOM   749  C  CG  . LEU B 1 21 ? -13.650 8.468   6.865   1.00 17.30 ? 79  LEU B CG  1 
ATOM   750  C  CD1 . LEU B 1 21 ? -13.090 9.784   6.525   1.00 19.60 ? 79  LEU B CD1 1 
ATOM   751  C  CD2 . LEU B 1 21 ? -14.751 8.130   5.959   1.00 17.97 ? 79  LEU B CD2 1 
ATOM   752  N  N   . LYS B 1 22 ? -11.566 4.325   6.130   1.00 14.07 ? 80  LYS B N   1 
ATOM   753  C  CA  A LYS B 1 22 ? -10.436 3.406   5.995   0.50 17.50 ? 80  LYS B CA  1 
ATOM   754  C  CA  B LYS B 1 22 ? -10.444 3.413   5.995   0.50 15.89 ? 80  LYS B CA  1 
ATOM   755  C  C   . LYS B 1 22 ? -9.176  4.131   5.510   1.00 18.07 ? 80  LYS B C   1 
ATOM   756  O  O   . LYS B 1 22 ? -9.177  4.760   4.465   1.00 17.40 ? 80  LYS B O   1 
ATOM   757  C  CB  A LYS B 1 22 ? -10.813 2.221   5.082   0.50 20.45 ? 80  LYS B CB  1 
ATOM   758  C  CB  B LYS B 1 22 ? -10.835 2.289   5.041   0.50 18.08 ? 80  LYS B CB  1 
ATOM   759  C  CG  A LYS B 1 22 ? -9.910  1.939   3.861   0.50 28.00 ? 80  LYS B CG  1 
ATOM   760  C  CG  B LYS B 1 22 ? -12.002 1.433   5.553   0.50 15.88 ? 80  LYS B CG  1 
ATOM   761  C  CD  A LYS B 1 22 ? -8.734  1.003   4.156   0.50 35.15 ? 80  LYS B CD  1 
ATOM   762  C  CD  B LYS B 1 22 ? -12.263 0.262   4.618   0.50 25.75 ? 80  LYS B CD  1 
ATOM   763  C  CE  A LYS B 1 22 ? -8.413  0.152   2.930   0.50 38.37 ? 80  LYS B CE  1 
ATOM   764  C  CE  B LYS B 1 22 ? -13.228 -0.735  5.219   0.50 32.34 ? 80  LYS B CE  1 
ATOM   765  N  NZ  A LYS B 1 22 ? -9.526  -0.741  2.578   0.50 42.14 ? 80  LYS B NZ  1 
ATOM   766  N  NZ  B LYS B 1 22 ? -13.028 -2.094  4.620   0.50 38.38 ? 80  LYS B NZ  1 
ATOM   767  N  N   . VAL B 1 23 ? -8.098  4.029   6.278   1.00 12.73 ? 81  VAL B N   1 
ATOM   768  C  CA  . VAL B 1 23 ? -6.833  4.660   5.957   1.00 11.86 ? 81  VAL B CA  1 
ATOM   769  C  C   . VAL B 1 23 ? -5.836  3.564   5.553   1.00 16.35 ? 81  VAL B C   1 
ATOM   770  O  O   . VAL B 1 23 ? -5.743  2.542   6.220   1.00 14.66 ? 81  VAL B O   1 
ATOM   771  C  CB  . VAL B 1 23 ? -6.276  5.389   7.156   1.00 14.87 ? 81  VAL B CB  1 
ATOM   772  C  CG1 . VAL B 1 23 ? -4.957  6.065   6.834   1.00 16.82 ? 81  VAL B CG1 1 
ATOM   773  C  CG2 . VAL B 1 23 ? -7.341  6.383   7.638   1.00 16.18 ? 81  VAL B CG2 1 
ATOM   774  N  N   . THR B 1 24 ? -5.150  3.789   4.433   1.00 14.96 ? 82  THR B N   1 
ATOM   775  C  CA  A THR B 1 24 ? -4.090  2.885   3.955   0.60 14.51 ? 82  THR B CA  1 
ATOM   776  C  CA  B THR B 1 24 ? -4.104  2.883   3.946   0.40 15.28 ? 82  THR B CA  1 
ATOM   777  C  C   . THR B 1 24 ? -2.844  3.692   3.692   1.00 16.03 ? 82  THR B C   1 
ATOM   778  O  O   . THR B 1 24 ? -2.918  4.829   3.201   1.00 18.55 ? 82  THR B O   1 
ATOM   779  C  CB  A THR B 1 24 ? -4.540  2.199   2.669   0.60 16.77 ? 82  THR B CB  1 
ATOM   780  C  CB  B THR B 1 24 ? -4.571  2.185   2.648   0.40 16.68 ? 82  THR B CB  1 
ATOM   781  O  OG1 A THR B 1 24 ? -5.623  1.319   2.946   0.60 18.33 ? 82  THR B OG1 1 
ATOM   782  O  OG1 B THR B 1 24 ? -4.797  3.150   1.613   0.40 18.33 ? 82  THR B OG1 1 
ATOM   783  C  CG2 A THR B 1 24 ? -3.442  1.257   2.141   0.60 17.32 ? 82  THR B CG2 1 
ATOM   784  C  CG2 B THR B 1 24 ? -5.913  1.530   2.823   0.40 18.68 ? 82  THR B CG2 1 
ATOM   785  N  N   . VAL B 1 25 ? -1.682  3.163   4.073   1.00 14.80 ? 83  VAL B N   1 
ATOM   786  C  CA  . VAL B 1 25 ? -0.420  3.782   3.757   1.00 14.70 ? 83  VAL B CA  1 
ATOM   787  C  C   . VAL B 1 25 ? 0.272   2.879   2.746   1.00 15.29 ? 83  VAL B C   1 
ATOM   788  O  O   . VAL B 1 25 ? 0.488   1.677   3.004   1.00 14.44 ? 83  VAL B O   1 
ATOM   789  C  CB  . VAL B 1 25 ? 0.426   3.968   5.006   1.00 14.29 ? 83  VAL B CB  1 
ATOM   790  C  CG1 . VAL B 1 25 ? 1.803   4.519   4.665   1.00 18.83 ? 83  VAL B CG1 1 
ATOM   791  C  CG2 . VAL B 1 25 ? -0.298  4.934   5.955   1.00 19.41 ? 83  VAL B CG2 1 
ATOM   792  N  N   . GLU B 1 26 ? 0.576   3.447   1.582   1.00 15.16 ? 84  GLU B N   1 
ATOM   793  C  CA  . GLU B 1 26 ? 1.180   2.718   0.507   1.00 13.34 ? 84  GLU B CA  1 
ATOM   794  C  C   . GLU B 1 26 ? 2.640   3.135   0.320   1.00 15.43 ? 84  GLU B C   1 
ATOM   795  O  O   . GLU B 1 26 ? 3.000   4.290   0.326   1.00 15.45 ? 84  GLU B O   1 
ATOM   796  C  CB  . GLU B 1 26 ? 0.443   2.933   -0.796  1.00 14.14 ? 84  GLU B CB  1 
ATOM   797  C  CG  . GLU B 1 26 ? -0.901  2.254   -0.863  1.00 18.89 ? 84  GLU B CG  1 
ATOM   798  C  CD  . GLU B 1 26 ? -1.542  2.393   -2.243  1.00 31.82 ? 84  GLU B CD  1 
ATOM   799  O  OE1 . GLU B 1 26 ? -0.872  2.884   -3.189  1.00 20.86 ? 84  GLU B OE1 1 
ATOM   800  O  OE2 . GLU B 1 26 ? -2.716  1.965   -2.381  1.00 30.52 ? 84  GLU B OE2 1 
ATOM   801  N  N   . LEU B 1 27 ? 3.474   2.136   0.141   1.00 13.52 ? 85  LEU B N   1 
ATOM   802  C  CA  A LEU B 1 27 ? 4.880   2.301   -0.210  0.60 13.60 ? 85  LEU B CA  1 
ATOM   803  C  CA  B LEU B 1 27 ? 4.861   2.391   -0.186  0.40 14.35 ? 85  LEU B CA  1 
ATOM   804  C  C   . LEU B 1 27 ? 5.024   2.634   -1.685  1.00 15.30 ? 85  LEU B C   1 
ATOM   805  O  O   . LEU B 1 27 ? 5.999   3.229   -2.108  1.00 18.44 ? 85  LEU B O   1 
ATOM   806  C  CB  A LEU B 1 27 ? 5.637   0.988   0.063   0.60 14.07 ? 85  LEU B CB  1 
ATOM   807  C  CB  B LEU B 1 27 ? 5.724   1.236   0.324   0.40 15.42 ? 85  LEU B CB  1 
ATOM   808  C  CG  A LEU B 1 27 ? 7.114   0.968   -0.349  0.60 16.87 ? 85  LEU B CG  1 
ATOM   809  C  CG  B LEU B 1 27 ? 5.517   1.041   1.831   0.40 16.62 ? 85  LEU B CG  1 
ATOM   810  C  CD1 A LEU B 1 27 ? 7.922   1.867   0.595   0.60 21.58 ? 85  LEU B CD1 1 
ATOM   811  C  CD1 B LEU B 1 27 ? 6.287   -0.162  2.346   0.40 20.87 ? 85  LEU B CD1 1 
ATOM   812  C  CD2 A LEU B 1 27 ? 7.668   -0.456  -0.347  0.60 15.61 ? 85  LEU B CD2 1 
ATOM   813  C  CD2 B LEU B 1 27 ? 5.878   2.310   2.631   0.40 19.16 ? 85  LEU B CD2 1 
ATOM   814  N  N   . GLY B 1 28 ? 4.077   2.170   -2.497  1.00 14.27 ? 86  GLY B N   1 
ATOM   815  C  CA  . GLY B 1 28 ? 4.149   2.414   -3.918  1.00 13.97 ? 86  GLY B CA  1 
ATOM   816  C  C   . GLY B 1 28 ? 3.294   1.435   -4.705  1.00 11.04 ? 86  GLY B C   1 
ATOM   817  O  O   . GLY B 1 28 ? 2.715   0.502   -4.136  1.00 13.00 ? 86  GLY B O   1 
ATOM   818  N  N   . ARG B 1 29 ? 3.287   1.637   -6.018  1.00 12.21 ? 87  ARG B N   1 
ATOM   819  C  CA  . ARG B 1 29 ? 2.535   0.835   -6.982  1.00 14.60 ? 87  ARG B CA  1 
ATOM   820  C  C   . ARG B 1 29 ? 3.354   0.503   -8.220  1.00 14.85 ? 87  ARG B C   1 
ATOM   821  O  O   . ARG B 1 29 ? 4.373   1.144   -8.524  1.00 15.27 ? 87  ARG B O   1 
ATOM   822  C  CB  . ARG B 1 29 ? 1.270   1.535   -7.439  1.00 16.94 ? 87  ARG B CB  1 
ATOM   823  C  CG  . ARG B 1 29 ? 0.340   1.922   -6.372  1.00 22.21 ? 87  ARG B CG  1 
ATOM   824  C  CD  . ARG B 1 29 ? -0.945  2.585   -6.912  1.00 16.84 ? 87  ARG B CD  1 
ATOM   825  N  NE  . ARG B 1 29 ? -1.852  2.785   -5.798  1.00 19.40 ? 87  ARG B NE  1 
ATOM   826  C  CZ  . ARG B 1 29 ? -3.131  3.021   -5.921  1.00 36.98 ? 87  ARG B CZ  1 
ATOM   827  N  NH1 . ARG B 1 29 ? -3.680  3.080   -7.121  1.00 29.07 ? 87  ARG B NH1 1 
ATOM   828  N  NH2 . ARG B 1 29 ? -3.866  3.187   -4.833  1.00 31.51 ? 87  ARG B NH2 1 
ATOM   829  N  N   . THR B 1 30 ? 2.877   -0.500  -8.949  1.00 13.84 ? 88  THR B N   1 
ATOM   830  C  CA  . THR B 1 30 ? 3.394   -0.776  -10.267 1.00 14.00 ? 88  THR B CA  1 
ATOM   831  C  C   . THR B 1 30 ? 2.341   -1.583  -11.018 1.00 11.99 ? 88  THR B C   1 
ATOM   832  O  O   . THR B 1 30 ? 1.238   -1.811  -10.503 1.00 13.00 ? 88  THR B O   1 
ATOM   833  C  CB  . THR B 1 30 ? 4.805   -1.490  -10.181 1.00 16.14 ? 88  THR B CB  1 
ATOM   834  O  OG1 . THR B 1 30 ? 5.407   -1.580  -11.489 1.00 14.14 ? 88  THR B OG1 1 
ATOM   835  C  CG2 . THR B 1 30 ? 4.701   -2.923  -9.712  1.00 17.56 ? 88  THR B CG2 1 
ATOM   836  N  N   . ARG B 1 31 ? 2.657   -1.960  -12.239 1.00 13.49 ? 89  ARG B N   1 
ATOM   837  C  CA  . ARG B 1 31 ? 1.820   -2.847  -13.017 1.00 12.75 ? 89  ARG B CA  1 
ATOM   838  C  C   . ARG B 1 31 ? 2.715   -3.917  -13.549 1.00 13.93 ? 89  ARG B C   1 
ATOM   839  O  O   . ARG B 1 31 ? 3.876   -3.680  -13.914 1.00 13.32 ? 89  ARG B O   1 
ATOM   840  C  CB  . ARG B 1 31 ? 1.117   -2.095  -14.161 1.00 14.08 ? 89  ARG B CB  1 
ATOM   841  C  CG  . ARG B 1 31 ? 0.258   -0.916  -13.722 1.00 18.69 ? 89  ARG B CG  1 
ATOM   842  C  CD  . ARG B 1 31 ? -0.440  -0.191  -14.870 1.00 21.29 ? 89  ARG B CD  1 
ATOM   843  N  NE  . ARG B 1 31 ? 0.541   0.063   -15.905 1.00 22.30 ? 89  ARG B NE  1 
ATOM   844  C  CZ  . ARG B 1 31 ? 0.451   -0.353  -17.144 1.00 21.80 ? 89  ARG B CZ  1 
ATOM   845  N  NH1 . ARG B 1 31 ? -0.674  -0.916  -17.573 1.00 17.22 ? 89  ARG B NH1 1 
ATOM   846  N  NH2 . ARG B 1 31 ? 1.460   -0.112  -17.971 1.00 15.17 ? 89  ARG B NH2 1 
HETATM 847  N  N   . MSE B 1 32 ? 2.181   -5.109  -13.611 1.00 12.48 ? 90  MSE B N   1 
HETATM 848  C  CA  . MSE B 1 32 ? 2.878   -6.209  -14.241 1.00 13.78 ? 90  MSE B CA  1 
HETATM 849  C  C   . MSE B 1 32 ? 1.870   -7.153  -14.873 1.00 11.87 ? 90  MSE B C   1 
HETATM 850  O  O   . MSE B 1 32 ? 0.686   -7.095  -14.556 1.00 14.88 ? 90  MSE B O   1 
HETATM 851  C  CB  . MSE B 1 32 ? 3.699   -6.975  -13.207 1.00 16.61 ? 90  MSE B CB  1 
HETATM 852  C  CG  . MSE B 1 32 ? 2.895   -7.492  -12.123 1.00 16.77 ? 90  MSE B CG  1 
HETATM 853  SE SE  . MSE B 1 32 ? 4.085   -8.531  -10.822 1.00 32.49 ? 90  MSE B SE  1 
HETATM 854  C  CE  . MSE B 1 32 ? 5.180   -7.290  -10.380 1.00 4.38  ? 90  MSE B CE  1 
ATOM   855  N  N   . THR B 1 33 ? 2.336   -8.025  -15.739 1.00 11.83 ? 91  THR B N   1 
ATOM   856  C  CA  . THR B 1 33 ? 1.417   -8.964  -16.413 1.00 10.87 ? 91  THR B CA  1 
ATOM   857  C  C   . THR B 1 33 ? 1.036   -10.092 -15.462 1.00 12.08 ? 91  THR B C   1 
ATOM   858  O  O   . THR B 1 33 ? 1.738   -10.403 -14.479 1.00 11.35 ? 91  THR B O   1 
ATOM   859  C  CB  . THR B 1 33 ? 1.984   -9.572  -17.706 1.00 12.60 ? 91  THR B CB  1 
ATOM   860  O  OG1 . THR B 1 33 ? 3.091   -10.432 -17.398 1.00 14.70 ? 91  THR B OG1 1 
ATOM   861  C  CG2 . THR B 1 33 ? 2.472   -8.497  -18.716 1.00 12.70 ? 91  THR B CG2 1 
ATOM   862  N  N   . LEU B 1 34 ? -0.070  -10.736 -15.762 1.00 11.77 ? 92  LEU B N   1 
ATOM   863  C  CA  . LEU B 1 34 ? -0.426  -11.957 -15.056 1.00 12.61 ? 92  LEU B CA  1 
ATOM   864  C  C   . LEU B 1 34 ? 0.688   -13.014 -15.112 1.00 11.15 ? 92  LEU B C   1 
ATOM   865  O  O   . LEU B 1 34 ? 0.928   -13.748 -14.154 1.00 13.20 ? 92  LEU B O   1 
ATOM   866  C  CB  . LEU B 1 34 ? -1.687  -12.558 -15.713 1.00 12.51 ? 92  LEU B CB  1 
ATOM   867  C  CG  . LEU B 1 34 ? -2.177  -13.880 -15.085 1.00 10.13 ? 92  LEU B CG  1 
ATOM   868  C  CD1 . LEU B 1 34 ? -2.554  -13.708 -13.640 1.00 17.41 ? 92  LEU B CD1 1 
ATOM   869  C  CD2 . LEU B 1 34 ? -3.352  -14.412 -15.862 1.00 18.92 ? 92  LEU B CD2 1 
ATOM   870  N  N   . LYS B 1 35 ? 1.361   -13.138 -16.244 1.00 10.72 ? 93  LYS B N   1 
ATOM   871  C  CA  . LYS B 1 35 ? 2.446   -14.105 -16.356 1.00 13.26 ? 93  LYS B CA  1 
ATOM   872  C  C   . LYS B 1 35 ? 3.462   -13.862 -15.243 1.00 12.45 ? 93  LYS B C   1 
ATOM   873  O  O   . LYS B 1 35 ? 3.816   -14.772 -14.495 1.00 12.11 ? 93  LYS B O   1 
ATOM   874  C  CB  . LYS B 1 35 ? 3.142   -13.994 -17.708 1.00 12.25 ? 93  LYS B CB  1 
ATOM   875  C  CG  . LYS B 1 35 ? 4.167   -15.111 -17.968 1.00 20.34 ? 93  LYS B CG  1 
ATOM   876  C  CD  . LYS B 1 35 ? 4.807   -14.945 -19.358 1.00 29.27 ? 93  LYS B CD  1 
ATOM   877  C  CE  . LYS B 1 35 ? 6.316   -15.217 -19.369 1.00 40.54 ? 93  LYS B CE  1 
ATOM   878  N  NZ  . LYS B 1 35 ? 7.142   -14.122 -18.745 1.00 40.96 ? 93  LYS B NZ  1 
ATOM   879  N  N   . ARG B 1 36 ? 3.859   -12.604 -15.110 1.00 12.87 ? 94  ARG B N   1 
ATOM   880  C  CA  . ARG B 1 36 ? 4.860   -12.232 -14.124 1.00 12.76 ? 94  ARG B CA  1 
ATOM   881  C  C   . ARG B 1 36 ? 4.393   -12.514 -12.712 1.00 13.55 ? 94  ARG B C   1 
ATOM   882  O  O   . ARG B 1 36 ? 5.167   -13.006 -11.873 1.00 12.96 ? 94  ARG B O   1 
ATOM   883  C  CB  . ARG B 1 36 ? 5.269   -10.770 -14.283 1.00 15.45 ? 94  ARG B CB  1 
ATOM   884  C  CG  . ARG B 1 36 ? 6.421   -10.431 -13.375 1.00 21.11 ? 94  ARG B CG  1 
ATOM   885  C  CD  . ARG B 1 36 ? 6.998   -9.057  -13.505 1.00 37.61 ? 94  ARG B CD  1 
ATOM   886  N  NE  . ARG B 1 36 ? 7.760   -8.738  -12.299 1.00 41.78 ? 94  ARG B NE  1 
ATOM   887  C  CZ  . ARG B 1 36 ? 8.608   -7.739  -12.184 1.00 40.20 ? 94  ARG B CZ  1 
ATOM   888  N  NH1 . ARG B 1 36 ? 8.821   -6.898  -13.198 1.00 47.74 ? 94  ARG B NH1 1 
ATOM   889  N  NH2 . ARG B 1 36 ? 9.247   -7.579  -11.030 1.00 49.05 ? 94  ARG B NH2 1 
ATOM   890  N  N   . VAL B 1 37 ? 3.140   -12.192 -12.434 1.00 13.81 ? 95  VAL B N   1 
ATOM   891  C  CA  . VAL B 1 37 ? 2.558   -12.425 -11.121 1.00 13.75 ? 95  VAL B CA  1 
ATOM   892  C  C   . VAL B 1 37 ? 2.629   -13.903 -10.774 1.00 15.08 ? 95  VAL B C   1 
ATOM   893  O  O   . VAL B 1 37 ? 2.975   -14.258 -9.630  1.00 15.03 ? 95  VAL B O   1 
ATOM   894  C  CB  . VAL B 1 37 ? 1.091   -11.902 -11.035 1.00 14.91 ? 95  VAL B CB  1 
ATOM   895  C  CG1 . VAL B 1 37 ? 0.376   -12.390 -9.747  1.00 14.65 ? 95  VAL B CG1 1 
ATOM   896  C  CG2 . VAL B 1 37 ? 1.084   -10.400 -11.086 1.00 19.99 ? 95  VAL B CG2 1 
ATOM   897  N  N   . LEU B 1 38 ? 2.331   -14.757 -11.752 1.00 12.29 ? 96  LEU B N   1 
ATOM   898  C  CA  . LEU B 1 38 ? 2.342   -16.198 -11.562 1.00 13.31 ? 96  LEU B CA  1 
ATOM   899  C  C   . LEU B 1 38 ? 3.748   -16.829 -11.480 1.00 13.85 ? 96  LEU B C   1 
ATOM   900  O  O   . LEU B 1 38 ? 3.897   -17.926 -10.954 1.00 13.34 ? 96  LEU B O   1 
ATOM   901  C  CB  . LEU B 1 38 ? 1.547   -16.907 -12.667 1.00 14.87 ? 96  LEU B CB  1 
ATOM   902  C  CG  . LEU B 1 38 ? 0.072   -16.578 -12.802 1.00 17.24 ? 96  LEU B CG  1 
ATOM   903  C  CD1 . LEU B 1 38 ? -0.512  -17.381 -13.942 1.00 21.53 ? 96  LEU B CD1 1 
ATOM   904  C  CD2 . LEU B 1 38 ? -0.665  -16.839 -11.492 1.00 19.09 ? 96  LEU B CD2 1 
ATOM   905  N  N   . GLU B 1 39 ? 4.759   -16.140 -11.989 1.00 15.81 ? 97  GLU B N   1 
ATOM   906  C  CA  . GLU B 1 39 ? 6.155   -16.603 -11.935 1.00 13.87 ? 97  GLU B CA  1 
ATOM   907  C  C   . GLU B 1 39 ? 6.905   -16.142 -10.715 1.00 15.62 ? 97  GLU B C   1 
ATOM   908  O  O   . GLU B 1 39 ? 8.013   -16.647 -10.443 1.00 14.54 ? 97  GLU B O   1 
ATOM   909  C  CB  . GLU B 1 39 ? 6.910   -16.103 -13.169 1.00 13.55 ? 97  GLU B CB  1 
ATOM   910  C  CG  . GLU B 1 39 ? 6.478   -16.845 -14.422 1.00 21.74 ? 97  GLU B CG  1 
ATOM   911  C  CD  . GLU B 1 39 ? 7.185   -16.378 -15.700 1.00 22.11 ? 97  GLU B CD  1 
ATOM   912  O  OE1 . GLU B 1 39 ? 7.801   -15.285 -15.744 1.00 32.91 ? 97  GLU B OE1 1 
ATOM   913  O  OE2 . GLU B 1 39 ? 7.107   -17.131 -16.667 1.00 27.35 ? 97  GLU B OE2 1 
HETATM 914  N  N   . MSE B 1 40 ? 6.357   -15.173 -9.983  1.00 11.77 ? 98  MSE B N   1 
HETATM 915  C  CA  . MSE B 1 40 ? 7.059   -14.692 -8.815  1.00 14.75 ? 98  MSE B CA  1 
HETATM 916  C  C   . MSE B 1 40 ? 7.235   -15.816 -7.787  1.00 14.45 ? 98  MSE B C   1 
HETATM 917  O  O   . MSE B 1 40 ? 6.408   -16.726 -7.657  1.00 14.71 ? 98  MSE B O   1 
HETATM 918  C  CB  . MSE B 1 40 ? 6.349   -13.496 -8.178  1.00 16.26 ? 98  MSE B CB  1 
HETATM 919  C  CG  . MSE B 1 40 ? 6.281   -12.331 -9.071  1.00 26.85 ? 98  MSE B CG  1 
HETATM 920  SE SE  . MSE B 1 40 ? 5.721   -10.798 -8.013  1.00 34.24 ? 98  MSE B SE  1 
HETATM 921  C  CE  . MSE B 1 40 ? 3.909   -11.339 -7.453  1.00 23.28 ? 98  MSE B CE  1 
ATOM   922  N  N   . ILE B 1 41 ? 8.368   -15.763 -7.100  1.00 14.63 ? 99  ILE B N   1 
ATOM   923  C  CA  . ILE B 1 41 ? 8.717   -16.699 -6.037  1.00 13.73 ? 99  ILE B CA  1 
ATOM   924  C  C   . ILE B 1 41 ? 9.377   -15.953 -4.889  1.00 12.48 ? 99  ILE B C   1 
ATOM   925  O  O   . ILE B 1 41 ? 9.615   -14.750 -4.973  1.00 10.31 ? 99  ILE B O   1 
ATOM   926  C  CB  . ILE B 1 41 ? 9.653   -17.781 -6.580  1.00 14.56 ? 99  ILE B CB  1 
ATOM   927  C  CG1 . ILE B 1 41 ? 10.924  -17.163 -7.206  1.00 15.82 ? 99  ILE B CG1 1 
ATOM   928  C  CG2 . ILE B 1 41 ? 8.920   -18.660 -7.607  1.00 19.77 ? 99  ILE B CG2 1 
ATOM   929  C  CD1 . ILE B 1 41 ? 11.982  -18.198 -7.522  1.00 22.33 ? 99  ILE B CD1 1 
ATOM   930  N  N   . HIS B 1 42 ? 9.625   -16.664 -3.799  1.00 11.01 ? 100 HIS B N   1 
ATOM   931  C  CA  . HIS B 1 42 ? 10.422  -16.128 -2.677  1.00 13.30 ? 100 HIS B CA  1 
ATOM   932  C  C   . HIS B 1 42 ? 11.732  -15.581 -3.237  1.00 12.88 ? 100 HIS B C   1 
ATOM   933  O  O   . HIS B 1 42 ? 12.424  -16.274 -3.971  1.00 11.10 ? 100 HIS B O   1 
ATOM   934  C  CB  . HIS B 1 42 ? 10.674  -17.204 -1.612  1.00 14.70 ? 100 HIS B CB  1 
ATOM   935  C  CG  . HIS B 1 42 ? 9.417   -17.703 -0.947  1.00 24.11 ? 100 HIS B CG  1 
ATOM   936  N  ND1 . HIS B 1 42 ? 8.632   -18.701 -1.493  1.00 37.90 ? 100 HIS B ND1 1 
ATOM   937  C  CD2 . HIS B 1 42 ? 8.790   -17.323 0.190   1.00 29.17 ? 100 HIS B CD2 1 
ATOM   938  C  CE1 . HIS B 1 42 ? 7.583   -18.913 -0.718  1.00 35.78 ? 100 HIS B CE1 1 
ATOM   939  N  NE2 . HIS B 1 42 ? 7.665   -18.101 0.319   1.00 24.30 ? 100 HIS B NE2 1 
ATOM   940  N  N   . GLY B 1 43 ? 12.036  -14.330 -2.944  1.00 10.74 ? 101 GLY B N   1 
ATOM   941  C  CA  . GLY B 1 43 ? 13.245  -13.679 -3.418  1.00 13.46 ? 101 GLY B CA  1 
ATOM   942  C  C   . GLY B 1 43 ? 13.041  -12.824 -4.666  1.00 13.11 ? 101 GLY B C   1 
ATOM   943  O  O   . GLY B 1 43 ? 13.891  -12.000 -4.988  1.00 14.93 ? 101 GLY B O   1 
ATOM   944  N  N   . SER B 1 44 ? 11.929  -12.989 -5.372  1.00 12.11 ? 102 SER B N   1 
ATOM   945  C  CA  . SER B 1 44 ? 11.618  -12.091 -6.495  1.00 10.91 ? 102 SER B CA  1 
ATOM   946  C  C   . SER B 1 44 ? 11.552  -10.628 -5.997  1.00 13.93 ? 102 SER B C   1 
ATOM   947  O  O   . SER B 1 44 ? 11.195  -10.356 -4.868  1.00 11.85 ? 102 SER B O   1 
ATOM   948  C  CB  . SER B 1 44 ? 10.271  -12.437 -7.128  1.00 13.32 ? 102 SER B CB  1 
ATOM   949  O  OG  . SER B 1 44 ? 10.294  -13.652 -7.818  1.00 13.88 ? 102 SER B OG  1 
ATOM   950  N  N   . ILE B 1 45 ? 11.877  -9.681  -6.862  1.00 13.56 ? 103 ILE B N   1 
ATOM   951  C  CA  . ILE B 1 45 ? 11.854  -8.288  -6.478  1.00 15.46 ? 103 ILE B CA  1 
ATOM   952  C  C   . ILE B 1 45 ? 10.852  -7.551  -7.355  1.00 15.17 ? 103 ILE B C   1 
ATOM   953  O  O   . ILE B 1 45 ? 10.840  -7.733  -8.558  1.00 15.98 ? 103 ILE B O   1 
ATOM   954  C  CB  . ILE B 1 45 ? 13.241  -7.698  -6.629  1.00 19.92 ? 103 ILE B CB  1 
ATOM   955  C  CG1 . ILE B 1 45 ? 14.110  -8.151  -5.447  1.00 24.59 ? 103 ILE B CG1 1 
ATOM   956  C  CG2 . ILE B 1 45 ? 13.142  -6.178  -6.648  1.00 24.09 ? 103 ILE B CG2 1 
ATOM   957  C  CD1 . ILE B 1 45 ? 15.542  -7.937  -5.650  1.00 39.91 ? 103 ILE B CD1 1 
ATOM   958  N  N   . ILE B 1 46 ? 10.040  -6.694  -6.752  1.00 14.06 ? 104 ILE B N   1 
ATOM   959  C  CA  . ILE B 1 46 ? 9.075   -5.909  -7.478  1.00 15.45 ? 104 ILE B CA  1 
ATOM   960  C  C   . ILE B 1 46 ? 9.515   -4.456  -7.315  1.00 16.19 ? 104 ILE B C   1 
ATOM   961  O  O   . ILE B 1 46 ? 9.629   -3.978  -6.211  1.00 13.91 ? 104 ILE B O   1 
ATOM   962  C  CB  . ILE B 1 46 ? 7.677   -6.107  -6.877  1.00 18.69 ? 104 ILE B CB  1 
ATOM   963  C  CG1 . ILE B 1 46 ? 7.233   -7.581  -6.989  1.00 17.34 ? 104 ILE B CG1 1 
ATOM   964  C  CG2 . ILE B 1 46 ? 6.677   -5.164  -7.567  1.00 21.63 ? 104 ILE B CG2 1 
ATOM   965  C  CD1 . ILE B 1 46 ? 5.850   -7.822  -6.347  1.00 25.61 ? 104 ILE B CD1 1 
ATOM   966  N  N   . GLU B 1 47 ? 9.768   -3.759  -8.411  1.00 13.09 ? 105 GLU B N   1 
ATOM   967  C  CA  . GLU B 1 47 ? 10.117  -2.333  -8.349  1.00 14.14 ? 105 GLU B CA  1 
ATOM   968  C  C   . GLU B 1 47 ? 8.867   -1.481  -8.418  1.00 13.02 ? 105 GLU B C   1 
ATOM   969  O  O   . GLU B 1 47 ? 7.953   -1.735  -9.199  1.00 13.03 ? 105 GLU B O   1 
ATOM   970  C  CB  . GLU B 1 47 ? 11.053  -1.953  -9.505  1.00 15.01 ? 105 GLU B CB  1 
ATOM   971  C  CG  . GLU B 1 47 ? 12.285  -2.831  -9.619  1.00 25.18 ? 105 GLU B CG  1 
ATOM   972  C  CD  . GLU B 1 47 ? 13.009  -2.603  -10.941 1.00 38.87 ? 105 GLU B CD  1 
ATOM   973  O  OE1 . GLU B 1 47 ? 13.570  -1.487  -11.131 1.00 38.06 ? 105 GLU B OE1 1 
ATOM   974  O  OE2 . GLU B 1 47 ? 12.982  -3.522  -11.787 1.00 35.32 ? 105 GLU B OE2 1 
ATOM   975  N  N   . LEU B 1 48 ? 8.808   -0.468  -7.574  1.00 11.56 ? 106 LEU B N   1 
ATOM   976  C  CA  . LEU B 1 48 ? 7.634   0.397   -7.500  1.00 9.78  ? 106 LEU B CA  1 
ATOM   977  C  C   . LEU B 1 48 ? 7.899   1.785   -8.090  1.00 13.39 ? 106 LEU B C   1 
ATOM   978  O  O   . LEU B 1 48 ? 9.037   2.197   -8.311  1.00 14.22 ? 106 LEU B O   1 
ATOM   979  C  CB  . LEU B 1 48 ? 7.182   0.529   -6.060  1.00 11.84 ? 106 LEU B CB  1 
ATOM   980  C  CG  . LEU B 1 48 ? 6.981   -0.801  -5.356  1.00 14.76 ? 106 LEU B CG  1 
ATOM   981  C  CD1 . LEU B 1 48 ? 6.778   -0.506  -3.832  1.00 18.18 ? 106 LEU B CD1 1 
ATOM   982  C  CD2 . LEU B 1 48 ? 5.820   -1.572  -5.956  1.00 12.02 ? 106 LEU B CD2 1 
ATOM   983  N  N   . ASP B 1 49 ? 6.821   2.513   -8.265  1.00 13.80 ? 107 ASP B N   1 
ATOM   984  C  CA  . ASP B 1 49 ? 6.840   3.824   -8.884  1.00 16.66 ? 107 ASP B CA  1 
ATOM   985  C  C   . ASP B 1 49 ? 7.266   4.983   -7.990  1.00 18.74 ? 107 ASP B C   1 
ATOM   986  O  O   . ASP B 1 49 ? 7.381   6.087   -8.466  1.00 25.54 ? 107 ASP B O   1 
ATOM   987  C  CB  . ASP B 1 49 ? 5.482   4.140   -9.533  1.00 17.49 ? 107 ASP B CB  1 
ATOM   988  C  CG  . ASP B 1 49 ? 4.269   4.230   -8.522  1.00 25.33 ? 107 ASP B CG  1 
ATOM   989  O  OD1 . ASP B 1 49 ? 4.354   4.129   -7.234  1.00 22.79 ? 107 ASP B OD1 1 
ATOM   990  O  OD2 . ASP B 1 49 ? 3.118   4.417   -9.018  1.00 30.48 ? 107 ASP B OD2 1 
ATOM   991  N  N   . LYS B 1 50 ? 7.545   4.729   -6.727  1.00 15.46 ? 108 LYS B N   1 
ATOM   992  C  CA  . LYS B 1 50 ? 7.985   5.754   -5.802  1.00 12.96 ? 108 LYS B CA  1 
ATOM   993  C  C   . LYS B 1 50 ? 9.511   5.838   -5.704  1.00 13.56 ? 108 LYS B C   1 
ATOM   994  O  O   . LYS B 1 50 ? 10.217  4.845   -5.636  1.00 11.55 ? 108 LYS B O   1 
ATOM   995  C  CB  . LYS B 1 50 ? 7.381   5.463   -4.413  1.00 12.71 ? 108 LYS B CB  1 
ATOM   996  C  CG  . LYS B 1 50 ? 7.614   6.589   -3.345  1.00 26.11 ? 108 LYS B CG  1 
ATOM   997  C  CD  . LYS B 1 50 ? 6.815   6.340   -2.022  1.00 29.82 ? 108 LYS B CD  1 
ATOM   998  C  CE  . LYS B 1 50 ? 5.307   6.451   -2.265  1.00 26.39 ? 108 LYS B CE  1 
ATOM   999  N  NZ  . LYS B 1 50 ? 4.883   7.859   -2.596  1.00 18.38 ? 108 LYS B NZ  1 
ATOM   1000 N  N   . LEU B 1 51 ? 10.013  7.062   -5.693  1.00 11.12 ? 109 LEU B N   1 
ATOM   1001 C  CA  . LEU B 1 51 ? 11.430  7.275   -5.607  1.00 12.23 ? 109 LEU B CA  1 
ATOM   1002 C  C   . LEU B 1 51 ? 11.847  7.256   -4.145  1.00 14.27 ? 109 LEU B C   1 
ATOM   1003 O  O   . LEU B 1 51 ? 11.052  7.603   -3.272  1.00 13.98 ? 109 LEU B O   1 
ATOM   1004 C  CB  . LEU B 1 51 ? 11.757  8.624   -6.237  1.00 14.28 ? 109 LEU B CB  1 
ATOM   1005 C  CG  . LEU B 1 51 ? 11.485  8.643   -7.741  1.00 18.40 ? 109 LEU B CG  1 
ATOM   1006 C  CD1 . LEU B 1 51 ? 11.475  10.090  -8.247  1.00 21.15 ? 109 LEU B CD1 1 
ATOM   1007 C  CD2 . LEU B 1 51 ? 12.520  7.862   -8.532  1.00 21.76 ? 109 LEU B CD2 1 
ATOM   1008 N  N   . THR B 1 52 ? 13.094  6.882   -3.868  1.00 15.41 ? 110 THR B N   1 
ATOM   1009 C  CA  . THR B 1 52 ? 13.493  6.646   -2.479  1.00 19.15 ? 110 THR B CA  1 
ATOM   1010 C  C   . THR B 1 52 ? 13.475  7.866   -1.596  1.00 20.36 ? 110 THR B C   1 
ATOM   1011 O  O   . THR B 1 52 ? 13.401  7.708   -0.383  1.00 23.10 ? 110 THR B O   1 
ATOM   1012 C  CB  . THR B 1 52 ? 14.906  6.019   -2.363  1.00 19.34 ? 110 THR B CB  1 
ATOM   1013 O  OG1 . THR B 1 52 ? 15.835  6.788   -3.109  1.00 20.29 ? 110 THR B OG1 1 
ATOM   1014 C  CG2 . THR B 1 52 ? 14.913  4.630   -3.005  1.00 25.03 ? 110 THR B CG2 1 
ATOM   1015 N  N   . GLY B 1 53 ? 13.568  9.062   -2.149  1.00 19.39 ? 111 GLY B N   1 
ATOM   1016 C  CA  . GLY B 1 53 ? 13.496  10.264  -1.319  1.00 17.09 ? 111 GLY B CA  1 
ATOM   1017 C  C   . GLY B 1 53 ? 12.107  10.795  -1.021  1.00 18.23 ? 111 GLY B C   1 
ATOM   1018 O  O   . GLY B 1 53 ? 11.963  11.732  -0.268  1.00 20.78 ? 111 GLY B O   1 
ATOM   1019 N  N   . GLU B 1 54 ? 11.084  10.189  -1.621  1.00 16.87 ? 112 GLU B N   1 
ATOM   1020 C  CA  . GLU B 1 54 ? 9.713   10.617  -1.491  1.00 15.05 ? 112 GLU B CA  1 
ATOM   1021 C  C   . GLU B 1 54 ? 9.037   10.081  -0.278  1.00 16.65 ? 112 GLU B C   1 
ATOM   1022 O  O   . GLU B 1 54 ? 9.261   8.948   0.127   1.00 13.43 ? 112 GLU B O   1 
ATOM   1023 C  CB  . GLU B 1 54 ? 8.887   10.134  -2.686  1.00 14.30 ? 112 GLU B CB  1 
ATOM   1024 C  CG  . GLU B 1 54 ? 9.316   10.745  -3.976  1.00 19.49 ? 112 GLU B CG  1 
ATOM   1025 C  CD  . GLU B 1 54 ? 8.311   10.463  -5.058  1.00 22.39 ? 112 GLU B CD  1 
ATOM   1026 O  OE1 . GLU B 1 54 ? 8.301   9.330   -5.599  1.00 17.14 ? 112 GLU B OE1 1 
ATOM   1027 O  OE2 . GLU B 1 54 ? 7.530   11.386  -5.363  1.00 18.08 ? 112 GLU B OE2 1 
ATOM   1028 N  N   . PRO B 1 55 ? 8.126   10.876  0.266   1.00 13.99 ? 113 PRO B N   1 
ATOM   1029 C  CA  . PRO B 1 55 ? 7.279   10.390  1.352   1.00 17.22 ? 113 PRO B CA  1 
ATOM   1030 C  C   . PRO B 1 55 ? 6.261   9.367   0.816   1.00 15.15 ? 113 PRO B C   1 
ATOM   1031 O  O   . PRO B 1 55 ? 5.938   9.373   -0.361  1.00 17.81 ? 113 PRO B O   1 
ATOM   1032 C  CB  . PRO B 1 55 ? 6.591   11.660  1.839   1.00 15.11 ? 113 PRO B CB  1 
ATOM   1033 C  CG  . PRO B 1 55 ? 6.547   12.531  0.598   1.00 15.67 ? 113 PRO B CG  1 
ATOM   1034 C  CD  . PRO B 1 55 ? 7.811   12.274  -0.113  1.00 18.18 ? 113 PRO B CD  1 
ATOM   1035 N  N   . VAL B 1 56 ? 5.778   8.511   1.704   1.00 15.29 ? 114 VAL B N   1 
ATOM   1036 C  CA  . VAL B 1 56 ? 4.817   7.471   1.381   1.00 15.66 ? 114 VAL B CA  1 
ATOM   1037 C  C   . VAL B 1 56 ? 3.387   8.005   1.347   1.00 15.18 ? 114 VAL B C   1 
ATOM   1038 O  O   . VAL B 1 56 ? 3.100   9.045   1.943   1.00 16.51 ? 114 VAL B O   1 
ATOM   1039 C  CB  . VAL B 1 56 ? 4.946   6.272   2.378   1.00 18.23 ? 114 VAL B CB  1 
ATOM   1040 C  CG1 . VAL B 1 56 ? 6.366   5.682   2.322   1.00 21.07 ? 114 VAL B CG1 1 
ATOM   1041 C  CG2 . VAL B 1 56 ? 4.598   6.652   3.784   1.00 18.22 ? 114 VAL B CG2 1 
ATOM   1042 N  N   . ASP B 1 57 ? 2.507   7.314   0.610   1.00 14.87 ? 115 ASP B N   1 
ATOM   1043 C  CA  . ASP B 1 57 ? 1.140   7.809   0.354   1.00 17.06 ? 115 ASP B CA  1 
ATOM   1044 C  C   . ASP B 1 57 ? 0.177   7.442   1.443   1.00 16.42 ? 115 ASP B C   1 
ATOM   1045 O  O   . ASP B 1 57 ? 0.191   6.318   1.911   1.00 16.88 ? 115 ASP B O   1 
ATOM   1046 C  CB  . ASP B 1 57 ? 0.602   7.230   -0.955  1.00 15.59 ? 115 ASP B CB  1 
ATOM   1047 C  CG  . ASP B 1 57 ? 1.477   7.584   -2.161  1.00 21.96 ? 115 ASP B CG  1 
ATOM   1048 O  OD1 . ASP B 1 57 ? 2.036   8.686   -2.189  1.00 24.02 ? 115 ASP B OD1 1 
ATOM   1049 O  OD2 . ASP B 1 57 ? 1.687   6.790   -3.090  1.00 35.88 ? 115 ASP B OD2 1 
ATOM   1050 N  N   . ILE B 1 58 ? -0.671  8.400   1.848   1.00 16.70 ? 116 ILE B N   1 
ATOM   1051 C  CA  . ILE B 1 58 ? -1.703  8.150   2.794   1.00 14.36 ? 116 ILE B CA  1 
ATOM   1052 C  C   . ILE B 1 58 ? -3.050  8.314   2.112   1.00 15.62 ? 116 ILE B C   1 
ATOM   1053 O  O   . ILE B 1 58 ? -3.401  9.407   1.688   1.00 14.75 ? 116 ILE B O   1 
ATOM   1054 C  CB  . ILE B 1 58 ? -1.564  9.143   3.988   1.00 14.18 ? 116 ILE B CB  1 
ATOM   1055 C  CG1 . ILE B 1 58 ? -0.161  9.013   4.636   1.00 18.66 ? 116 ILE B CG1 1 
ATOM   1056 C  CG2 . ILE B 1 58 ? -2.668  8.918   4.978   1.00 18.91 ? 116 ILE B CG2 1 
ATOM   1057 C  CD1 . ILE B 1 58 ? 0.268   10.197  5.469   1.00 21.60 ? 116 ILE B CD1 1 
ATOM   1058 N  N   . LEU B 1 59 ? -3.809  7.232   2.032   1.00 13.93 ? 117 LEU B N   1 
ATOM   1059 C  CA  . LEU B 1 59 ? -5.042  7.229   1.314   1.00 14.10 ? 117 LEU B CA  1 
ATOM   1060 C  C   . LEU B 1 59 ? -6.183  7.062   2.326   1.00 15.41 ? 117 LEU B C   1 
ATOM   1061 O  O   . LEU B 1 59 ? -6.087  6.286   3.283   1.00 16.21 ? 117 LEU B O   1 
ATOM   1062 C  CB  . LEU B 1 59 ? -5.069  6.119   0.277   1.00 17.33 ? 117 LEU B CB  1 
ATOM   1063 C  CG  . LEU B 1 59 ? -4.109  6.291   -0.918  1.00 22.51 ? 117 LEU B CG  1 
ATOM   1064 C  CD1 . LEU B 1 59 ? -2.819  5.578   -0.678  1.00 24.12 ? 117 LEU B CD1 1 
ATOM   1065 C  CD2 . LEU B 1 59 ? -4.740  5.713   -2.152  1.00 34.03 ? 117 LEU B CD2 1 
ATOM   1066 N  N   . VAL B 1 60 ? -7.248  7.822   2.141   1.00 14.70 ? 118 VAL B N   1 
ATOM   1067 C  CA  . VAL B 1 60 ? -8.443  7.646   2.977   1.00 13.31 ? 118 VAL B CA  1 
ATOM   1068 C  C   . VAL B 1 60 ? -9.577  7.302   2.040   1.00 15.10 ? 118 VAL B C   1 
ATOM   1069 O  O   . VAL B 1 60 ? -9.820  8.025   1.064   1.00 13.31 ? 118 VAL B O   1 
ATOM   1070 C  CB  . VAL B 1 60 ? -8.728  8.925   3.753   1.00 12.17 ? 118 VAL B CB  1 
ATOM   1071 C  CG1 . VAL B 1 60 ? -9.956  8.755   4.655   1.00 17.81 ? 118 VAL B CG1 1 
ATOM   1072 C  CG2 . VAL B 1 60 ? -7.501  9.290   4.559   1.00 18.56 ? 118 VAL B CG2 1 
ATOM   1073 N  N   . ASN B 1 61 ? -10.216 6.161   2.279   1.00 16.20 ? 119 ASN B N   1 
ATOM   1074 C  CA  . ASN B 1 61 ? -11.208 5.627   1.347   1.00 16.92 ? 119 ASN B CA  1 
ATOM   1075 C  C   . ASN B 1 61 ? -10.711 5.628   -0.103  1.00 18.43 ? 119 ASN B C   1 
ATOM   1076 O  O   . ASN B 1 61 ? -11.484 5.904   -1.030  1.00 15.99 ? 119 ASN B O   1 
ATOM   1077 C  CB  . ASN B 1 61 ? -12.531 6.390   1.498   1.00 19.68 ? 119 ASN B CB  1 
ATOM   1078 C  CG  . ASN B 1 61 ? -13.312 5.967   2.721   1.00 23.01 ? 119 ASN B CG  1 
ATOM   1079 O  OD1 . ASN B 1 61 ? -12.841 5.141   3.520   1.00 19.67 ? 119 ASN B OD1 1 
ATOM   1080 N  ND2 . ASN B 1 61 ? -14.523 6.516   2.877   1.00 20.64 ? 119 ASN B ND2 1 
ATOM   1081 N  N   . GLY B 1 62 ? -9.425  5.307   -0.283  1.00 16.30 ? 120 GLY B N   1 
ATOM   1082 C  CA  . GLY B 1 62 ? -8.803  5.198   -1.595  1.00 18.61 ? 120 GLY B CA  1 
ATOM   1083 C  C   . GLY B 1 62 ? -8.382  6.504   -2.258  1.00 18.44 ? 120 GLY B C   1 
ATOM   1084 O  O   . GLY B 1 62 ? -7.961  6.485   -3.402  1.00 19.04 ? 120 GLY B O   1 
ATOM   1085 N  N   . LYS B 1 63 ? -8.528  7.630   -1.566  1.00 13.94 ? 121 LYS B N   1 
ATOM   1086 C  CA  . LYS B 1 63 ? -8.217  8.952   -2.099  1.00 15.87 ? 121 LYS B CA  1 
ATOM   1087 C  C   . LYS B 1 63 ? -6.953  9.432   -1.448  1.00 16.25 ? 121 LYS B C   1 
ATOM   1088 O  O   . LYS B 1 63 ? -6.834  9.380   -0.232  1.00 12.24 ? 121 LYS B O   1 
ATOM   1089 C  CB  . LYS B 1 63 ? -9.342  9.947   -1.772  1.00 17.48 ? 121 LYS B CB  1 
ATOM   1090 C  CG  . LYS B 1 63 ? -10.742 9.511   -2.226  1.00 20.72 ? 121 LYS B CG  1 
ATOM   1091 C  CD  . LYS B 1 63 ? -10.818 9.336   -3.738  1.00 31.82 ? 121 LYS B CD  1 
ATOM   1092 C  CE  . LYS B 1 63 ? -12.259 9.058   -4.194  1.00 33.09 ? 121 LYS B CE  1 
ATOM   1093 N  NZ  . LYS B 1 63 ? -12.523 9.629   -5.552  1.00 41.95 ? 121 LYS B NZ  1 
ATOM   1094 N  N   . LEU B 1 64 ? -6.006  9.880   -2.253  1.00 15.00 ? 122 LEU B N   1 
ATOM   1095 C  CA  . LEU B 1 64 ? -4.739  10.370  -1.753  1.00 17.30 ? 122 LEU B CA  1 
ATOM   1096 C  C   . LEU B 1 64 ? -4.900  11.740  -1.157  1.00 18.46 ? 122 LEU B C   1 
ATOM   1097 O  O   . LEU B 1 64 ? -5.154  12.699  -1.864  1.00 20.80 ? 122 LEU B O   1 
ATOM   1098 C  CB  . LEU B 1 64 ? -3.745  10.509  -2.872  1.00 16.93 ? 122 LEU B CB  1 
ATOM   1099 C  CG  . LEU B 1 64 ? -2.336  10.954  -2.518  1.00 19.45 ? 122 LEU B CG  1 
ATOM   1100 C  CD1 . LEU B 1 64 ? -1.692  9.965   -1.563  1.00 16.08 ? 122 LEU B CD1 1 
ATOM   1101 C  CD2 . LEU B 1 64 ? -1.534  11.026  -3.831  1.00 29.28 ? 122 LEU B CD2 1 
ATOM   1102 N  N   . ILE B 1 65 ? -4.785  11.843  0.147   1.00 16.09 ? 123 ILE B N   1 
ATOM   1103 C  CA  . ILE B 1 65 ? -4.947  13.146  0.760   1.00 16.22 ? 123 ILE B CA  1 
ATOM   1104 C  C   . ILE B 1 65 ? -3.691  13.710  1.417   1.00 17.07 ? 123 ILE B C   1 
ATOM   1105 O  O   . ILE B 1 65 ? -3.620  14.915  1.722   1.00 16.22 ? 123 ILE B O   1 
ATOM   1106 C  CB  . ILE B 1 65 ? -6.084  13.112  1.756   1.00 20.63 ? 123 ILE B CB  1 
ATOM   1107 C  CG1 . ILE B 1 65 ? -5.793  12.213  2.914   1.00 24.10 ? 123 ILE B CG1 1 
ATOM   1108 C  CG2 . ILE B 1 65 ? -7.454  12.813  1.082   1.00 23.20 ? 123 ILE B CG2 1 
ATOM   1109 C  CD1 . ILE B 1 65 ? -6.528  12.726  4.150   1.00 30.35 ? 123 ILE B CD1 1 
ATOM   1110 N  N   . ALA B 1 66 ? -2.735  12.838  1.669   1.00 14.06 ? 124 ALA B N   1 
ATOM   1111 C  CA  . ALA B 1 66 ? -1.519  13.196  2.380   1.00 14.18 ? 124 ALA B CA  1 
ATOM   1112 C  C   . ALA B 1 66 ? -0.364  12.257  2.046   1.00 15.96 ? 124 ALA B C   1 
ATOM   1113 O  O   . ALA B 1 66 ? -0.561  11.208  1.466   1.00 15.82 ? 124 ALA B O   1 
ATOM   1114 C  CB  . ALA B 1 66 ? -1.790  13.203  3.866   1.00 13.40 ? 124 ALA B CB  1 
ATOM   1115 N  N   . ARG B 1 67 ? 0.852   12.692  2.362   1.00 14.46 ? 125 ARG B N   1 
ATOM   1116 C  CA  . ARG B 1 67 ? 2.032   11.846  2.261   1.00 13.73 ? 125 ARG B CA  1 
ATOM   1117 C  C   . ARG B 1 67 ? 2.856   12.072  3.522   1.00 14.58 ? 125 ARG B C   1 
ATOM   1118 O  O   . ARG B 1 67 ? 2.700   13.110  4.192   1.00 14.95 ? 125 ARG B O   1 
ATOM   1119 C  CB  . ARG B 1 67 ? 2.841   12.175  1.016   1.00 13.83 ? 125 ARG B CB  1 
ATOM   1120 C  CG  . ARG B 1 67 ? 2.065   11.958  -0.279  1.00 15.83 ? 125 ARG B CG  1 
ATOM   1121 C  CD  . ARG B 1 67 ? 2.927   11.770  -1.541  1.00 19.69 ? 125 ARG B CD  1 
ATOM   1122 N  NE  . ARG B 1 67 ? 3.838   12.904  -1.734  1.00 24.64 ? 125 ARG B NE  1 
ATOM   1123 C  CZ  . ARG B 1 67 ? 4.857   12.886  -2.603  1.00 23.34 ? 125 ARG B CZ  1 
ATOM   1124 N  NH1 . ARG B 1 67 ? 5.096   11.806  -3.350  1.00 23.30 ? 125 ARG B NH1 1 
ATOM   1125 N  NH2 . ARG B 1 67 ? 5.643   13.940  -2.712  1.00 20.64 ? 125 ARG B NH2 1 
ATOM   1126 N  N   . GLY B 1 68 ? 3.686   11.106  3.888   1.00 13.99 ? 126 GLY B N   1 
ATOM   1127 C  CA  . GLY B 1 68 ? 4.578   11.314  5.028   1.00 16.01 ? 126 GLY B CA  1 
ATOM   1128 C  C   . GLY B 1 68 ? 5.702   10.337  5.192   1.00 17.41 ? 126 GLY B C   1 
ATOM   1129 O  O   . GLY B 1 68 ? 6.006   9.594   4.304   1.00 16.48 ? 126 GLY B O   1 
ATOM   1130 N  N   . GLU B 1 69 ? 6.321   10.384  6.354   1.00 17.68 ? 127 GLU B N   1 
ATOM   1131 C  CA  A GLU B 1 69 ? 7.509   9.602   6.662   0.60 19.35 ? 127 GLU B CA  1 
ATOM   1132 C  CA  B GLU B 1 69 ? 7.494   9.571   6.626   0.40 18.88 ? 127 GLU B CA  1 
ATOM   1133 C  C   . GLU B 1 69 ? 7.162   8.493   7.649   1.00 18.54 ? 127 GLU B C   1 
ATOM   1134 O  O   . GLU B 1 69 ? 6.371   8.704   8.569   1.00 16.30 ? 127 GLU B O   1 
ATOM   1135 C  CB  A GLU B 1 69 ? 8.588   10.535  7.230   0.60 21.77 ? 127 GLU B CB  1 
ATOM   1136 C  CB  B GLU B 1 69 ? 8.653   10.454  7.101   0.40 20.66 ? 127 GLU B CB  1 
ATOM   1137 C  CG  A GLU B 1 69 ? 9.053   11.566  6.196   0.60 30.70 ? 127 GLU B CG  1 
ATOM   1138 C  CG  B GLU B 1 69 ? 9.128   11.485  6.066   0.40 26.49 ? 127 GLU B CG  1 
ATOM   1139 C  CD  A GLU B 1 69 ? 10.099  12.559  6.694   0.60 35.86 ? 127 GLU B CD  1 
ATOM   1140 C  CD  B GLU B 1 69 ? 9.776   10.871  4.830   0.40 29.65 ? 127 GLU B CD  1 
ATOM   1141 O  OE1 A GLU B 1 69 ? 10.216  12.805  7.922   0.60 35.56 ? 127 GLU B OE1 1 
ATOM   1142 O  OE1 B GLU B 1 69 ? 10.078  9.666   4.849   0.40 30.04 ? 127 GLU B OE1 1 
ATOM   1143 O  OE2 A GLU B 1 69 ? 10.800  13.118  5.825   0.60 42.55 ? 127 GLU B OE2 1 
ATOM   1144 O  OE2 B GLU B 1 69 ? 9.983   11.598  3.830   0.40 33.79 ? 127 GLU B OE2 1 
ATOM   1145 N  N   . VAL B 1 70 ? 7.750   7.317   7.475   1.00 16.01 ? 128 VAL B N   1 
ATOM   1146 C  CA  . VAL B 1 70 ? 7.445   6.203   8.351   1.00 16.13 ? 128 VAL B CA  1 
ATOM   1147 C  C   . VAL B 1 70 ? 8.148   6.401   9.685   1.00 18.35 ? 128 VAL B C   1 
ATOM   1148 O  O   . VAL B 1 70 ? 9.296   6.857   9.762   1.00 17.13 ? 128 VAL B O   1 
ATOM   1149 C  CB  . VAL B 1 70 ? 7.838   4.874   7.703   1.00 18.45 ? 128 VAL B CB  1 
ATOM   1150 C  CG1 . VAL B 1 70 ? 7.555   3.694   8.677   1.00 18.41 ? 128 VAL B CG1 1 
ATOM   1151 C  CG2 . VAL B 1 70 ? 7.070   4.703   6.429   1.00 22.19 ? 128 VAL B CG2 1 
ATOM   1152 N  N   . VAL B 1 71 ? 7.438   6.093   10.746  1.00 15.83 ? 129 VAL B N   1 
ATOM   1153 C  CA  . VAL B 1 71 ? 7.946   6.120   12.088  1.00 16.56 ? 129 VAL B CA  1 
ATOM   1154 C  C   . VAL B 1 71 ? 7.545   4.848   12.795  1.00 15.55 ? 129 VAL B C   1 
ATOM   1155 O  O   . VAL B 1 71 ? 6.679   4.109   12.356  1.00 16.47 ? 129 VAL B O   1 
ATOM   1156 C  CB  . VAL B 1 71 ? 7.417   7.363   12.927  1.00 16.77 ? 129 VAL B CB  1 
ATOM   1157 C  CG1 . VAL B 1 71 ? 7.895   8.682   12.345  1.00 22.38 ? 129 VAL B CG1 1 
ATOM   1158 C  CG2 . VAL B 1 71 ? 5.895   7.363   13.059  1.00 22.04 ? 129 VAL B CG2 1 
ATOM   1159 N  N   . VAL B 1 72 ? 8.193   4.606   13.906  1.00 15.11 ? 130 VAL B N   1 
ATOM   1160 C  CA  . VAL B 1 72 ? 7.810   3.555   14.854  1.00 17.80 ? 130 VAL B CA  1 
ATOM   1161 C  C   . VAL B 1 72 ? 7.276   4.160   16.122  1.00 18.22 ? 130 VAL B C   1 
ATOM   1162 O  O   . VAL B 1 72 ? 7.917   5.023   16.699  1.00 20.59 ? 130 VAL B O   1 
ATOM   1163 C  CB  . VAL B 1 72 ? 8.999   2.708   15.195  1.00 16.06 ? 130 VAL B CB  1 
ATOM   1164 C  CG1 . VAL B 1 72 ? 8.663   1.642   16.250  1.00 19.76 ? 130 VAL B CG1 1 
ATOM   1165 C  CG2 . VAL B 1 72 ? 9.500   1.994   13.941  1.00 25.25 ? 130 VAL B CG2 1 
ATOM   1166 N  N   . ILE B 1 73 ? 6.116   3.702   16.553  1.00 17.55 ? 131 ILE B N   1 
ATOM   1167 C  CA  . ILE B 1 73 ? 5.545   4.099   17.833  1.00 21.07 ? 131 ILE B CA  1 
ATOM   1168 C  C   . ILE B 1 73 ? 5.404   2.822   18.658  1.00 18.25 ? 131 ILE B C   1 
ATOM   1169 O  O   . ILE B 1 73 ? 4.481   2.048   18.445  1.00 17.13 ? 131 ILE B O   1 
ATOM   1170 C  CB  . ILE B 1 73 ? 4.196   4.781   17.651  1.00 21.49 ? 131 ILE B CB  1 
ATOM   1171 C  CG1 . ILE B 1 73 ? 4.249   5.918   16.630  1.00 29.05 ? 131 ILE B CG1 1 
ATOM   1172 C  CG2 . ILE B 1 73 ? 3.680   5.324   19.006  1.00 30.43 ? 131 ILE B CG2 1 
ATOM   1173 C  CD1 . ILE B 1 73 ? 3.180   5.793   15.614  1.00 38.43 ? 131 ILE B CD1 1 
ATOM   1174 N  N   . ASP B 1 74 ? 6.360   2.667   19.580  1.00 19.74 ? 132 ASP B N   1 
ATOM   1175 C  CA  A ASP B 1 74 ? 6.480   1.511   20.468  0.60 20.86 ? 132 ASP B CA  1 
ATOM   1176 C  CA  B ASP B 1 74 ? 6.500   1.519   20.464  0.40 20.21 ? 132 ASP B CA  1 
ATOM   1177 C  C   . ASP B 1 74 ? 6.759   0.288   19.588  1.00 16.99 ? 132 ASP B C   1 
ATOM   1178 O  O   . ASP B 1 74 ? 7.873   0.136   19.100  1.00 20.08 ? 132 ASP B O   1 
ATOM   1179 C  CB  A ASP B 1 74 ? 5.233   1.371   21.371  0.60 21.91 ? 132 ASP B CB  1 
ATOM   1180 C  CB  B ASP B 1 74 ? 5.313   1.401   21.442  0.40 20.96 ? 132 ASP B CB  1 
ATOM   1181 C  CG  A ASP B 1 74 ? 5.334   0.232   22.378  0.60 27.72 ? 132 ASP B CG  1 
ATOM   1182 C  CG  B ASP B 1 74 ? 5.271   2.561   22.463  0.40 26.22 ? 132 ASP B CG  1 
ATOM   1183 O  OD1 A ASP B 1 74 ? 6.437   -0.322  22.599  0.60 30.96 ? 132 ASP B OD1 1 
ATOM   1184 O  OD1 B ASP B 1 74 ? 6.298   2.799   23.123  0.40 29.91 ? 132 ASP B OD1 1 
ATOM   1185 O  OD2 A ASP B 1 74 ? 4.327   -0.184  23.000  0.60 35.93 ? 132 ASP B OD2 1 
ATOM   1186 O  OD2 B ASP B 1 74 ? 4.265   3.289   22.666  0.40 27.52 ? 132 ASP B OD2 1 
ATOM   1187 N  N   . GLU B 1 75 ? 5.767   -0.565  19.353  1.00 15.87 ? 133 GLU B N   1 
ATOM   1188 C  CA  . GLU B 1 75 ? 5.979   -1.687  18.434  1.00 16.77 ? 133 GLU B CA  1 
ATOM   1189 C  C   . GLU B 1 75 ? 5.124   -1.661  17.164  1.00 13.76 ? 133 GLU B C   1 
ATOM   1190 O  O   . GLU B 1 75 ? 5.089   -2.630  16.462  1.00 15.30 ? 133 GLU B O   1 
ATOM   1191 C  CB  . GLU B 1 75 ? 5.880   -3.027  19.152  1.00 21.65 ? 133 GLU B CB  1 
ATOM   1192 C  CG  . GLU B 1 75 ? 4.510   -3.396  19.658  1.00 19.84 ? 133 GLU B CG  1 
ATOM   1193 C  CD  . GLU B 1 75 ? 4.432   -4.801  20.225  1.00 30.17 ? 133 GLU B CD  1 
ATOM   1194 O  OE1 . GLU B 1 75 ? 5.508   -5.381  20.561  1.00 21.45 ? 133 GLU B OE1 1 
ATOM   1195 O  OE2 . GLU B 1 75 ? 3.275   -5.307  20.375  1.00 16.05 ? 133 GLU B OE2 1 
ATOM   1196 N  N   . ASN B 1 76 ? 4.488   -0.548  16.858  1.00 13.98 ? 134 ASN B N   1 
ATOM   1197 C  CA  . ASN B 1 76 ? 3.683   -0.420  15.642  1.00 15.00 ? 134 ASN B CA  1 
ATOM   1198 C  C   . ASN B 1 76 ? 4.323   0.575   14.700  1.00 16.90 ? 134 ASN B C   1 
ATOM   1199 O  O   . ASN B 1 76 ? 4.910   1.587   15.140  1.00 18.36 ? 134 ASN B O   1 
ATOM   1200 C  CB  . ASN B 1 76 ? 2.262   0.059   15.966  1.00 17.06 ? 134 ASN B CB  1 
ATOM   1201 C  CG  . ASN B 1 76 ? 1.408   -1.035  16.568  1.00 20.69 ? 134 ASN B CG  1 
ATOM   1202 O  OD1 . ASN B 1 76 ? 1.649   -1.417  17.697  1.00 20.34 ? 134 ASN B OD1 1 
ATOM   1203 N  ND2 . ASN B 1 76 ? 0.435   -1.577  15.807  1.00 20.24 ? 134 ASN B ND2 1 
ATOM   1204 N  N   . PHE B 1 77 ? 4.174   0.328   13.408  1.00 13.67 ? 135 PHE B N   1 
ATOM   1205 C  CA  . PHE B 1 77 ? 4.544   1.338   12.442  1.00 14.59 ? 135 PHE B CA  1 
ATOM   1206 C  C   . PHE B 1 77 ? 3.496   2.430   12.418  1.00 18.33 ? 135 PHE B C   1 
ATOM   1207 O  O   . PHE B 1 77 ? 2.332   2.236   12.787  1.00 16.19 ? 135 PHE B O   1 
ATOM   1208 C  CB  . PHE B 1 77 ? 4.674   0.761   11.040  1.00 18.17 ? 135 PHE B CB  1 
ATOM   1209 C  CG  . PHE B 1 77 ? 5.873   -0.071  10.859  1.00 15.25 ? 135 PHE B CG  1 
ATOM   1210 C  CD1 . PHE B 1 77 ? 7.142   0.513   10.765  1.00 17.20 ? 135 PHE B CD1 1 
ATOM   1211 C  CD2 . PHE B 1 77 ? 5.763   -1.466  10.823  1.00 16.69 ? 135 PHE B CD2 1 
ATOM   1212 C  CE1 . PHE B 1 77 ? 8.239   -0.261  10.624  1.00 18.39 ? 135 PHE B CE1 1 
ATOM   1213 C  CE2 . PHE B 1 77 ? 6.858   -2.236  10.661  1.00 21.43 ? 135 PHE B CE2 1 
ATOM   1214 C  CZ  . PHE B 1 77 ? 8.103   -1.658  10.572  1.00 16.87 ? 135 PHE B CZ  1 
ATOM   1215 N  N   . GLY B 1 78 ? 3.943   3.586   11.977  1.00 18.14 ? 136 GLY B N   1 
ATOM   1216 C  CA  . GLY B 1 78 ? 3.104   4.745   11.833  1.00 17.03 ? 136 GLY B CA  1 
ATOM   1217 C  C   . GLY B 1 78 ? 3.666   5.636   10.732  1.00 15.82 ? 136 GLY B C   1 
ATOM   1218 O  O   . GLY B 1 78 ? 4.698   5.326   10.166  1.00 17.64 ? 136 GLY B O   1 
ATOM   1219 N  N   . VAL B 1 79 ? 2.968   6.735   10.447  1.00 16.16 ? 137 VAL B N   1 
ATOM   1220 C  CA  . VAL B 1 79 ? 3.426   7.737   9.494   1.00 14.58 ? 137 VAL B CA  1 
ATOM   1221 C  C   . VAL B 1 79 ? 3.238   9.102   10.118  1.00 14.95 ? 137 VAL B C   1 
ATOM   1222 O  O   . VAL B 1 79 ? 2.248   9.332   10.824  1.00 14.82 ? 137 VAL B O   1 
ATOM   1223 C  CB  A VAL B 1 79 ? 2.721   7.630   8.112   0.50 17.43 ? 137 VAL B CB  1 
ATOM   1224 C  CB  B VAL B 1 79 ? 2.627   7.616   8.135   0.50 16.56 ? 137 VAL B CB  1 
ATOM   1225 C  CG1 A VAL B 1 79 ? 3.179   6.372   7.413   0.50 15.47 ? 137 VAL B CG1 1 
ATOM   1226 C  CG1 B VAL B 1 79 ? 1.186   8.054   8.290   0.50 21.23 ? 137 VAL B CG1 1 
ATOM   1227 C  CG2 A VAL B 1 79 ? 1.211   7.657   8.232   0.50 22.25 ? 137 VAL B CG2 1 
ATOM   1228 C  CG2 B VAL B 1 79 ? 3.286   8.401   7.013   0.50 13.01 ? 137 VAL B CG2 1 
ATOM   1229 N  N   . ARG B 1 80 ? 4.213   9.975   9.893   1.00 13.96 ? 138 ARG B N   1 
ATOM   1230 C  CA  . ARG B 1 80 ? 4.148   11.381  10.280  1.00 16.78 ? 138 ARG B CA  1 
ATOM   1231 C  C   . ARG B 1 80 ? 3.914   12.163  8.994   1.00 14.14 ? 138 ARG B C   1 
ATOM   1232 O  O   . ARG B 1 80 ? 4.699   12.068  8.039   1.00 16.15 ? 138 ARG B O   1 
ATOM   1233 C  CB  . ARG B 1 80 ? 5.483   11.765  10.932  1.00 16.38 ? 138 ARG B CB  1 
ATOM   1234 C  CG  A ARG B 1 80 ? 5.678   13.194  11.419  0.60 25.02 ? 138 ARG B CG  1 
ATOM   1235 C  CG  B ARG B 1 80 ? 5.473   13.224  11.397  0.40 19.28 ? 138 ARG B CG  1 
ATOM   1236 C  CD  A ARG B 1 80 ? 7.097   13.384  12.032  0.60 29.40 ? 138 ARG B CD  1 
ATOM   1237 C  CD  B ARG B 1 80 ? 6.619   13.654  12.303  0.40 23.07 ? 138 ARG B CD  1 
ATOM   1238 N  NE  A ARG B 1 80 ? 7.809   14.573  11.586  0.60 30.48 ? 138 ARG B NE  1 
ATOM   1239 N  NE  B ARG B 1 80 ? 6.543   15.084  12.561  0.40 16.63 ? 138 ARG B NE  1 
ATOM   1240 C  CZ  A ARG B 1 80 ? 8.444   14.704  10.416  0.60 40.99 ? 138 ARG B CZ  1 
ATOM   1241 C  CZ  B ARG B 1 80 ? 7.077   16.032  11.756  0.40 28.94 ? 138 ARG B CZ  1 
ATOM   1242 N  NH1 A ARG B 1 80 ? 8.462   13.732  9.506   0.60 32.26 ? 138 ARG B NH1 1 
ATOM   1243 N  NH1 B ARG B 1 80 ? 7.697   15.707  10.622  0.40 27.65 ? 138 ARG B NH1 1 
ATOM   1244 N  NH2 A ARG B 1 80 ? 9.062   15.843  10.145  0.60 46.99 ? 138 ARG B NH2 1 
ATOM   1245 N  NH2 B ARG B 1 80 ? 6.949   17.322  12.061  0.40 15.67 ? 138 ARG B NH2 1 
ATOM   1246 N  N   . ILE B 1 81 ? 2.834   12.924  8.972   1.00 14.72 ? 139 ILE B N   1 
ATOM   1247 C  CA  A ILE B 1 81 ? 2.449   13.678  7.797   0.50 15.34 ? 139 ILE B CA  1 
ATOM   1248 C  CA  B ILE B 1 81 ? 2.434   13.696  7.806   0.50 15.12 ? 139 ILE B CA  1 
ATOM   1249 C  C   . ILE B 1 81 ? 3.442   14.807  7.473   1.00 15.03 ? 139 ILE B C   1 
ATOM   1250 O  O   . ILE B 1 81 ? 3.814   15.613  8.334   1.00 15.89 ? 139 ILE B O   1 
ATOM   1251 C  CB  A ILE B 1 81 ? 1.014   14.213  7.963   0.50 14.58 ? 139 ILE B CB  1 
ATOM   1252 C  CB  B ILE B 1 81 ? 1.020   14.301  8.012   0.50 14.23 ? 139 ILE B CB  1 
ATOM   1253 C  CG1 A ILE B 1 81 ? 0.025   13.037  7.940   0.50 20.58 ? 139 ILE B CG1 1 
ATOM   1254 C  CG1 B ILE B 1 81 ? -0.026  13.183  8.152   0.50 18.72 ? 139 ILE B CG1 1 
ATOM   1255 C  CG2 A ILE B 1 81 ? 0.669   15.213  6.870   0.50 15.66 ? 139 ILE B CG2 1 
ATOM   1256 C  CG2 B ILE B 1 81 ? 0.664   15.238  6.860   0.50 15.47 ? 139 ILE B CG2 1 
ATOM   1257 C  CD1 A ILE B 1 81 ? -1.354  13.409  8.295   0.50 21.86 ? 139 ILE B CD1 1 
ATOM   1258 C  CD1 B ILE B 1 81 ? -1.425  13.660  8.250   0.50 21.87 ? 139 ILE B CD1 1 
ATOM   1259 N  N   . THR B 1 82 ? 3.869   14.848  6.225   1.00 13.61 ? 140 THR B N   1 
ATOM   1260 C  CA  . THR B 1 82 ? 4.742   15.893  5.730   1.00 14.83 ? 140 THR B CA  1 
ATOM   1261 C  C   . THR B 1 82 ? 4.115   16.696  4.634   1.00 15.90 ? 140 THR B C   1 
ATOM   1262 O  O   . THR B 1 82 ? 4.578   17.808  4.361   1.00 17.47 ? 140 THR B O   1 
ATOM   1263 C  CB  . THR B 1 82 ? 6.113   15.339  5.253   1.00 15.65 ? 140 THR B CB  1 
ATOM   1264 O  OG1 . THR B 1 82 ? 5.909   14.408  4.179   1.00 14.31 ? 140 THR B OG1 1 
ATOM   1265 C  CG2 . THR B 1 82 ? 6.837   14.578  6.383   1.00 20.48 ? 140 THR B CG2 1 
ATOM   1266 N  N   . GLU B 1 83 ? 3.063   16.167  4.012   1.00 14.76 ? 141 GLU B N   1 
ATOM   1267 C  CA  . GLU B 1 83 ? 2.332   16.871  2.962   1.00 17.49 ? 141 GLU B CA  1 
ATOM   1268 C  C   . GLU B 1 83 ? 0.874   16.550  3.142   1.00 17.34 ? 141 GLU B C   1 
ATOM   1269 O  O   . GLU B 1 83 ? 0.534   15.391  3.347   1.00 13.50 ? 141 GLU B O   1 
ATOM   1270 C  CB  . GLU B 1 83 ? 2.716   16.357  1.569   1.00 20.42 ? 141 GLU B CB  1 
ATOM   1271 C  CG  . GLU B 1 83 ? 4.147   16.596  1.141   1.00 22.53 ? 141 GLU B CG  1 
ATOM   1272 C  CD  . GLU B 1 83 ? 4.432   15.966  -0.227  1.00 26.50 ? 141 GLU B CD  1 
ATOM   1273 O  OE1 . GLU B 1 83 ? 3.487   15.459  -0.919  1.00 21.59 ? 141 GLU B OE1 1 
ATOM   1274 O  OE2 . GLU B 1 83 ? 5.602   15.943  -0.591  1.00 28.87 ? 141 GLU B OE2 1 
ATOM   1275 N  N   . ILE B 1 84 ? -0.005  17.560  3.100   1.00 15.61 ? 142 ILE B N   1 
ATOM   1276 C  CA  . ILE B 1 84 ? -1.440  17.289  3.205   1.00 16.28 ? 142 ILE B CA  1 
ATOM   1277 C  C   . ILE B 1 84 ? -2.229  18.393  2.497   1.00 17.10 ? 142 ILE B C   1 
ATOM   1278 O  O   . ILE B 1 84 ? -1.855  19.581  2.541   1.00 15.66 ? 142 ILE B O   1 
ATOM   1279 C  CB  . ILE B 1 84 ? -1.880  17.092  4.691   1.00 15.03 ? 142 ILE B CB  1 
ATOM   1280 C  CG1 . ILE B 1 84 ? -3.374  16.631  4.766   1.00 15.32 ? 142 ILE B CG1 1 
ATOM   1281 C  CG2 . ILE B 1 84 ? -1.582  18.325  5.525   1.00 15.64 ? 142 ILE B CG2 1 
ATOM   1282 C  CD1 . ILE B 1 84 ? -3.788  16.018  6.130   1.00 14.36 ? 142 ILE B CD1 1 
ATOM   1283 N  N   . VAL B 1 85 ? -3.282  18.003  1.784   1.00 14.25 ? 143 VAL B N   1 
ATOM   1284 C  CA  . VAL B 1 85 ? -4.185  18.971  1.177   1.00 15.66 ? 143 VAL B CA  1 
ATOM   1285 C  C   . VAL B 1 85 ? -5.034  19.679  2.238   1.00 15.58 ? 143 VAL B C   1 
ATOM   1286 O  O   . VAL B 1 85 ? -5.065  19.272  3.403   1.00 15.63 ? 143 VAL B O   1 
ATOM   1287 C  CB  . VAL B 1 85 ? -5.068  18.325  0.079   1.00 14.66 ? 143 VAL B CB  1 
ATOM   1288 C  CG1 . VAL B 1 85 ? -4.210  17.603  -0.977  1.00 19.23 ? 143 VAL B CG1 1 
ATOM   1289 C  CG2 . VAL B 1 85 ? -6.094  17.404  0.673   1.00 15.70 ? 143 VAL B CG2 1 
ATOM   1290 N  N   . SER B 1 86 ? -5.714  20.742  1.838   1.00 14.21 ? 144 SER B N   1 
ATOM   1291 C  CA  . SER B 1 86 ? -6.545  21.496  2.748   1.00 14.55 ? 144 SER B CA  1 
ATOM   1292 C  C   . SER B 1 86 ? -7.727  20.656  3.257   1.00 17.33 ? 144 SER B C   1 
ATOM   1293 O  O   . SER B 1 86 ? -8.186  19.737  2.549   1.00 15.69 ? 144 SER B O   1 
ATOM   1294 C  CB  . SER B 1 86 ? -7.093  22.735  2.061   1.00 15.16 ? 144 SER B CB  1 
ATOM   1295 O  OG  . SER B 1 86 ? -7.987  22.384  0.987   1.00 16.86 ? 144 SER B OG  1 
ATOM   1296 N  N   . PRO B 1 87 ? -8.247  20.984  4.447   1.00 17.51 ? 145 PRO B N   1 
ATOM   1297 C  CA  . PRO B 1 87 ? -9.481  20.327  4.944   1.00 17.52 ? 145 PRO B CA  1 
ATOM   1298 C  C   . PRO B 1 87 ? -10.642 20.410  3.950   1.00 17.22 ? 145 PRO B C   1 
ATOM   1299 O  O   . PRO B 1 87 ? -11.309 19.412  3.736   1.00 12.54 ? 145 PRO B O   1 
ATOM   1300 C  CB  . PRO B 1 87 ? -9.783  21.055  6.250   1.00 17.95 ? 145 PRO B CB  1 
ATOM   1301 C  CG  . PRO B 1 87 ? -8.397  21.549  6.733   1.00 19.30 ? 145 PRO B CG  1 
ATOM   1302 C  CD  . PRO B 1 87 ? -7.715  21.957  5.421   1.00 18.41 ? 145 PRO B CD  1 
ATOM   1303 N  N   . LYS B 1 88 ? -10.851 21.562  3.320   1.00 18.13 ? 146 LYS B N   1 
ATOM   1304 C  CA  . LYS B 1 88 ? -11.813 21.677  2.221   1.00 18.76 ? 146 LYS B CA  1 
ATOM   1305 C  C   . LYS B 1 88 ? -11.598 20.627  1.127   1.00 17.54 ? 146 LYS B C   1 
ATOM   1306 O  O   . LYS B 1 88 ? -12.533 19.961  0.710   1.00 15.36 ? 146 LYS B O   1 
ATOM   1307 C  CB  . LYS B 1 88 ? -11.729 23.089  1.610   1.00 18.24 ? 146 LYS B CB  1 
ATOM   1308 C  CG  . LYS B 1 88 ? -12.680 23.360  0.525   1.00 28.93 ? 146 LYS B CG  1 
ATOM   1309 C  CD  . LYS B 1 88 ? -12.556 24.826  0.068   1.00 35.67 ? 146 LYS B CD  1 
ATOM   1310 C  CE  . LYS B 1 88 ? -13.502 25.128  -1.112  1.00 45.83 ? 146 LYS B CE  1 
ATOM   1311 N  NZ  . LYS B 1 88 ? -13.357 24.149  -2.243  1.00 53.84 ? 146 LYS B NZ  1 
ATOM   1312 N  N   . GLU B 1 89 ? -10.354 20.464  0.690   1.00 18.02 ? 147 GLU B N   1 
ATOM   1313 C  CA  . GLU B 1 89 ? -10.015 19.506  -0.384  1.00 21.08 ? 147 GLU B CA  1 
ATOM   1314 C  C   . GLU B 1 89 ? -10.138 18.062  0.094   1.00 18.51 ? 147 GLU B C   1 
ATOM   1315 O  O   . GLU B 1 89 ? -10.557 17.201  -0.680  1.00 18.10 ? 147 GLU B O   1 
ATOM   1316 C  CB  . GLU B 1 89 ? -8.607  19.787  -0.981  1.00 22.23 ? 147 GLU B CB  1 
ATOM   1317 C  CG  . GLU B 1 89 ? -8.150  18.853  -2.116  1.00 29.28 ? 147 GLU B CG  1 
ATOM   1318 C  CD  . GLU B 1 89 ? -8.987  18.938  -3.395  1.00 35.30 ? 147 GLU B CD  1 
ATOM   1319 O  OE1 . GLU B 1 89 ? -9.831  19.850  -3.538  1.00 31.07 ? 147 GLU B OE1 1 
ATOM   1320 O  OE2 . GLU B 1 89 ? -8.793  18.074  -4.271  1.00 36.92 ? 147 GLU B OE2 1 
ATOM   1321 N  N   . ARG B 1 90 ? -9.872  17.805  1.372   1.00 15.83 ? 148 ARG B N   1 
ATOM   1322 C  CA  . ARG B 1 90 ? -10.097 16.462  1.916   1.00 16.83 ? 148 ARG B CA  1 
ATOM   1323 C  C   . ARG B 1 90 ? -11.575 16.067  1.782   1.00 17.38 ? 148 ARG B C   1 
ATOM   1324 O  O   . ARG B 1 90 ? -11.891 14.952  1.406   1.00 17.52 ? 148 ARG B O   1 
ATOM   1325 C  CB  . ARG B 1 90 ? -9.690  16.383  3.390   1.00 14.20 ? 148 ARG B CB  1 
ATOM   1326 C  CG  . ARG B 1 90 ? -8.264  16.564  3.604   1.00 13.56 ? 148 ARG B CG  1 
ATOM   1327 C  CD  . ARG B 1 90 ? -7.881  16.732  5.085   1.00 16.88 ? 148 ARG B CD  1 
ATOM   1328 N  NE  . ARG B 1 90 ? -6.853  17.741  5.197   1.00 13.80 ? 148 ARG B NE  1 
ATOM   1329 C  CZ  . ARG B 1 90 ? -6.381  18.243  6.340   1.00 22.90 ? 148 ARG B CZ  1 
ATOM   1330 N  NH1 . ARG B 1 90 ? -6.839  17.835  7.514   1.00 16.32 ? 148 ARG B NH1 1 
ATOM   1331 N  NH2 . ARG B 1 90 ? -5.445  19.192  6.292   1.00 16.31 ? 148 ARG B NH2 1 
ATOM   1332 N  N   . LEU B 1 91 ? -12.456 16.987  2.119   1.00 14.50 ? 149 LEU B N   1 
ATOM   1333 C  CA  . LEU B 1 91 ? -13.885 16.750  2.085   1.00 18.00 ? 149 LEU B CA  1 
ATOM   1334 C  C   . LEU B 1 91 ? -14.369 16.578  0.635   1.00 20.94 ? 149 LEU B C   1 
ATOM   1335 O  O   . LEU B 1 91 ? -15.187 15.704  0.349   1.00 22.94 ? 149 LEU B O   1 
ATOM   1336 C  CB  . LEU B 1 91 ? -14.631 17.907  2.762   1.00 17.95 ? 149 LEU B CB  1 
ATOM   1337 C  CG  . LEU B 1 91 ? -15.655 17.653  3.867   1.00 27.92 ? 149 LEU B CG  1 
ATOM   1338 C  CD1 . LEU B 1 91 ? -16.579 18.847  3.926   1.00 28.37 ? 149 LEU B CD1 1 
ATOM   1339 C  CD2 . LEU B 1 91 ? -16.453 16.348  3.705   1.00 30.95 ? 149 LEU B CD2 1 
ATOM   1340 N  N   . GLU B 1 92 ? -13.847 17.403  -0.272  1.00 21.49 ? 150 GLU B N   1 
ATOM   1341 C  CA  . GLU B 1 92 ? -14.178 17.290  -1.674  1.00 25.54 ? 150 GLU B CA  1 
ATOM   1342 C  C   . GLU B 1 92 ? -13.817 15.926  -2.208  1.00 21.94 ? 150 GLU B C   1 
ATOM   1343 O  O   . GLU B 1 92 ? -14.608 15.305  -2.899  1.00 21.36 ? 150 GLU B O   1 
ATOM   1344 C  CB  . GLU B 1 92 ? -13.471 18.369  -2.493  1.00 27.69 ? 150 GLU B CB  1 
ATOM   1345 C  CG  . GLU B 1 92 ? -14.059 19.749  -2.278  1.00 38.72 ? 150 GLU B CG  1 
ATOM   1346 C  CD  . GLU B 1 92 ? -14.008 20.628  -3.515  1.00 50.15 ? 150 GLU B CD  1 
ATOM   1347 O  OE1 . GLU B 1 92 ? -13.706 20.121  -4.625  1.00 57.41 ? 150 GLU B OE1 1 
ATOM   1348 O  OE2 . GLU B 1 92 ? -14.276 21.839  -3.365  1.00 61.93 ? 150 GLU B OE2 1 
ATOM   1349 N  N   . LEU B 1 93 ? -12.624 15.453  -1.891  1.00 22.90 ? 151 LEU B N   1 
ATOM   1350 C  CA  . LEU B 1 93 ? -12.166 14.177  -2.412  1.00 21.22 ? 151 LEU B CA  1 
ATOM   1351 C  C   . LEU B 1 93 ? -12.996 13.044  -1.854  1.00 23.19 ? 151 LEU B C   1 
ATOM   1352 O  O   . LEU B 1 93 ? -13.332 12.114  -2.573  1.00 25.26 ? 151 LEU B O   1 
ATOM   1353 C  CB  . LEU B 1 93 ? -10.677 13.950  -2.101  1.00 18.95 ? 151 LEU B CB  1 
ATOM   1354 C  CG  . LEU B 1 93 ? -9.662  14.819  -2.829  1.00 24.09 ? 151 LEU B CG  1 
ATOM   1355 C  CD1 . LEU B 1 93 ? -8.255  14.718  -2.159  1.00 27.38 ? 151 LEU B CD1 1 
ATOM   1356 C  CD2 . LEU B 1 93 ? -9.608  14.412  -4.283  1.00 30.26 ? 151 LEU B CD2 1 
ATOM   1357 N  N   . LEU B 1 94 ? -13.300 13.090  -0.559  1.00 24.45 ? 152 LEU B N   1 
ATOM   1358 C  CA  . LEU B 1 94 ? -14.077 12.014  0.068   1.00 23.95 ? 152 LEU B CA  1 
ATOM   1359 C  C   . LEU B 1 94 ? -15.528 11.988  -0.422  1.00 28.57 ? 152 LEU B C   1 
ATOM   1360 O  O   . LEU B 1 94 ? -16.187 10.949  -0.340  1.00 27.62 ? 152 LEU B O   1 
ATOM   1361 C  CB  . LEU B 1 94 ? -14.031 12.140  1.587   1.00 23.75 ? 152 LEU B CB  1 
ATOM   1362 C  CG  . LEU B 1 94 ? -12.618 11.833  2.071   1.00 22.83 ? 152 LEU B CG  1 
ATOM   1363 C  CD1 . LEU B 1 94 ? -12.414 12.335  3.465   1.00 26.50 ? 152 LEU B CD1 1 
ATOM   1364 C  CD2 . LEU B 1 94 ? -12.336 10.350  1.985   1.00 26.79 ? 152 LEU B CD2 1 
ATOM   1365 N  N   . ASN B 1 95 ? -16.007 13.120  -0.935  1.00 30.40 ? 153 ASN B N   1 
ATOM   1366 C  CA  . ASN B 1 95 ? -17.380 13.234  -1.461  1.00 34.31 ? 153 ASN B CA  1 
ATOM   1367 C  C   . ASN B 1 95 ? -17.465 13.094  -3.004  1.00 37.10 ? 153 ASN B C   1 
ATOM   1368 O  O   . ASN B 1 95 ? -18.529 13.287  -3.575  1.00 38.90 ? 153 ASN B O   1 
ATOM   1369 C  CB  . ASN B 1 95 ? -18.063 14.532  -0.964  1.00 33.00 ? 153 ASN B CB  1 
ATOM   1370 C  CG  . ASN B 1 95 ? -19.443 14.277  -0.346  1.00 34.74 ? 153 ASN B CG  1 
ATOM   1371 N  N   . GLU B 1 96 ? -16.345 12.759  -3.656  1.00 40.92 ? 154 GLU B N   1 
ATOM   1372 C  CA  . GLU B 1 96 ? -16.326 12.325  -5.066  1.00 43.96 ? 154 GLU B CA  1 
ATOM   1373 C  C   . GLU B 1 96 ? -16.942 10.926  -5.232  1.00 46.14 ? 154 GLU B C   1 
ATOM   1374 O  O   . GLU B 1 96 ? -16.534 9.973   -4.545  1.00 45.86 ? 154 GLU B O   1 
ATOM   1375 C  CB  . GLU B 1 96 ? -14.888 12.276  -5.619  1.00 43.76 ? 154 GLU B CB  1 
ATOM   1376 C  CG  . GLU B 1 96 ? -14.324 13.609  -6.085  1.00 44.68 ? 154 GLU B CG  1 
ATOM   1377 C  CD  . GLU B 1 96 ? -12.868 13.517  -6.548  1.00 50.97 ? 154 GLU B CD  1 
ATOM   1378 O  OE1 . GLU B 1 96 ? -12.285 12.397  -6.550  1.00 52.74 ? 154 GLU B OE1 1 
ATOM   1379 O  OE2 . GLU B 1 96 ? -12.297 14.578  -6.899  1.00 50.49 ? 154 GLU B OE2 1 
ATOM   1380 O  OXT . GLU B 1 96 ? -17.831 10.716  -6.077  1.00 50.28 ? 154 GLU B OXT 1 
HETATM 1381 O  O   . HOH C 2 .  ? -1.001  21.807  8.670   1.00 18.92 ? 155 HOH A O   1 
HETATM 1382 O  O   . HOH C 2 .  ? 4.294   -8.695  -22.235 1.00 22.62 ? 156 HOH A O   1 
HETATM 1383 O  O   . HOH C 2 .  ? 8.044   -12.319 5.898   1.00 23.22 ? 157 HOH A O   1 
HETATM 1384 O  O   . HOH C 2 .  ? -1.737  -3.412  5.146   1.00 25.15 ? 158 HOH A O   1 
HETATM 1385 O  O   . HOH C 2 .  ? 8.027   -11.480 9.706   1.00 25.13 ? 159 HOH A O   1 
HETATM 1386 O  O   . HOH C 2 .  ? -3.609  -3.829  -5.820  1.00 27.48 ? 160 HOH A O   1 
HETATM 1387 O  O   . HOH C 2 .  ? -6.066  -12.867 -24.990 1.00 26.96 ? 161 HOH A O   1 
HETATM 1388 O  O   . HOH C 2 .  ? -2.831  -11.867 -22.654 1.00 26.93 ? 162 HOH A O   1 
HETATM 1389 O  O   . HOH C 2 .  ? 4.243   -9.700  -24.550 1.00 28.88 ? 163 HOH A O   1 
HETATM 1390 O  O   . HOH C 2 .  ? 11.389  -4.001  5.165   1.00 28.23 ? 164 HOH A O   1 
HETATM 1391 O  O   . HOH C 2 .  ? 9.643   -4.657  10.836  1.00 27.13 ? 165 HOH A O   1 
HETATM 1392 O  O   . HOH C 2 .  ? 0.252   -9.664  -26.589 1.00 31.83 ? 166 HOH A O   1 
HETATM 1393 O  O   . HOH C 2 .  ? 3.185   -11.894 -20.358 1.00 29.79 ? 167 HOH A O   1 
HETATM 1394 O  O   . HOH C 2 .  ? 2.604   -11.346 10.641  1.00 30.31 ? 168 HOH A O   1 
HETATM 1395 O  O   . HOH C 2 .  ? 14.995  6.848   -11.633 1.00 31.50 ? 169 HOH A O   1 
HETATM 1396 O  O   . HOH C 2 .  ? 6.021   -19.701 -5.347  1.00 33.67 ? 170 HOH A O   1 
HETATM 1397 O  O   . HOH C 2 .  ? 9.492   -1.890  17.893  1.00 32.62 ? 171 HOH A O   1 
HETATM 1398 O  O   . HOH C 2 .  ? 0.781   -6.185  -21.723 1.00 30.76 ? 172 HOH A O   1 
HETATM 1399 O  O   . HOH C 2 .  ? -15.168 0.823   8.898   1.00 35.31 ? 173 HOH A O   1 
HETATM 1400 O  O   . HOH C 2 .  ? 15.270  4.049   -10.557 1.00 33.30 ? 174 HOH A O   1 
HETATM 1401 O  O   . HOH C 2 .  ? -3.646  -1.452  -1.853  1.00 35.03 ? 175 HOH A O   1 
HETATM 1402 O  O   . HOH C 2 .  ? 10.142  5.992   -11.256 1.00 34.93 ? 176 HOH A O   1 
HETATM 1403 O  O   . HOH C 2 .  ? -1.903  7.850   15.874  1.00 33.30 ? 177 HOH A O   1 
HETATM 1404 O  O   . HOH C 2 .  ? 1.869   2.051   -11.157 1.00 34.89 ? 178 HOH A O   1 
HETATM 1405 O  O   . HOH C 2 .  ? -6.032  -0.401  0.837   1.00 34.15 ? 179 HOH A O   1 
HETATM 1406 O  O   . HOH C 2 .  ? 21.143  3.983   -8.217  1.00 33.47 ? 180 HOH A O   1 
HETATM 1407 O  O   . HOH C 2 .  ? -7.944  15.192  16.012  1.00 35.57 ? 181 HOH A O   1 
HETATM 1408 O  O   . HOH C 2 .  ? 0.317   -23.755 -7.948  1.00 38.57 ? 182 HOH A O   1 
HETATM 1409 O  O   . HOH C 2 .  ? -8.533  0.234   7.070   1.00 35.00 ? 183 HOH A O   1 
HETATM 1410 O  O   . HOH C 2 .  ? -6.515  21.066  12.801  1.00 38.04 ? 184 HOH A O   1 
HETATM 1411 O  O   . HOH C 2 .  ? -4.648  5.097   13.815  1.00 39.28 ? 185 HOH A O   1 
HETATM 1412 O  O   . HOH C 2 .  ? -7.160  -10.212 -0.020  1.00 38.97 ? 186 HOH A O   1 
HETATM 1413 O  O   . HOH C 2 .  ? -5.964  -5.718  -14.300 1.00 41.67 ? 187 HOH A O   1 
HETATM 1414 O  O   . HOH C 2 .  ? 6.480   -10.935 13.024  1.00 39.58 ? 188 HOH A O   1 
HETATM 1415 O  O   . HOH C 2 .  ? 6.098   -21.123 -7.518  1.00 40.85 ? 189 HOH A O   1 
HETATM 1416 O  O   . HOH C 2 .  ? 15.661  8.531   -5.841  1.00 42.43 ? 190 HOH A O   1 
HETATM 1417 O  O   . HOH C 2 .  ? 0.056   -8.634  6.804   1.00 43.54 ? 191 HOH A O   1 
HETATM 1418 O  O   . HOH C 2 .  ? -7.291  -1.381  9.854   1.00 42.34 ? 192 HOH A O   1 
HETATM 1419 O  O   . HOH C 2 .  ? 9.065   -4.902  8.863   1.00 39.57 ? 193 HOH A O   1 
HETATM 1420 O  O   . HOH C 2 .  ? 6.115   -13.066 9.165   1.00 40.57 ? 194 HOH A O   1 
HETATM 1421 O  O   . HOH C 2 .  ? 2.075   2.030   19.648  1.00 40.21 ? 195 HOH A O   1 
HETATM 1422 O  O   . HOH C 2 .  ? 15.087  -5.102  3.505   1.00 44.95 ? 196 HOH A O   1 
HETATM 1423 O  O   . HOH C 2 .  ? -3.165  -22.437 -26.007 1.00 39.49 ? 197 HOH A O   1 
HETATM 1424 O  O   . HOH C 2 .  ? 20.640  4.592   -13.245 1.00 42.88 ? 198 HOH A O   1 
HETATM 1425 O  O   . HOH C 2 .  ? 17.983  5.221   -4.242  1.00 42.95 ? 199 HOH A O   1 
HETATM 1426 O  O   . HOH C 2 .  ? 13.863  -6.342  6.049   1.00 42.67 ? 200 HOH A O   1 
HETATM 1427 O  O   . HOH C 2 .  ? -2.752  -4.941  14.184  1.00 43.61 ? 201 HOH A O   1 
HETATM 1428 O  O   . HOH C 2 .  ? 3.206   -8.827  -26.718 1.00 50.81 ? 202 HOH A O   1 
HETATM 1429 O  O   . HOH C 2 .  ? 5.570   -11.947 -24.014 1.00 43.40 ? 203 HOH A O   1 
HETATM 1430 O  O   . HOH C 2 .  ? 3.122   -13.679 -22.405 1.00 43.83 ? 204 HOH A O   1 
HETATM 1431 O  O   . HOH C 2 .  ? -3.382  -4.242  7.040   1.00 43.42 ? 205 HOH A O   1 
HETATM 1432 O  O   . HOH C 2 .  ? 3.534   1.892   -13.085 1.00 41.38 ? 206 HOH A O   1 
HETATM 1433 O  O   . HOH C 2 .  ? 0.531   -12.895 11.806  1.00 45.18 ? 207 HOH A O   1 
HETATM 1434 O  O   . HOH C 2 .  ? -5.394  -4.650  -17.804 1.00 46.71 ? 208 HOH A O   1 
HETATM 1435 O  O   . HOH C 2 .  ? 18.628  -7.940  -3.784  1.00 46.08 ? 209 HOH A O   1 
HETATM 1436 O  O   . HOH C 2 .  ? -6.937  20.644  10.195  1.00 45.36 ? 210 HOH A O   1 
HETATM 1437 O  O   . HOH C 2 .  ? 1.043   -13.108 -23.968 1.00 46.88 ? 211 HOH A O   1 
HETATM 1438 O  O   . HOH C 2 .  ? 19.621  4.984   -2.094  1.00 48.54 ? 212 HOH A O   1 
HETATM 1439 O  O   . HOH C 2 .  ? 9.588   -4.535  6.355   1.00 45.93 ? 213 HOH A O   1 
HETATM 1440 O  O   . HOH C 2 .  ? -4.709  -6.570  4.014   1.00 49.82 ? 214 HOH A O   1 
HETATM 1441 O  O   . HOH C 2 .  ? 15.512  -0.642  2.644   1.00 47.71 ? 215 HOH A O   1 
HETATM 1442 O  O   . HOH C 2 .  ? -6.446  -7.543  2.998   1.00 52.35 ? 216 HOH A O   1 
HETATM 1443 O  O   . HOH C 2 .  ? 20.435  6.828   -10.491 1.00 47.81 ? 217 HOH A O   1 
HETATM 1444 O  O   . HOH C 2 .  ? -5.287  9.250   14.223  1.00 48.19 ? 218 HOH A O   1 
HETATM 1445 O  O   . HOH C 2 .  ? 5.279   -12.231 11.615  1.00 46.48 ? 219 HOH A O   1 
HETATM 1446 O  O   . HOH C 2 .  ? 0.621   -7.296  9.413   1.00 46.00 ? 220 HOH A O   1 
HETATM 1447 O  O   . HOH C 2 .  ? -1.059  0.506   19.890  1.00 48.83 ? 221 HOH A O   1 
HETATM 1448 O  O   . HOH C 2 .  ? -5.710  -2.111  -3.055  1.00 48.68 ? 222 HOH A O   1 
HETATM 1449 O  O   . HOH C 2 .  ? -3.501  6.713   14.854  1.00 49.36 ? 223 HOH A O   1 
HETATM 1450 O  O   . HOH C 2 .  ? -2.583  5.430   18.709  1.00 50.48 ? 224 HOH A O   1 
HETATM 1451 O  O   . HOH C 2 .  ? 0.122   6.901   17.756  1.00 54.46 ? 225 HOH A O   1 
HETATM 1452 O  O   . HOH C 2 .  ? -5.648  4.083   16.173  1.00 53.18 ? 226 HOH A O   1 
HETATM 1453 O  O   . HOH C 2 .  ? -9.976  -4.470  1.725   1.00 54.97 ? 227 HOH A O   1 
HETATM 1454 O  O   . HOH C 2 .  ? -16.485 -2.168  10.607  1.00 55.78 ? 228 HOH A O   1 
HETATM 1455 O  O   . HOH C 2 .  ? -9.680  22.367  13.450  1.00 56.46 ? 229 HOH A O   1 
HETATM 1456 O  O   . HOH C 2 .  ? -5.177  0.394   13.831  1.00 56.39 ? 230 HOH A O   1 
HETATM 1457 O  O   . HOH C 2 .  ? -7.549  5.369   14.978  0.50 31.71 ? 231 HOH A O   1 
HETATM 1458 O  O   . HOH D 2 .  ? -1.429  -3.651  16.418  1.00 27.68 ? 155 HOH B O   1 
HETATM 1459 O  O   . HOH D 2 .  ? 9.757   7.129   5.318   1.00 27.92 ? 156 HOH B O   1 
HETATM 1460 O  O   . HOH D 2 .  ? -7.807  3.863   1.884   1.00 27.32 ? 157 HOH B O   1 
HETATM 1461 O  O   . HOH D 2 .  ? 2.921   -0.449  20.006  1.00 27.99 ? 158 HOH B O   1 
HETATM 1462 O  O   . HOH D 2 .  ? 1.361   4.438   -4.001  1.00 29.17 ? 159 HOH B O   1 
HETATM 1463 O  O   . HOH D 2 .  ? 2.852   10.042  -4.301  1.00 29.33 ? 160 HOH B O   1 
HETATM 1464 O  O   . HOH D 2 .  ? 16.191  -11.219 -3.888  1.00 29.76 ? 161 HOH B O   1 
HETATM 1465 O  O   . HOH D 2 .  ? 7.629   13.950  -4.783  1.00 28.12 ? 162 HOH B O   1 
HETATM 1466 O  O   . HOH D 2 .  ? 13.075  -10.730 -9.355  1.00 31.53 ? 163 HOH B O   1 
HETATM 1467 O  O   . HOH D 2 .  ? -9.851  24.305  4.194   1.00 29.84 ? 164 HOH B O   1 
HETATM 1468 O  O   . HOH D 2 .  ? 5.232   -18.334 1.475   1.00 30.69 ? 165 HOH B O   1 
HETATM 1469 O  O   . HOH D 2 .  ? 13.524  -18.571 -4.060  1.00 33.31 ? 166 HOH B O   1 
HETATM 1470 O  O   . HOH D 2 .  ? 8.281   -19.437 -3.865  1.00 31.12 ? 167 HOH B O   1 
HETATM 1471 O  O   . HOH D 2 .  ? 7.418   7.090   -10.877 1.00 32.46 ? 168 HOH B O   1 
HETATM 1472 O  O   . HOH D 2 .  ? 5.887   -19.059 -9.191  1.00 33.46 ? 169 HOH B O   1 
HETATM 1473 O  O   . HOH D 2 .  ? 10.766  6.108   14.158  1.00 34.87 ? 170 HOH B O   1 
HETATM 1474 O  O   . HOH D 2 .  ? 15.278  -11.623 -7.498  1.00 34.87 ? 171 HOH B O   1 
HETATM 1475 O  O   . HOH D 2 .  ? 12.079  -13.705 -9.654  1.00 35.55 ? 172 HOH B O   1 
HETATM 1476 O  O   . HOH D 2 .  ? 10.153  1.303   19.895  1.00 34.79 ? 173 HOH B O   1 
HETATM 1477 O  O   . HOH D 2 .  ? -15.720 12.010  15.682  1.00 36.32 ? 174 HOH B O   1 
HETATM 1478 O  O   . HOH D 2 .  ? 0.922   -3.543  19.735  1.00 36.13 ? 175 HOH B O   1 
HETATM 1479 O  O   . HOH D 2 .  ? -17.149 6.385   14.923  1.00 38.77 ? 176 HOH B O   1 
HETATM 1480 O  O   . HOH D 2 .  ? 8.285   14.649  2.989   1.00 39.08 ? 177 HOH B O   1 
HETATM 1481 O  O   . HOH D 2 .  ? 14.641  10.185  -4.439  1.00 37.88 ? 178 HOH B O   1 
HETATM 1482 O  O   . HOH D 2 .  ? 13.888  0.877   -10.074 1.00 37.38 ? 179 HOH B O   1 
HETATM 1483 O  O   . HOH D 2 .  ? -3.420  -1.105  -16.429 1.00 39.77 ? 180 HOH B O   1 
HETATM 1484 O  O   . HOH D 2 .  ? -16.294 5.495   5.014   1.00 39.55 ? 181 HOH B O   1 
HETATM 1485 O  O   . HOH D 2 .  ? -6.802  10.184  -5.042  1.00 38.89 ? 182 HOH B O   1 
HETATM 1486 O  O   . HOH D 2 .  ? -2.407  22.265  2.576   1.00 41.52 ? 183 HOH B O   1 
HETATM 1487 O  O   . HOH D 2 .  ? 9.874   4.003   19.833  1.00 44.32 ? 184 HOH B O   1 
HETATM 1488 O  O   . HOH D 2 .  ? 8.123   -12.868 -11.854 1.00 41.19 ? 185 HOH B O   1 
HETATM 1489 O  O   . HOH D 2 .  ? 8.113   -5.688  19.536  1.00 40.31 ? 186 HOH B O   1 
HETATM 1490 O  O   . HOH D 2 .  ? -2.663  3.559   -9.755  1.00 40.51 ? 187 HOH B O   1 
HETATM 1491 O  O   . HOH D 2 .  ? 6.538   15.322  -7.173  1.00 44.47 ? 188 HOH B O   1 
HETATM 1492 O  O   . HOH D 2 .  ? 13.935  -3.563  -14.125 1.00 40.52 ? 189 HOH B O   1 
HETATM 1493 O  O   . HOH D 2 .  ? 9.452   14.716  -3.151  1.00 42.61 ? 190 HOH B O   1 
HETATM 1494 O  O   . HOH D 2 .  ? 5.425   8.789   -4.956  1.00 41.17 ? 191 HOH B O   1 
HETATM 1495 O  O   . HOH D 2 .  ? -6.757  4.199   -4.502  1.00 42.54 ? 192 HOH B O   1 
HETATM 1496 O  O   . HOH D 2 .  ? 9.849   -3.918  19.784  1.00 43.09 ? 193 HOH B O   1 
HETATM 1497 O  O   . HOH D 2 .  ? 9.371   8.003   3.185   1.00 43.20 ? 194 HOH B O   1 
HETATM 1498 O  O   . HOH D 2 .  ? 1.565   5.269   -6.518  1.00 47.49 ? 195 HOH B O   1 
HETATM 1499 O  O   . HOH D 2 .  ? 11.710  13.620  -2.959  1.00 44.39 ? 196 HOH B O   1 
HETATM 1500 O  O   . HOH D 2 .  ? 9.208   -4.960  -10.926 1.00 43.54 ? 197 HOH B O   1 
HETATM 1501 O  O   . HOH D 2 .  ? 10.766  4.897   17.813  1.00 47.73 ? 198 HOH B O   1 
HETATM 1502 O  O   . HOH D 2 .  ? -10.705 21.843  -2.528  1.00 44.57 ? 199 HOH B O   1 
HETATM 1503 O  O   . HOH D 2 .  ? -6.138  12.720  -5.042  1.00 47.02 ? 200 HOH B O   1 
HETATM 1504 O  O   . HOH D 2 .  ? -15.092 20.886  0.559   1.00 46.38 ? 201 HOH B O   1 
HETATM 1505 O  O   . HOH D 2 .  ? 7.664   -3.159  -11.629 1.00 47.71 ? 202 HOH B O   1 
HETATM 1506 O  O   . HOH D 2 .  ? -6.367  17.082  -4.491  1.00 46.70 ? 203 HOH B O   1 
HETATM 1507 O  O   . HOH D 2 .  ? -6.681  3.726   -7.363  1.00 47.99 ? 204 HOH B O   1 
HETATM 1508 O  O   . HOH D 2 .  ? -15.347 8.309   0.833   1.00 46.50 ? 205 HOH B O   1 
HETATM 1509 O  O   . HOH D 2 .  ? 9.415   -10.542 -10.568 1.00 49.79 ? 206 HOH B O   1 
HETATM 1510 O  O   . HOH D 2 .  ? 17.525  -10.734 -6.615  1.00 48.39 ? 207 HOH B O   1 
HETATM 1511 O  O   . HOH D 2 .  ? 9.510   -18.631 -11.423 1.00 51.15 ? 208 HOH B O   1 
HETATM 1512 O  O   . HOH D 2 .  ? -8.469  25.659  1.309   1.00 51.58 ? 209 HOH B O   1 
HETATM 1513 O  O   . HOH D 2 .  ? -5.127  1.763   -0.818  1.00 47.06 ? 210 HOH B O   1 
HETATM 1514 O  O   . HOH D 2 .  ? 14.193  -16.344 -5.827  1.00 52.38 ? 211 HOH B O   1 
HETATM 1515 O  O   . HOH D 2 .  ? -18.315 9.635   -1.666  1.00 53.12 ? 212 HOH B O   1 
HETATM 1516 O  O   . HOH D 2 .  ? -13.530 11.317  17.134  1.00 52.91 ? 213 HOH B O   1 
HETATM 1517 O  O   . HOH D 2 .  ? -17.026 18.633  -0.162  1.00 56.95 ? 214 HOH B O   1 
HETATM 1518 O  O   . HOH D 2 .  ? 8.662   -1.559  21.968  1.00 57.21 ? 215 HOH B O   1 
HETATM 1519 O  O   . HOH D 2 .  ? 8.177   -12.736 -14.768 1.00 58.67 ? 216 HOH B O   1 
HETATM 1520 O  O   . HOH D 2 .  ? 10.684  -15.697 -11.021 1.00 54.89 ? 217 HOH B O   1 
HETATM 1521 O  O   . HOH D 2 .  ? 4.520   20.260  2.275   1.00 54.09 ? 218 HOH B O   1 
HETATM 1522 O  O   . HOH D 2 .  ? 3.005   15.557  -3.676  1.00 58.77 ? 219 HOH B O   1 
HETATM 1523 O  O   . HOH D 2 .  ? -20.890 12.210  -4.867  1.00 61.68 ? 220 HOH B O   1 
HETATM 1524 O  O   . HOH D 2 .  ? -21.193 7.561   15.456  1.00 59.74 ? 221 HOH B O   1 
HETATM 1525 O  O   . HOH D 2 .  ? 11.880  10.461  2.553   1.00 59.86 ? 222 HOH B O   1 
HETATM 1526 O  O   . HOH D 2 .  ? 6.078   -2.405  24.026  0.50 30.09 ? 223 HOH B O   1 
HETATM 1527 O  O   . HOH D 2 .  ? 4.885   3.077   24.914  0.50 38.89 ? 224 HOH B O   1 
HETATM 1528 O  O   . HOH D 2 .  ? 2.296   3.199   21.816  0.50 34.79 ? 225 HOH B O   1 
HETATM 1529 O  O   . HOH D 2 .  ? 14.819  2.341   -11.718 0.50 35.69 ? 226 HOH B O   1 
HETATM 1530 O  O   . HOH D 2 .  ? 7.124   -4.269  22.950  0.50 37.24 ? 227 HOH B O   1 
# 
